data_7EDM
# 
_entry.id   7EDM 
# 
_audit_conform.dict_name       mmcif_pdbx.dic 
_audit_conform.dict_version    5.380 
_audit_conform.dict_location   http://mmcif.pdb.org/dictionaries/ascii/mmcif_pdbx.dic 
# 
loop_
_database_2.database_id 
_database_2.database_code 
_database_2.pdbx_database_accession 
_database_2.pdbx_DOI 
PDB   7EDM         pdb_00007edm 10.2210/pdb7edm/pdb 
WWPDB D_1300021228 ?            ?                   
# 
_pdbx_database_status.status_code                     REL 
_pdbx_database_status.status_code_sf                  REL 
_pdbx_database_status.status_code_mr                  ? 
_pdbx_database_status.entry_id                        7EDM 
_pdbx_database_status.recvd_initial_deposition_date   2021-03-16 
_pdbx_database_status.SG_entry                        N 
_pdbx_database_status.deposit_site                    PDBJ 
_pdbx_database_status.process_site                    PDBJ 
_pdbx_database_status.status_code_cs                  ? 
_pdbx_database_status.status_code_nmr_data            ? 
_pdbx_database_status.methods_development_category    ? 
_pdbx_database_status.pdb_format_compatible           Y 
# 
loop_
_audit_author.name 
_audit_author.pdbx_ordinal 
_audit_author.identifier_ORCID 
'Kondo, J.'  1 0000-0002-5682-3685 
'Suzuki, C.' 2 ?                   
# 
_citation.abstract                  ? 
_citation.abstract_id_CAS           ? 
_citation.book_id_ISBN              ? 
_citation.book_publisher            ? 
_citation.book_publisher_city       ? 
_citation.book_title                ? 
_citation.coordinate_linkage        ? 
_citation.country                   ? 
_citation.database_id_Medline       ? 
_citation.details                   ? 
_citation.id                        primary 
_citation.journal_abbrev            'To Be Published' 
_citation.journal_id_ASTM           ? 
_citation.journal_id_CSD            0353 
_citation.journal_id_ISSN           ? 
_citation.journal_full              ? 
_citation.journal_issue             ? 
_citation.journal_volume            ? 
_citation.language                  ? 
_citation.page_first                ? 
_citation.page_last                 ? 
_citation.title                     'Crystal structure of the eukaryotic ribosomal decoding site in complex with G418 and Hg(II)' 
_citation.year                      ? 
_citation.database_id_CSD           ? 
_citation.pdbx_database_id_DOI      ? 
_citation.pdbx_database_id_PubMed   ? 
_citation.pdbx_database_id_patent   ? 
_citation.unpublished_flag          ? 
# 
loop_
_citation_author.citation_id 
_citation_author.name 
_citation_author.ordinal 
_citation_author.identifier_ORCID 
primary 'Kondo, J.'  1 0000-0002-5682-3685 
primary 'Suzuki, C.' 2 ?                   
# 
_cell.angle_alpha                  90.000 
_cell.angle_alpha_esd              ? 
_cell.angle_beta                   90.000 
_cell.angle_beta_esd               ? 
_cell.angle_gamma                  90.000 
_cell.angle_gamma_esd              ? 
_cell.entry_id                     7EDM 
_cell.details                      ? 
_cell.formula_units_Z              ? 
_cell.length_a                     31.429 
_cell.length_a_esd                 ? 
_cell.length_b                     97.487 
_cell.length_b_esd                 ? 
_cell.length_c                     47.548 
_cell.length_c_esd                 ? 
_cell.volume                       ? 
_cell.volume_esd                   ? 
_cell.Z_PDB                        8 
_cell.reciprocal_angle_alpha       ? 
_cell.reciprocal_angle_beta        ? 
_cell.reciprocal_angle_gamma       ? 
_cell.reciprocal_angle_alpha_esd   ? 
_cell.reciprocal_angle_beta_esd    ? 
_cell.reciprocal_angle_gamma_esd   ? 
_cell.reciprocal_length_a          ? 
_cell.reciprocal_length_b          ? 
_cell.reciprocal_length_c          ? 
_cell.reciprocal_length_a_esd      ? 
_cell.reciprocal_length_b_esd      ? 
_cell.reciprocal_length_c_esd      ? 
_cell.pdbx_unique_axis             ? 
# 
_symmetry.entry_id                         7EDM 
_symmetry.cell_setting                     ? 
_symmetry.Int_Tables_number                18 
_symmetry.space_group_name_Hall            ? 
_symmetry.space_group_name_H-M             'P 21 21 2' 
_symmetry.pdbx_full_space_group_name_H-M   ? 
# 
loop_
_entity.id 
_entity.type 
_entity.src_method 
_entity.pdbx_description 
_entity.formula_weight 
_entity.pdbx_number_of_molecules 
_entity.pdbx_ec 
_entity.pdbx_mutation 
_entity.pdbx_fragment 
_entity.details 
1 polymer     syn 
;RNA (5'-R(P*UP*GP*CP*GP*UP*CP*GP*CP*GP*UP*CP*GP*AP*CP*GP*AP*AP*GP*UP*CP*GP*C)-3')
;
7371.408 2  ? ? ? ? 
2 non-polymer syn 'MERCURY (II) ION'                                                                  200.590  2  ? ? ? ? 
3 non-polymer syn GENETICIN                                                                           496.552  2  ? ? ? ? 
4 water       nat water                                                                               18.015   11 ? ? ? ? 
# 
_entity_poly.entity_id                      1 
_entity_poly.type                           polyribonucleotide 
_entity_poly.nstd_linkage                   no 
_entity_poly.nstd_monomer                   no 
_entity_poly.pdbx_seq_one_letter_code       UUGCGUCGCGUCGACGAAGUCGC 
_entity_poly.pdbx_seq_one_letter_code_can   UUGCGUCGCGUCGACGAAGUCGC 
_entity_poly.pdbx_strand_id                 A,B 
_entity_poly.pdbx_target_identifier         ? 
# 
loop_
_entity_poly_seq.entity_id 
_entity_poly_seq.num 
_entity_poly_seq.mon_id 
_entity_poly_seq.hetero 
1 1  U n 
1 2  U n 
1 3  G n 
1 4  C n 
1 5  G n 
1 6  U n 
1 7  C n 
1 8  G n 
1 9  C n 
1 10 G n 
1 11 U n 
1 12 C n 
1 13 G n 
1 14 A n 
1 15 C n 
1 16 G n 
1 17 A n 
1 18 A n 
1 19 G n 
1 20 U n 
1 21 C n 
1 22 G n 
1 23 C n 
# 
_pdbx_entity_src_syn.entity_id              1 
_pdbx_entity_src_syn.pdbx_src_id            1 
_pdbx_entity_src_syn.pdbx_alt_source_flag   sample 
_pdbx_entity_src_syn.pdbx_beg_seq_num       1 
_pdbx_entity_src_syn.pdbx_end_seq_num       23 
_pdbx_entity_src_syn.organism_scientific    'synthetic construct' 
_pdbx_entity_src_syn.organism_common_name   ? 
_pdbx_entity_src_syn.ncbi_taxonomy_id       32630 
_pdbx_entity_src_syn.details                ? 
# 
_struct_ref.id                         1 
_struct_ref.db_name                    PDB 
_struct_ref.db_code                    7EDM 
_struct_ref.pdbx_db_accession          7EDM 
_struct_ref.pdbx_db_isoform            ? 
_struct_ref.entity_id                  1 
_struct_ref.pdbx_seq_one_letter_code   ? 
_struct_ref.pdbx_align_begin           1 
# 
loop_
_struct_ref_seq.align_id 
_struct_ref_seq.ref_id 
_struct_ref_seq.pdbx_PDB_id_code 
_struct_ref_seq.pdbx_strand_id 
_struct_ref_seq.seq_align_beg 
_struct_ref_seq.pdbx_seq_align_beg_ins_code 
_struct_ref_seq.seq_align_end 
_struct_ref_seq.pdbx_seq_align_end_ins_code 
_struct_ref_seq.pdbx_db_accession 
_struct_ref_seq.db_align_beg 
_struct_ref_seq.pdbx_db_align_beg_ins_code 
_struct_ref_seq.db_align_end 
_struct_ref_seq.pdbx_db_align_end_ins_code 
_struct_ref_seq.pdbx_auth_seq_align_beg 
_struct_ref_seq.pdbx_auth_seq_align_end 
1 1 7EDM A 1 ? 23 ? 7EDM 1  ? 23 ? 1  23 
2 1 7EDM B 1 ? 23 ? 7EDM 24 ? 46 ? 24 46 
# 
loop_
_chem_comp.id 
_chem_comp.type 
_chem_comp.mon_nstd_flag 
_chem_comp.name 
_chem_comp.pdbx_synonyms 
_chem_comp.formula 
_chem_comp.formula_weight 
A   'RNA linking' y "ADENOSINE-5'-MONOPHOSPHATE" ?    'C10 H14 N5 O7 P' 347.221 
C   'RNA linking' y "CYTIDINE-5'-MONOPHOSPHATE"  ?    'C9 H14 N3 O8 P'  323.197 
G   'RNA linking' y "GUANOSINE-5'-MONOPHOSPHATE" ?    'C10 H14 N5 O8 P' 363.221 
GET non-polymer   . GENETICIN                    G418 'C20 H40 N4 O10'  496.552 
HG  non-polymer   . 'MERCURY (II) ION'           ?    'Hg 2'            200.590 
HOH non-polymer   . WATER                        ?    'H2 O'            18.015  
U   'RNA linking' y "URIDINE-5'-MONOPHOSPHATE"   ?    'C9 H13 N2 O9 P'  324.181 
# 
_exptl.absorpt_coefficient_mu     ? 
_exptl.absorpt_correction_T_max   ? 
_exptl.absorpt_correction_T_min   ? 
_exptl.absorpt_correction_type    ? 
_exptl.absorpt_process_details    ? 
_exptl.entry_id                   7EDM 
_exptl.crystals_number            1 
_exptl.details                    ? 
_exptl.method                     'X-RAY DIFFRACTION' 
_exptl.method_details             ? 
# 
_exptl_crystal.colour                      ? 
_exptl_crystal.density_diffrn              ? 
_exptl_crystal.density_Matthews            2.47 
_exptl_crystal.density_method              ? 
_exptl_crystal.density_percent_sol         50.21 
_exptl_crystal.description                 ? 
_exptl_crystal.F_000                       ? 
_exptl_crystal.id                          1 
_exptl_crystal.preparation                 ? 
_exptl_crystal.size_max                    ? 
_exptl_crystal.size_mid                    ? 
_exptl_crystal.size_min                    ? 
_exptl_crystal.size_rad                    ? 
_exptl_crystal.colour_lustre               ? 
_exptl_crystal.colour_modifier             ? 
_exptl_crystal.colour_primary              ? 
_exptl_crystal.density_meas                ? 
_exptl_crystal.density_meas_esd            ? 
_exptl_crystal.density_meas_gt             ? 
_exptl_crystal.density_meas_lt             ? 
_exptl_crystal.density_meas_temp           ? 
_exptl_crystal.density_meas_temp_esd       ? 
_exptl_crystal.density_meas_temp_gt        ? 
_exptl_crystal.density_meas_temp_lt        ? 
_exptl_crystal.pdbx_crystal_image_url      ? 
_exptl_crystal.pdbx_crystal_image_format   ? 
_exptl_crystal.pdbx_mosaicity              ? 
_exptl_crystal.pdbx_mosaicity_esd          ? 
# 
_exptl_crystal_grow.apparatus       ? 
_exptl_crystal_grow.atmosphere      ? 
_exptl_crystal_grow.crystal_id      1 
_exptl_crystal_grow.details         ? 
_exptl_crystal_grow.method          'VAPOR DIFFUSION, HANGING DROP' 
_exptl_crystal_grow.method_ref      ? 
_exptl_crystal_grow.pH              ? 
_exptl_crystal_grow.pressure        ? 
_exptl_crystal_grow.pressure_esd    ? 
_exptl_crystal_grow.seeding         ? 
_exptl_crystal_grow.seeding_ref     ? 
_exptl_crystal_grow.temp            293 
_exptl_crystal_grow.temp_details    ? 
_exptl_crystal_grow.temp_esd        ? 
_exptl_crystal_grow.time            ? 
_exptl_crystal_grow.pdbx_details    
'sodium cacodylate, MPD, spermine tetrahydrochloride, potassium chloride, G418, mercury(II) perchlorate' 
_exptl_crystal_grow.pdbx_pH_range   ? 
# 
_diffrn.ambient_environment              ? 
_diffrn.ambient_temp                     100 
_diffrn.ambient_temp_details             ? 
_diffrn.ambient_temp_esd                 ? 
_diffrn.crystal_id                       1 
_diffrn.crystal_support                  ? 
_diffrn.crystal_treatment                ? 
_diffrn.details                          ? 
_diffrn.id                               1 
_diffrn.ambient_pressure                 ? 
_diffrn.ambient_pressure_esd             ? 
_diffrn.ambient_pressure_gt              ? 
_diffrn.ambient_pressure_lt              ? 
_diffrn.ambient_temp_gt                  ? 
_diffrn.ambient_temp_lt                  ? 
_diffrn.pdbx_serial_crystal_experiment   N 
# 
_diffrn_detector.details                      ? 
_diffrn_detector.detector                     PIXEL 
_diffrn_detector.diffrn_id                    1 
_diffrn_detector.type                         'DECTRIS EIGER X 4M' 
_diffrn_detector.area_resol_mean              ? 
_diffrn_detector.dtime                        ? 
_diffrn_detector.pdbx_frames_total            ? 
_diffrn_detector.pdbx_collection_time_total   ? 
_diffrn_detector.pdbx_collection_date         2017-12-23 
_diffrn_detector.pdbx_frequency               ? 
# 
_diffrn_radiation.collimation                      ? 
_diffrn_radiation.diffrn_id                        1 
_diffrn_radiation.filter_edge                      ? 
_diffrn_radiation.inhomogeneity                    ? 
_diffrn_radiation.monochromator                    ? 
_diffrn_radiation.polarisn_norm                    ? 
_diffrn_radiation.polarisn_ratio                   ? 
_diffrn_radiation.probe                            ? 
_diffrn_radiation.type                             ? 
_diffrn_radiation.xray_symbol                      ? 
_diffrn_radiation.wavelength_id                    1 
_diffrn_radiation.pdbx_monochromatic_or_laue_m_l   M 
_diffrn_radiation.pdbx_wavelength_list             ? 
_diffrn_radiation.pdbx_wavelength                  ? 
_diffrn_radiation.pdbx_diffrn_protocol             'SINGLE WAVELENGTH' 
_diffrn_radiation.pdbx_analyzer                    ? 
_diffrn_radiation.pdbx_scattering_type             x-ray 
# 
_diffrn_radiation_wavelength.id           1 
_diffrn_radiation_wavelength.wavelength   1.1 
_diffrn_radiation_wavelength.wt           1.0 
# 
_diffrn_source.current                     ? 
_diffrn_source.details                     ? 
_diffrn_source.diffrn_id                   1 
_diffrn_source.power                       ? 
_diffrn_source.size                        ? 
_diffrn_source.source                      SYNCHROTRON 
_diffrn_source.target                      ? 
_diffrn_source.type                        'PHOTON FACTORY BEAMLINE BL-1A' 
_diffrn_source.voltage                     ? 
_diffrn_source.take-off_angle              ? 
_diffrn_source.pdbx_wavelength_list        1.1 
_diffrn_source.pdbx_wavelength             ? 
_diffrn_source.pdbx_synchrotron_beamline   BL-1A 
_diffrn_source.pdbx_synchrotron_site       'Photon Factory' 
# 
_reflns.B_iso_Wilson_estimate            38.895 
_reflns.entry_id                         7EDM 
_reflns.data_reduction_details           ? 
_reflns.data_reduction_method            ? 
_reflns.d_resolution_high                2.810 
_reflns.d_resolution_low                 48.740 
_reflns.details                          ? 
_reflns.limit_h_max                      ? 
_reflns.limit_h_min                      ? 
_reflns.limit_k_max                      ? 
_reflns.limit_k_min                      ? 
_reflns.limit_l_max                      ? 
_reflns.limit_l_min                      ? 
_reflns.number_all                       ? 
_reflns.number_obs                       6827 
_reflns.observed_criterion               ? 
_reflns.observed_criterion_F_max         ? 
_reflns.observed_criterion_F_min         ? 
_reflns.observed_criterion_I_max         ? 
_reflns.observed_criterion_I_min         ? 
_reflns.observed_criterion_sigma_F       ? 
_reflns.observed_criterion_sigma_I       ? 
_reflns.percent_possible_obs             99.500 
_reflns.R_free_details                   ? 
_reflns.Rmerge_F_all                     ? 
_reflns.Rmerge_F_obs                     ? 
_reflns.Friedel_coverage                 ? 
_reflns.number_gt                        ? 
_reflns.threshold_expression             ? 
_reflns.pdbx_redundancy                  3.522 
_reflns.pdbx_Rmerge_I_obs                0.099 
_reflns.pdbx_Rmerge_I_all                ? 
_reflns.pdbx_Rsym_value                  ? 
_reflns.pdbx_netI_over_av_sigmaI         ? 
_reflns.pdbx_netI_over_sigmaI            9.860 
_reflns.pdbx_res_netI_over_av_sigmaI_2   ? 
_reflns.pdbx_res_netI_over_sigmaI_2      ? 
_reflns.pdbx_chi_squared                 0.979 
_reflns.pdbx_scaling_rejects             ? 
_reflns.pdbx_d_res_high_opt              ? 
_reflns.pdbx_d_res_low_opt               ? 
_reflns.pdbx_d_res_opt_method            ? 
_reflns.phase_calculation_details        ? 
_reflns.pdbx_Rrim_I_all                  0.117 
_reflns.pdbx_Rpim_I_all                  ? 
_reflns.pdbx_d_opt                       ? 
_reflns.pdbx_number_measured_all         24046 
_reflns.pdbx_diffrn_id                   1 
_reflns.pdbx_ordinal                     1 
_reflns.pdbx_CC_half                     0.992 
_reflns.pdbx_CC_star                     ? 
_reflns.pdbx_R_split                     ? 
# 
loop_
_reflns_shell.d_res_high 
_reflns_shell.d_res_low 
_reflns_shell.meanI_over_sigI_all 
_reflns_shell.meanI_over_sigI_obs 
_reflns_shell.number_measured_all 
_reflns_shell.number_measured_obs 
_reflns_shell.number_possible 
_reflns_shell.number_unique_all 
_reflns_shell.number_unique_obs 
_reflns_shell.percent_possible_all 
_reflns_shell.percent_possible_obs 
_reflns_shell.Rmerge_F_all 
_reflns_shell.Rmerge_F_obs 
_reflns_shell.Rmerge_I_all 
_reflns_shell.Rmerge_I_obs 
_reflns_shell.meanI_over_sigI_gt 
_reflns_shell.meanI_over_uI_all 
_reflns_shell.meanI_over_uI_gt 
_reflns_shell.number_measured_gt 
_reflns_shell.number_unique_gt 
_reflns_shell.percent_possible_gt 
_reflns_shell.Rmerge_F_gt 
_reflns_shell.Rmerge_I_gt 
_reflns_shell.pdbx_redundancy 
_reflns_shell.pdbx_Rsym_value 
_reflns_shell.pdbx_chi_squared 
_reflns_shell.pdbx_netI_over_sigmaI_all 
_reflns_shell.pdbx_netI_over_sigmaI_obs 
_reflns_shell.pdbx_Rrim_I_all 
_reflns_shell.pdbx_Rpim_I_all 
_reflns_shell.pdbx_rejects 
_reflns_shell.pdbx_ordinal 
_reflns_shell.pdbx_diffrn_id 
_reflns_shell.pdbx_CC_half 
_reflns_shell.pdbx_CC_star 
_reflns_shell.pdbx_R_split 
2.810  2.890  ? 3.740  ? 1705 505 ? 493 97.600  ? ? ? ? 0.332 ? ? ? ? ? ? ? ? 3.458 ? ? ? ? 0.389 ? ? 1  1 0.909 ? ? 
2.890  2.960  ? 4.370  ? 1753 483 ? 483 100.000 ? ? ? ? 0.304 ? ? ? ? ? ? ? ? 3.629 ? ? ? ? 0.357 ? ? 2  1 0.913 ? ? 
2.960  3.050  ? 5.570  ? 1791 494 ? 494 100.000 ? ? ? ? 0.223 ? ? ? ? ? ? ? ? 3.626 ? ? ? ? 0.262 ? ? 3  1 0.965 ? ? 
3.050  3.140  ? 6.850  ? 1702 480 ? 480 100.000 ? ? ? ? 0.152 ? ? ? ? ? ? ? ? 3.546 ? ? ? ? 0.180 ? ? 4  1 0.989 ? ? 
3.140  3.250  ? 8.110  ? 1485 425 ? 421 99.100  ? ? ? ? 0.122 ? ? ? ? ? ? ? ? 3.527 ? ? ? ? 0.144 ? ? 5  1 0.990 ? ? 
3.250  3.360  ? 8.600  ? 1541 441 ? 439 99.500  ? ? ? ? 0.124 ? ? ? ? ? ? ? ? 3.510 ? ? ? ? 0.147 ? ? 6  1 0.986 ? ? 
3.360  3.490  ? 8.890  ? 1498 447 ? 446 99.800  ? ? ? ? 0.122 ? ? ? ? ? ? ? ? 3.359 ? ? ? ? 0.145 ? ? 7  1 0.989 ? ? 
3.490  3.630  ? 9.930  ? 1197 381 ? 378 99.200  ? ? ? ? 0.100 ? ? ? ? ? ? ? ? 3.167 ? ? ? ? 0.120 ? ? 8  1 0.990 ? ? 
3.630  3.790  ? 9.670  ? 1312 404 ? 397 98.300  ? ? ? ? 0.104 ? ? ? ? ? ? ? ? 3.305 ? ? ? ? 0.124 ? ? 9  1 0.989 ? ? 
3.790  3.980  ? 10.730 ? 1336 378 ? 378 100.000 ? ? ? ? 0.095 ? ? ? ? ? ? ? ? 3.534 ? ? ? ? 0.112 ? ? 10 1 0.994 ? ? 
3.980  4.190  ? 11.880 ? 1139 346 ? 345 99.700  ? ? ? ? 0.086 ? ? ? ? ? ? ? ? 3.301 ? ? ? ? 0.103 ? ? 11 1 0.990 ? ? 
4.190  4.450  ? 11.970 ? 1218 339 ? 337 99.400  ? ? ? ? 0.099 ? ? ? ? ? ? ? ? 3.614 ? ? ? ? 0.116 ? ? 12 1 0.988 ? ? 
4.450  4.750  ? 12.970 ? 1195 313 ? 313 100.000 ? ? ? ? 0.092 ? ? ? ? ? ? ? ? 3.818 ? ? ? ? 0.107 ? ? 13 1 0.987 ? ? 
4.750  5.130  ? 13.690 ? 1131 297 ? 297 100.000 ? ? ? ? 0.081 ? ? ? ? ? ? ? ? 3.808 ? ? ? ? 0.094 ? ? 14 1 0.994 ? ? 
5.130  5.620  ? 15.090 ? 1019 272 ? 272 100.000 ? ? ? ? 0.064 ? ? ? ? ? ? ? ? 3.746 ? ? ? ? 0.075 ? ? 15 1 0.995 ? ? 
5.620  6.290  ? 15.200 ? 917  249 ? 249 100.000 ? ? ? ? 0.068 ? ? ? ? ? ? ? ? 3.683 ? ? ? ? 0.079 ? ? 16 1 0.993 ? ? 
6.290  7.260  ? 16.330 ? 737  202 ? 202 100.000 ? ? ? ? 0.064 ? ? ? ? ? ? ? ? 3.649 ? ? ? ? 0.075 ? ? 17 1 0.994 ? ? 
7.260  8.890  ? 17.140 ? 653  183 ? 183 100.000 ? ? ? ? 0.060 ? ? ? ? ? ? ? ? 3.568 ? ? ? ? 0.070 ? ? 18 1 0.994 ? ? 
8.890  12.580 ? 17.670 ? 474  143 ? 141 98.600  ? ? ? ? 0.054 ? ? ? ? ? ? ? ? 3.362 ? ? ? ? 0.064 ? ? 19 1 0.996 ? ? 
12.580 48.740 ? 18.160 ? 243  80  ? 79  98.800  ? ? ? ? 0.056 ? ? ? ? ? ? ? ? 3.076 ? ? ? ? 0.068 ? ? 20 1 0.992 ? ? 
# 
_refine.aniso_B[1][1]                            ? 
_refine.aniso_B[1][2]                            ? 
_refine.aniso_B[1][3]                            ? 
_refine.aniso_B[2][2]                            ? 
_refine.aniso_B[2][3]                            ? 
_refine.aniso_B[3][3]                            ? 
_refine.B_iso_max                                73.830 
_refine.B_iso_mean                               30.5739 
_refine.B_iso_min                                12.790 
_refine.correlation_coeff_Fo_to_Fc               ? 
_refine.correlation_coeff_Fo_to_Fc_free          ? 
_refine.details                                  'The SF file contains friedel pairs under F_plus and F_minus columns.' 
_refine.diff_density_max                         ? 
_refine.diff_density_max_esd                     ? 
_refine.diff_density_min                         ? 
_refine.diff_density_min_esd                     ? 
_refine.diff_density_rms                         ? 
_refine.diff_density_rms_esd                     ? 
_refine.entry_id                                 7EDM 
_refine.pdbx_refine_id                           'X-RAY DIFFRACTION' 
_refine.ls_abs_structure_details                 ? 
_refine.ls_abs_structure_Flack                   ? 
_refine.ls_abs_structure_Flack_esd               ? 
_refine.ls_abs_structure_Rogers                  ? 
_refine.ls_abs_structure_Rogers_esd              ? 
_refine.ls_d_res_high                            2.8100 
_refine.ls_d_res_low                             48.7400 
_refine.ls_extinction_coef                       ? 
_refine.ls_extinction_coef_esd                   ? 
_refine.ls_extinction_expression                 ? 
_refine.ls_extinction_method                     ? 
_refine.ls_goodness_of_fit_all                   ? 
_refine.ls_goodness_of_fit_all_esd               ? 
_refine.ls_goodness_of_fit_obs                   ? 
_refine.ls_goodness_of_fit_obs_esd               ? 
_refine.ls_hydrogen_treatment                    ? 
_refine.ls_matrix_type                           ? 
_refine.ls_number_constraints                    ? 
_refine.ls_number_parameters                     ? 
_refine.ls_number_reflns_all                     ? 
_refine.ls_number_reflns_obs                     6812 
_refine.ls_number_reflns_R_free                  666 
_refine.ls_number_reflns_R_work                  6146 
_refine.ls_number_restraints                     ? 
_refine.ls_percent_reflns_obs                    99.2600 
_refine.ls_percent_reflns_R_free                 9.7800 
_refine.ls_R_factor_all                          ? 
_refine.ls_R_factor_obs                          0.1702 
_refine.ls_R_factor_R_free                       0.2287 
_refine.ls_R_factor_R_free_error                 ? 
_refine.ls_R_factor_R_free_error_details         ? 
_refine.ls_R_factor_R_work                       0.1644 
_refine.ls_R_Fsqd_factor_obs                     ? 
_refine.ls_R_I_factor_obs                        ? 
_refine.ls_redundancy_reflns_all                 ? 
_refine.ls_redundancy_reflns_obs                 ? 
_refine.ls_restrained_S_all                      ? 
_refine.ls_restrained_S_obs                      ? 
_refine.ls_shift_over_esd_max                    ? 
_refine.ls_shift_over_esd_mean                   ? 
_refine.ls_structure_factor_coef                 ? 
_refine.ls_weighting_details                     ? 
_refine.ls_weighting_scheme                      ? 
_refine.ls_wR_factor_all                         ? 
_refine.ls_wR_factor_obs                         ? 
_refine.ls_wR_factor_R_free                      ? 
_refine.ls_wR_factor_R_work                      ? 
_refine.occupancy_max                            ? 
_refine.occupancy_min                            ? 
_refine.solvent_model_details                    'FLAT BULK SOLVENT MODEL' 
_refine.solvent_model_param_bsol                 ? 
_refine.solvent_model_param_ksol                 ? 
_refine.pdbx_R_complete                          ? 
_refine.ls_R_factor_gt                           ? 
_refine.ls_goodness_of_fit_gt                    ? 
_refine.ls_goodness_of_fit_ref                   ? 
_refine.ls_shift_over_su_max                     ? 
_refine.ls_shift_over_su_max_lt                  ? 
_refine.ls_shift_over_su_mean                    ? 
_refine.ls_shift_over_su_mean_lt                 ? 
_refine.pdbx_ls_sigma_I                          ? 
_refine.pdbx_ls_sigma_F                          1.410 
_refine.pdbx_ls_sigma_Fsqd                       ? 
_refine.pdbx_data_cutoff_high_absF               ? 
_refine.pdbx_data_cutoff_high_rms_absF           ? 
_refine.pdbx_data_cutoff_low_absF                ? 
_refine.pdbx_isotropic_thermal_model             ? 
_refine.pdbx_ls_cross_valid_method               THROUGHOUT 
_refine.pdbx_method_to_determine_struct          'MOLECULAR REPLACEMENT' 
_refine.pdbx_starting_model                      4k32 
_refine.pdbx_stereochemistry_target_values       ML 
_refine.pdbx_R_Free_selection_details            ? 
_refine.pdbx_stereochem_target_val_spec_case     ? 
_refine.pdbx_overall_ESU_R                       ? 
_refine.pdbx_overall_ESU_R_Free                  ? 
_refine.pdbx_solvent_vdw_probe_radii             1.1100 
_refine.pdbx_solvent_ion_probe_radii             ? 
_refine.pdbx_solvent_shrinkage_radii             0.9000 
_refine.pdbx_real_space_R                        ? 
_refine.pdbx_density_correlation                 ? 
_refine.pdbx_pd_number_of_powder_patterns        ? 
_refine.pdbx_pd_number_of_points                 ? 
_refine.pdbx_pd_meas_number_of_points            ? 
_refine.pdbx_pd_proc_ls_prof_R_factor            ? 
_refine.pdbx_pd_proc_ls_prof_wR_factor           ? 
_refine.pdbx_pd_Marquardt_correlation_coeff      ? 
_refine.pdbx_pd_Fsqrd_R_factor                   ? 
_refine.pdbx_pd_ls_matrix_band_width             ? 
_refine.pdbx_overall_phase_error                 21.8100 
_refine.pdbx_overall_SU_R_free_Cruickshank_DPI   ? 
_refine.pdbx_overall_SU_R_free_Blow_DPI          ? 
_refine.pdbx_overall_SU_R_Blow_DPI               ? 
_refine.pdbx_TLS_residual_ADP_flag               ? 
_refine.pdbx_diffrn_id                           1 
_refine.overall_SU_B                             ? 
_refine.overall_SU_ML                            0.3500 
_refine.overall_SU_R_Cruickshank_DPI             ? 
_refine.overall_SU_R_free                        ? 
_refine.overall_FOM_free_R_set                   ? 
_refine.overall_FOM_work_R_set                   ? 
_refine.pdbx_average_fsc_overall                 ? 
_refine.pdbx_average_fsc_work                    ? 
_refine.pdbx_average_fsc_free                    ? 
# 
_refine_hist.pdbx_refine_id                   'X-RAY DIFFRACTION' 
_refine_hist.cycle_id                         final 
_refine_hist.details                          ? 
_refine_hist.d_res_high                       2.8100 
_refine_hist.d_res_low                        48.7400 
_refine_hist.number_atoms_solvent             11 
_refine_hist.number_atoms_total               1001 
_refine_hist.number_reflns_all                ? 
_refine_hist.number_reflns_obs                ? 
_refine_hist.number_reflns_R_free             ? 
_refine_hist.number_reflns_R_work             ? 
_refine_hist.R_factor_all                     ? 
_refine_hist.R_factor_obs                     ? 
_refine_hist.R_factor_R_free                  ? 
_refine_hist.R_factor_R_work                  ? 
_refine_hist.pdbx_number_residues_total       43 
_refine_hist.pdbx_B_iso_mean_ligand           25.41 
_refine_hist.pdbx_B_iso_mean_solvent          26.48 
_refine_hist.pdbx_number_atoms_protein        0 
_refine_hist.pdbx_number_atoms_nucleic_acid   920 
_refine_hist.pdbx_number_atoms_ligand         70 
_refine_hist.pdbx_number_atoms_lipid          ? 
_refine_hist.pdbx_number_atoms_carb           ? 
_refine_hist.pdbx_pseudo_atom_details         ? 
# 
loop_
_refine_ls_shell.pdbx_refine_id 
_refine_ls_shell.d_res_high 
_refine_ls_shell.d_res_low 
_refine_ls_shell.number_reflns_all 
_refine_ls_shell.number_reflns_obs 
_refine_ls_shell.number_reflns_R_free 
_refine_ls_shell.number_reflns_R_work 
_refine_ls_shell.percent_reflns_obs 
_refine_ls_shell.percent_reflns_R_free 
_refine_ls_shell.R_factor_all 
_refine_ls_shell.R_factor_obs 
_refine_ls_shell.R_factor_R_free 
_refine_ls_shell.R_factor_R_free_error 
_refine_ls_shell.R_factor_R_work 
_refine_ls_shell.redundancy_reflns_all 
_refine_ls_shell.redundancy_reflns_obs 
_refine_ls_shell.wR_factor_all 
_refine_ls_shell.wR_factor_obs 
_refine_ls_shell.wR_factor_R_free 
_refine_ls_shell.wR_factor_R_work 
_refine_ls_shell.pdbx_R_complete 
_refine_ls_shell.pdbx_total_number_of_bins_used 
_refine_ls_shell.pdbx_phase_error 
_refine_ls_shell.pdbx_fsc_work 
_refine_ls_shell.pdbx_fsc_free 
'X-RAY DIFFRACTION' 2.8100 3.0300  1360 . 136 1224 99.0000  . . . 0.3710 0.0000 0.2603 . . . . . . . 5 . . . 
'X-RAY DIFFRACTION' 3.0300 3.3300  1352 . 137 1215 99.0000  . . . 0.2355 0.0000 0.1859 . . . . . . . 5 . . . 
'X-RAY DIFFRACTION' 3.3300 3.8200  1354 . 131 1223 99.0000  . . . 0.2299 0.0000 0.1556 . . . . . . . 5 . . . 
'X-RAY DIFFRACTION' 3.8200 4.8100  1373 . 133 1240 100.0000 . . . 0.2210 0.0000 0.1346 . . . . . . . 5 . . . 
'X-RAY DIFFRACTION' 4.8100 48.7400 1373 . 129 1244 100.0000 . . . 0.1824 0.0000 0.1498 . . . . . . . 5 . . . 
# 
_struct.entry_id                     7EDM 
_struct.title                        'Crystal structure of the eukaryotic ribosomal decoding site in complex with G418 and Hg(II)' 
_struct.pdbx_model_details           ? 
_struct.pdbx_formula_weight          ? 
_struct.pdbx_formula_weight_method   ? 
_struct.pdbx_model_type_details      ? 
_struct.pdbx_CASP_flag               N 
# 
_struct_keywords.entry_id        7EDM 
_struct_keywords.text            'Metal-mediated base pair, Mercury, Decoding site, Ribosomal RNA, RNA' 
_struct_keywords.pdbx_keywords   RNA 
# 
loop_
_struct_asym.id 
_struct_asym.pdbx_blank_PDB_chainid_flag 
_struct_asym.pdbx_modified 
_struct_asym.entity_id 
_struct_asym.details 
A N N 1 ? 
B N N 1 ? 
C N N 2 ? 
D N N 2 ? 
E N N 3 ? 
F N N 3 ? 
G N N 4 ? 
H N N 4 ? 
# 
loop_
_struct_conn.id 
_struct_conn.conn_type_id 
_struct_conn.pdbx_leaving_atom_flag 
_struct_conn.pdbx_PDB_id 
_struct_conn.ptnr1_label_asym_id 
_struct_conn.ptnr1_label_comp_id 
_struct_conn.ptnr1_label_seq_id 
_struct_conn.ptnr1_label_atom_id 
_struct_conn.pdbx_ptnr1_label_alt_id 
_struct_conn.pdbx_ptnr1_PDB_ins_code 
_struct_conn.pdbx_ptnr1_standard_comp_id 
_struct_conn.ptnr1_symmetry 
_struct_conn.ptnr2_label_asym_id 
_struct_conn.ptnr2_label_comp_id 
_struct_conn.ptnr2_label_seq_id 
_struct_conn.ptnr2_label_atom_id 
_struct_conn.pdbx_ptnr2_label_alt_id 
_struct_conn.pdbx_ptnr2_PDB_ins_code 
_struct_conn.ptnr1_auth_asym_id 
_struct_conn.ptnr1_auth_comp_id 
_struct_conn.ptnr1_auth_seq_id 
_struct_conn.ptnr2_auth_asym_id 
_struct_conn.ptnr2_auth_comp_id 
_struct_conn.ptnr2_auth_seq_id 
_struct_conn.ptnr2_symmetry 
_struct_conn.pdbx_ptnr3_label_atom_id 
_struct_conn.pdbx_ptnr3_label_seq_id 
_struct_conn.pdbx_ptnr3_label_comp_id 
_struct_conn.pdbx_ptnr3_label_asym_id 
_struct_conn.pdbx_ptnr3_label_alt_id 
_struct_conn.pdbx_ptnr3_PDB_ins_code 
_struct_conn.details 
_struct_conn.pdbx_dist_value 
_struct_conn.pdbx_value_order 
_struct_conn.pdbx_role 
metalc1  metalc ? ? A U  6  N3 ? ? ? 1_555 D HG .  HG ? ? A U  6   A HG 202 1_555 ? ? ? ? ? ? ?            2.261 ? ? 
metalc2  metalc ? ? A U  6  O4 ? ? ? 1_555 D HG .  HG ? ? A U  6   A HG 202 1_555 ? ? ? ? ? ? ?            2.665 ? ? 
metalc3  metalc ? ? A U  20 O2 ? ? ? 1_555 C HG .  HG ? ? A U  20  A HG 201 1_555 ? ? ? ? ? ? ?            3.148 ? ? 
metalc4  metalc ? ? A U  20 N3 ? ? ? 1_555 C HG .  HG ? ? A U  20  A HG 201 1_555 ? ? ? ? ? ? ?            2.238 ? ? 
metalc5  metalc ? ? A U  20 O4 ? ? ? 1_555 C HG .  HG ? ? A U  20  A HG 201 1_555 ? ? ? ? ? ? ?            3.116 ? ? 
metalc6  metalc ? ? C HG .  HG ? ? ? 1_555 B U  6  O2 ? ? A HG 201 B U  29  1_555 ? ? ? ? ? ? ?            3.187 ? ? 
metalc7  metalc ? ? C HG .  HG ? ? ? 1_555 B U  6  N3 ? ? A HG 201 B U  29  1_555 ? ? ? ? ? ? ?            2.174 ? ? 
metalc8  metalc ? ? C HG .  HG ? ? ? 1_555 B U  6  O4 ? ? A HG 201 B U  29  1_555 ? ? ? ? ? ? ?            2.976 ? ? 
metalc9  metalc ? ? D HG .  HG ? ? ? 1_555 B U  20 O2 ? ? A HG 202 B U  43  1_555 ? ? ? ? ? ? ?            3.122 ? ? 
metalc10 metalc ? ? D HG .  HG ? ? ? 1_555 B U  20 N3 ? ? A HG 202 B U  43  1_555 ? ? ? ? ? ? ?            2.152 ? ? 
metalc11 metalc ? ? D HG .  HG ? ? ? 1_555 B U  20 O4 ? ? A HG 202 B U  43  1_555 ? ? ? ? ? ? ?            3.064 ? ? 
hydrog1  hydrog ? ? A G  3  N1 ? ? ? 1_555 B C  23 N3 ? ? A G  3   B C  46  1_555 ? ? ? ? ? ? WATSON-CRICK ?     ? ? 
hydrog2  hydrog ? ? A G  3  N2 ? ? ? 1_555 B C  23 O2 ? ? A G  3   B C  46  1_555 ? ? ? ? ? ? WATSON-CRICK ?     ? ? 
hydrog3  hydrog ? ? A G  3  O6 ? ? ? 1_555 B C  23 N4 ? ? A G  3   B C  46  1_555 ? ? ? ? ? ? WATSON-CRICK ?     ? ? 
hydrog4  hydrog ? ? A C  4  N3 ? ? ? 1_555 B G  22 N1 ? ? A C  4   B G  45  1_555 ? ? ? ? ? ? WATSON-CRICK ?     ? ? 
hydrog5  hydrog ? ? A C  4  N4 ? ? ? 1_555 B G  22 O6 ? ? A C  4   B G  45  1_555 ? ? ? ? ? ? WATSON-CRICK ?     ? ? 
hydrog6  hydrog ? ? A C  4  O2 ? ? ? 1_555 B G  22 N2 ? ? A C  4   B G  45  1_555 ? ? ? ? ? ? WATSON-CRICK ?     ? ? 
hydrog7  hydrog ? ? A G  5  N1 ? ? ? 1_555 B C  21 N3 ? ? A G  5   B C  44  1_555 ? ? ? ? ? ? WATSON-CRICK ?     ? ? 
hydrog8  hydrog ? ? A G  5  N2 ? ? ? 1_555 B C  21 O2 ? ? A G  5   B C  44  1_555 ? ? ? ? ? ? WATSON-CRICK ?     ? ? 
hydrog9  hydrog ? ? A G  5  O6 ? ? ? 1_555 B C  21 N4 ? ? A G  5   B C  44  1_555 ? ? ? ? ? ? WATSON-CRICK ?     ? ? 
hydrog10 hydrog ? ? A C  7  N3 ? ? ? 1_555 B G  19 N1 ? ? A C  7   B G  42  1_555 ? ? ? ? ? ? WATSON-CRICK ?     ? ? 
hydrog11 hydrog ? ? A C  7  N4 ? ? ? 1_555 B G  19 O6 ? ? A C  7   B G  42  1_555 ? ? ? ? ? ? WATSON-CRICK ?     ? ? 
hydrog12 hydrog ? ? A C  7  O2 ? ? ? 1_555 B G  19 N2 ? ? A C  7   B G  42  1_555 ? ? ? ? ? ? WATSON-CRICK ?     ? ? 
hydrog13 hydrog ? ? A C  9  N3 ? ? ? 1_555 B G  16 N1 ? ? A C  9   B G  39  1_555 ? ? ? ? ? ? WATSON-CRICK ?     ? ? 
hydrog14 hydrog ? ? A C  9  N4 ? ? ? 1_555 B G  16 O6 ? ? A C  9   B G  39  1_555 ? ? ? ? ? ? WATSON-CRICK ?     ? ? 
hydrog15 hydrog ? ? A C  9  O2 ? ? ? 1_555 B G  16 N2 ? ? A C  9   B G  39  1_555 ? ? ? ? ? ? WATSON-CRICK ?     ? ? 
hydrog16 hydrog ? ? A G  10 N1 ? ? ? 1_555 B C  15 N3 ? ? A G  10  B C  38  1_555 ? ? ? ? ? ? WATSON-CRICK ?     ? ? 
hydrog17 hydrog ? ? A G  10 N2 ? ? ? 1_555 B C  15 O2 ? ? A G  10  B C  38  1_555 ? ? ? ? ? ? WATSON-CRICK ?     ? ? 
hydrog18 hydrog ? ? A G  10 O6 ? ? ? 1_555 B C  15 N4 ? ? A G  10  B C  38  1_555 ? ? ? ? ? ? WATSON-CRICK ?     ? ? 
hydrog19 hydrog ? ? A U  11 N3 ? ? ? 1_555 B A  14 N1 ? ? A U  11  B A  37  1_555 ? ? ? ? ? ? WATSON-CRICK ?     ? ? 
hydrog20 hydrog ? ? A U  11 O4 ? ? ? 1_555 B A  14 N6 ? ? A U  11  B A  37  1_555 ? ? ? ? ? ? WATSON-CRICK ?     ? ? 
hydrog21 hydrog ? ? A C  12 N3 ? ? ? 1_555 B G  13 N1 ? ? A C  12  B G  36  1_555 ? ? ? ? ? ? WATSON-CRICK ?     ? ? 
hydrog22 hydrog ? ? A C  12 N4 ? ? ? 1_555 B G  13 O6 ? ? A C  12  B G  36  1_555 ? ? ? ? ? ? WATSON-CRICK ?     ? ? 
hydrog23 hydrog ? ? A C  12 O2 ? ? ? 1_555 B G  13 N2 ? ? A C  12  B G  36  1_555 ? ? ? ? ? ? WATSON-CRICK ?     ? ? 
hydrog24 hydrog ? ? A G  13 N1 ? ? ? 1_555 B C  12 N3 ? ? A G  13  B C  35  1_555 ? ? ? ? ? ? WATSON-CRICK ?     ? ? 
hydrog25 hydrog ? ? A G  13 N2 ? ? ? 1_555 B C  12 O2 ? ? A G  13  B C  35  1_555 ? ? ? ? ? ? WATSON-CRICK ?     ? ? 
hydrog26 hydrog ? ? A G  13 O6 ? ? ? 1_555 B C  12 N4 ? ? A G  13  B C  35  1_555 ? ? ? ? ? ? WATSON-CRICK ?     ? ? 
hydrog27 hydrog ? ? A A  14 N1 ? ? ? 1_555 B U  11 N3 ? ? A A  14  B U  34  1_555 ? ? ? ? ? ? WATSON-CRICK ?     ? ? 
hydrog28 hydrog ? ? A A  14 N6 ? ? ? 1_555 B U  11 O4 ? ? A A  14  B U  34  1_555 ? ? ? ? ? ? WATSON-CRICK ?     ? ? 
hydrog29 hydrog ? ? A C  15 N3 ? ? ? 1_555 B G  10 N1 ? ? A C  15  B G  33  1_555 ? ? ? ? ? ? WATSON-CRICK ?     ? ? 
hydrog30 hydrog ? ? A C  15 N4 ? ? ? 1_555 B G  10 O6 ? ? A C  15  B G  33  1_555 ? ? ? ? ? ? WATSON-CRICK ?     ? ? 
hydrog31 hydrog ? ? A C  15 O2 ? ? ? 1_555 B G  10 N2 ? ? A C  15  B G  33  1_555 ? ? ? ? ? ? WATSON-CRICK ?     ? ? 
hydrog32 hydrog ? ? A G  16 N1 ? ? ? 1_555 B C  9  N3 ? ? A G  16  B C  32  1_555 ? ? ? ? ? ? WATSON-CRICK ?     ? ? 
hydrog33 hydrog ? ? A G  16 N2 ? ? ? 1_555 B C  9  O2 ? ? A G  16  B C  32  1_555 ? ? ? ? ? ? WATSON-CRICK ?     ? ? 
hydrog34 hydrog ? ? A G  16 O6 ? ? ? 1_555 B C  9  N4 ? ? A G  16  B C  32  1_555 ? ? ? ? ? ? WATSON-CRICK ?     ? ? 
hydrog35 hydrog ? ? A G  19 N1 ? ? ? 1_555 B C  7  N3 ? ? A G  19  B C  30  1_555 ? ? ? ? ? ? WATSON-CRICK ?     ? ? 
hydrog36 hydrog ? ? A G  19 N2 ? ? ? 1_555 B C  7  O2 ? ? A G  19  B C  30  1_555 ? ? ? ? ? ? WATSON-CRICK ?     ? ? 
hydrog37 hydrog ? ? A G  19 O6 ? ? ? 1_555 B C  7  N4 ? ? A G  19  B C  30  1_555 ? ? ? ? ? ? WATSON-CRICK ?     ? ? 
hydrog38 hydrog ? ? A C  21 N3 ? ? ? 1_555 B G  5  N1 ? ? A C  21  B G  28  1_555 ? ? ? ? ? ? WATSON-CRICK ?     ? ? 
hydrog39 hydrog ? ? A C  21 N4 ? ? ? 1_555 B G  5  O6 ? ? A C  21  B G  28  1_555 ? ? ? ? ? ? WATSON-CRICK ?     ? ? 
hydrog40 hydrog ? ? A C  21 O2 ? ? ? 1_555 B G  5  N2 ? ? A C  21  B G  28  1_555 ? ? ? ? ? ? WATSON-CRICK ?     ? ? 
hydrog41 hydrog ? ? A G  22 N1 ? ? ? 1_555 B C  4  N3 ? ? A G  22  B C  27  1_555 ? ? ? ? ? ? WATSON-CRICK ?     ? ? 
hydrog42 hydrog ? ? A G  22 N2 ? ? ? 1_555 B C  4  O2 ? ? A G  22  B C  27  1_555 ? ? ? ? ? ? WATSON-CRICK ?     ? ? 
hydrog43 hydrog ? ? A G  22 O6 ? ? ? 1_555 B C  4  N4 ? ? A G  22  B C  27  1_555 ? ? ? ? ? ? WATSON-CRICK ?     ? ? 
hydrog44 hydrog ? ? A C  23 N3 ? ? ? 1_555 B G  3  N1 ? ? A C  23  B G  26  1_555 ? ? ? ? ? ? WATSON-CRICK ?     ? ? 
hydrog45 hydrog ? ? A C  23 N4 ? ? ? 1_555 B G  3  O6 ? ? A C  23  B G  26  1_555 ? ? ? ? ? ? WATSON-CRICK ?     ? ? 
hydrog46 hydrog ? ? A C  23 O2 ? ? ? 1_555 B G  3  N2 ? ? A C  23  B G  26  1_555 ? ? ? ? ? ? WATSON-CRICK ?     ? ? 
# 
loop_
_struct_conn_type.id 
_struct_conn_type.criteria 
_struct_conn_type.reference 
metalc ? ? 
hydrog ? ? 
# 
_atom_sites.entry_id                    7EDM 
_atom_sites.Cartn_transf_matrix[1][1]   ? 
_atom_sites.Cartn_transf_matrix[1][2]   ? 
_atom_sites.Cartn_transf_matrix[1][3]   ? 
_atom_sites.Cartn_transf_matrix[2][1]   ? 
_atom_sites.Cartn_transf_matrix[2][2]   ? 
_atom_sites.Cartn_transf_matrix[2][3]   ? 
_atom_sites.Cartn_transf_matrix[3][1]   ? 
_atom_sites.Cartn_transf_matrix[3][2]   ? 
_atom_sites.Cartn_transf_matrix[3][3]   ? 
_atom_sites.Cartn_transf_vector[1]      ? 
_atom_sites.Cartn_transf_vector[2]      ? 
_atom_sites.Cartn_transf_vector[3]      ? 
_atom_sites.fract_transf_matrix[1][1]   0.02499856 
_atom_sites.fract_transf_matrix[1][2]   -0.01767257 
_atom_sites.fract_transf_matrix[1][3]   0.00866818 
_atom_sites.fract_transf_matrix[2][1]   -0.00631449 
_atom_sites.fract_transf_matrix[2][2]   -0.00764971 
_atom_sites.fract_transf_matrix[2][3]   0.00261453 
_atom_sites.fract_transf_matrix[3][1]   0.00129539 
_atom_sites.fract_transf_matrix[3][2]   -0.00773833 
_atom_sites.fract_transf_matrix[3][3]   -0.01951264 
_atom_sites.fract_transf_vector[1]      -0.146000 
_atom_sites.fract_transf_vector[2]      0.139801 
_atom_sites.fract_transf_vector[3]      0.006887 
_atom_sites.solution_primary            ? 
_atom_sites.solution_secondary          ? 
_atom_sites.solution_hydrogens          ? 
_atom_sites.special_details             ? 
# 
loop_
_atom_type.symbol 
C  
HG 
N  
O  
P  
# 
loop_
_atom_site.group_PDB 
_atom_site.id 
_atom_site.type_symbol 
_atom_site.label_atom_id 
_atom_site.label_alt_id 
_atom_site.label_comp_id 
_atom_site.label_asym_id 
_atom_site.label_entity_id 
_atom_site.label_seq_id 
_atom_site.pdbx_PDB_ins_code 
_atom_site.Cartn_x 
_atom_site.Cartn_y 
_atom_site.Cartn_z 
_atom_site.occupancy 
_atom_site.B_iso_or_equiv 
_atom_site.pdbx_formal_charge 
_atom_site.auth_seq_id 
_atom_site.auth_comp_id 
_atom_site.auth_asym_id 
_atom_site.auth_atom_id 
_atom_site.pdbx_PDB_model_num 
ATOM   1    P  P     . U   A 1 2  ? 2.822   7.280   33.725  1.00 64.40 ? 2   U   A P     1 
ATOM   2    O  OP1   . U   A 1 2  ? 2.394   8.558   33.091  1.00 52.87 ? 2   U   A OP1   1 
ATOM   3    O  OP2   . U   A 1 2  ? 1.805   6.442   34.421  1.00 53.82 ? 2   U   A OP2   1 
ATOM   4    O  "O5'" . U   A 1 2  ? 3.520   6.379   32.612  1.00 50.36 ? 2   U   A "O5'" 1 
ATOM   5    C  "C5'" . U   A 1 2  ? 4.016   6.952   31.405  1.00 52.78 ? 2   U   A "C5'" 1 
ATOM   6    C  "C4'" . U   A 1 2  ? 3.893   5.998   30.240  1.00 51.80 ? 2   U   A "C4'" 1 
ATOM   7    O  "O4'" . U   A 1 2  ? 4.021   4.634   30.734  1.00 51.82 ? 2   U   A "O4'" 1 
ATOM   8    C  "C3'" . U   A 1 2  ? 2.561   6.056   29.478  1.00 47.67 ? 2   U   A "C3'" 1 
ATOM   9    O  "O3'" . U   A 1 2  ? 2.764   5.816   28.084  1.00 43.77 ? 2   U   A "O3'" 1 
ATOM   10   C  "C2'" . U   A 1 2  ? 1.781   4.893   30.072  1.00 45.50 ? 2   U   A "C2'" 1 
ATOM   11   O  "O2'" . U   A 1 2  ? 0.786   4.350   29.230  1.00 52.22 ? 2   U   A "O2'" 1 
ATOM   12   C  "C1'" . U   A 1 2  ? 2.888   3.880   30.344  1.00 48.96 ? 2   U   A "C1'" 1 
ATOM   13   N  N1    . U   A 1 2  ? 2.518   2.963   31.424  1.00 49.89 ? 2   U   A N1    1 
ATOM   14   C  C2    . U   A 1 2  ? 2.137   1.689   31.046  1.00 42.29 ? 2   U   A C2    1 
ATOM   15   O  O2    . U   A 1 2  ? 2.156   1.308   29.879  1.00 39.84 ? 2   U   A O2    1 
ATOM   16   N  N3    . U   A 1 2  ? 1.754   0.894   32.100  1.00 37.69 ? 2   U   A N3    1 
ATOM   17   C  C4    . U   A 1 2  ? 1.701   1.263   33.435  1.00 44.73 ? 2   U   A C4    1 
ATOM   18   O  O4    . U   A 1 2  ? 1.337   0.439   34.277  1.00 53.49 ? 2   U   A O4    1 
ATOM   19   C  C5    . U   A 1 2  ? 2.094   2.609   33.728  1.00 38.51 ? 2   U   A C5    1 
ATOM   20   C  C6    . U   A 1 2  ? 2.474   3.403   32.730  1.00 43.63 ? 2   U   A C6    1 
ATOM   21   P  P     . G   A 1 3  ? 1.650   6.286   27.020  1.00 47.37 ? 3   G   A P     1 
ATOM   22   O  OP1   . G   A 1 3  ? 0.700   7.180   27.753  1.00 31.12 ? 3   G   A OP1   1 
ATOM   23   O  OP2   . G   A 1 3  ? 1.108   5.087   26.326  1.00 35.80 ? 3   G   A OP2   1 
ATOM   24   O  "O5'" . G   A 1 3  ? 2.486   7.148   25.963  1.00 43.03 ? 3   G   A "O5'" 1 
ATOM   25   C  "C5'" . G   A 1 3  ? 2.891   8.479   26.270  1.00 39.17 ? 3   G   A "C5'" 1 
ATOM   26   C  "C4'" . G   A 1 3  ? 4.319   8.752   25.871  1.00 31.79 ? 3   G   A "C4'" 1 
ATOM   27   O  "O4'" . G   A 1 3  ? 5.228   8.010   26.728  1.00 39.02 ? 3   G   A "O4'" 1 
ATOM   28   C  "C3'" . G   A 1 3  ? 4.712   8.327   24.470  1.00 31.05 ? 3   G   A "C3'" 1 
ATOM   29   O  "O3'" . G   A 1 3  ? 4.300   9.245   23.480  1.00 32.54 ? 3   G   A "O3'" 1 
ATOM   30   C  "C2'" . G   A 1 3  ? 6.221   8.192   24.580  1.00 34.28 ? 3   G   A "C2'" 1 
ATOM   31   O  "O2'" . G   A 1 3  ? 6.836   9.468   24.550  1.00 37.33 ? 3   G   A "O2'" 1 
ATOM   32   C  "C1'" . G   A 1 3  ? 6.368   7.616   25.991  1.00 35.68 ? 3   G   A "C1'" 1 
ATOM   33   N  N9    . G   A 1 3  ? 6.441   6.140   25.963  1.00 30.84 ? 3   G   A N9    1 
ATOM   34   C  C8    . G   A 1 3  ? 5.497   5.243   26.397  1.00 31.53 ? 3   G   A C8    1 
ATOM   35   N  N7    . G   A 1 3  ? 5.861   4.002   26.212  1.00 32.98 ? 3   G   A N7    1 
ATOM   36   C  C5    . G   A 1 3  ? 7.121   4.078   25.620  1.00 26.89 ? 3   G   A C5    1 
ATOM   37   C  C6    . G   A 1 3  ? 8.026   3.061   25.191  1.00 28.81 ? 3   G   A C6    1 
ATOM   38   O  O6    . G   A 1 3  ? 7.907   1.825   25.234  1.00 27.43 ? 3   G   A O6    1 
ATOM   39   N  N1    . G   A 1 3  ? 9.187   3.604   24.653  1.00 28.25 ? 3   G   A N1    1 
ATOM   40   C  C2    . G   A 1 3  ? 9.450   4.939   24.542  1.00 24.48 ? 3   G   A C2    1 
ATOM   41   N  N2    . G   A 1 3  ? 10.621  5.271   23.994  1.00 24.77 ? 3   G   A N2    1 
ATOM   42   N  N3    . G   A 1 3  ? 8.624   5.884   24.937  1.00 26.98 ? 3   G   A N3    1 
ATOM   43   C  C4    . G   A 1 3  ? 7.486   5.392   25.462  1.00 25.23 ? 3   G   A C4    1 
ATOM   44   P  P     . C   A 1 4  ? 4.034   8.744   21.977  1.00 43.64 ? 4   C   A P     1 
ATOM   45   O  OP1   . C   A 1 4  ? 3.475   9.884   21.204  1.00 42.45 ? 4   C   A OP1   1 
ATOM   46   O  OP2   . C   A 1 4  ? 3.265   7.475   22.037  1.00 33.80 ? 4   C   A OP2   1 
ATOM   47   O  "O5'" . C   A 1 4  ? 5.495   8.452   21.406  1.00 39.40 ? 4   C   A "O5'" 1 
ATOM   48   C  "C5'" . C   A 1 4  ? 6.430   9.503   21.232  1.00 28.34 ? 4   C   A "C5'" 1 
ATOM   49   C  "C4'" . C   A 1 4  ? 7.749   8.985   20.718  1.00 32.55 ? 4   C   A "C4'" 1 
ATOM   50   O  "O4'" . C   A 1 4  ? 8.338   8.083   21.687  1.00 35.90 ? 4   C   A "O4'" 1 
ATOM   51   C  "C3'" . C   A 1 4  ? 7.701   8.154   19.450  1.00 33.08 ? 4   C   A "C3'" 1 
ATOM   52   O  "O3'" . C   A 1 4  ? 7.573   8.913   18.268  1.00 33.87 ? 4   C   A "O3'" 1 
ATOM   53   C  "C2'" . C   A 1 4  ? 9.005   7.382   19.521  1.00 31.41 ? 4   C   A "C2'" 1 
ATOM   54   O  "O2'" . C   A 1 4  ? 10.098  8.217   19.171  1.00 35.31 ? 4   C   A "O2'" 1 
ATOM   55   C  "C1'" . C   A 1 4  ? 9.086   7.083   21.013  1.00 30.81 ? 4   C   A "C1'" 1 
ATOM   56   N  N1    . C   A 1 4  ? 8.513   5.757   21.322  1.00 28.51 ? 4   C   A N1    1 
ATOM   57   C  C2    . C   A 1 4  ? 9.247   4.618   20.988  1.00 26.33 ? 4   C   A C2    1 
ATOM   58   O  O2    . C   A 1 4  ? 10.355  4.756   20.450  1.00 27.21 ? 4   C   A O2    1 
ATOM   59   N  N3    . C   A 1 4  ? 8.727   3.400   21.259  1.00 26.99 ? 4   C   A N3    1 
ATOM   60   C  C4    . C   A 1 4  ? 7.531   3.299   21.840  1.00 25.16 ? 4   C   A C4    1 
ATOM   61   N  N4    . C   A 1 4  ? 7.052   2.087   22.092  1.00 23.99 ? 4   C   A N4    1 
ATOM   62   C  C5    . C   A 1 4  ? 6.765   4.443   22.197  1.00 27.80 ? 4   C   A C5    1 
ATOM   63   C  C6    . C   A 1 4  ? 7.286   5.641   21.916  1.00 30.46 ? 4   C   A C6    1 
ATOM   64   P  P     . G   A 1 5  ? 6.771   8.281   17.040  1.00 35.11 ? 5   G   A P     1 
ATOM   65   O  OP1   . G   A 1 5  ? 6.592   9.328   16.003  1.00 56.09 ? 5   G   A OP1   1 
ATOM   66   O  OP2   . G   A 1 5  ? 5.576   7.632   17.647  1.00 38.82 ? 5   G   A OP2   1 
ATOM   67   O  "O5'" . G   A 1 5  ? 7.764   7.177   16.449  1.00 32.44 ? 5   G   A "O5'" 1 
ATOM   68   C  "C5'" . G   A 1 5  ? 9.048   7.544   15.967  1.00 29.55 ? 5   G   A "C5'" 1 
ATOM   69   C  "C4'" . G   A 1 5  ? 9.960   6.356   15.768  1.00 29.32 ? 5   G   A "C4'" 1 
ATOM   70   O  "O4'" . G   A 1 5  ? 10.171  5.648   17.019  1.00 27.18 ? 5   G   A "O4'" 1 
ATOM   71   C  "C3'" . G   A 1 5  ? 9.483   5.269   14.820  1.00 30.71 ? 5   G   A "C3'" 1 
ATOM   72   O  "O3'" . G   A 1 5  ? 9.651   5.599   13.455  1.00 43.89 ? 5   G   A "O3'" 1 
ATOM   73   C  "C2'" . G   A 1 5  ? 10.332  4.085   15.250  1.00 35.34 ? 5   G   A "C2'" 1 
ATOM   74   O  "O2'" . G   A 1 5  ? 11.667  4.233   14.787  1.00 36.84 ? 5   G   A "O2'" 1 
ATOM   75   C  "C1'" . G   A 1 5  ? 10.330  4.265   16.763  1.00 30.84 ? 5   G   A "C1'" 1 
ATOM   76   N  N9    . G   A 1 5  ? 9.209   3.511   17.359  1.00 31.19 ? 5   G   A N9    1 
ATOM   77   C  C8    . G   A 1 5  ? 8.012   3.967   17.878  1.00 30.86 ? 5   G   A C8    1 
ATOM   78   N  N7    . G   A 1 5  ? 7.244   2.998   18.300  1.00 30.07 ? 5   G   A N7    1 
ATOM   79   C  C5    . G   A 1 5  ? 7.964   1.833   18.028  1.00 28.13 ? 5   G   A C5    1 
ATOM   80   C  C6    . G   A 1 5  ? 7.664   0.460   18.254  1.00 27.70 ? 5   G   A C6    1 
ATOM   81   O  O6    . G   A 1 5  ? 6.659   -0.051  18.763  1.00 30.64 ? 5   G   A O6    1 
ATOM   82   N  N1    . G   A 1 5  ? 8.686   -0.373  17.820  1.00 26.69 ? 5   G   A N1    1 
ATOM   83   C  C2    . G   A 1 5  ? 9.854   0.036   17.246  1.00 27.68 ? 5   G   A C2    1 
ATOM   84   N  N2    . G   A 1 5  ? 10.718  -0.929  16.902  1.00 27.14 ? 5   G   A N2    1 
ATOM   85   N  N3    . G   A 1 5  ? 10.153  1.304   17.035  1.00 30.44 ? 5   G   A N3    1 
ATOM   86   C  C4    . G   A 1 5  ? 9.171   2.139   17.443  1.00 28.42 ? 5   G   A C4    1 
ATOM   87   P  P     . U   A 1 6  ? 8.842   4.794   12.319  1.00 47.33 ? 6   U   A P     1 
ATOM   88   O  OP1   . U   A 1 6  ? 9.176   5.454   11.028  1.00 49.82 ? 6   U   A OP1   1 
ATOM   89   O  OP2   . U   A 1 6  ? 7.422   4.695   12.765  1.00 32.99 ? 6   U   A OP2   1 
ATOM   90   O  "O5'" . U   A 1 6  ? 9.496   3.330   12.302  1.00 40.34 ? 6   U   A "O5'" 1 
ATOM   91   C  "C5'" . U   A 1 6  ? 10.710  3.068   11.610  1.00 31.90 ? 6   U   A "C5'" 1 
ATOM   92   C  "C4'" . U   A 1 6  ? 11.119  1.615   11.702  1.00 34.24 ? 6   U   A "C4'" 1 
ATOM   93   O  "O4'" . U   A 1 6  ? 11.089  1.181   13.090  1.00 38.56 ? 6   U   A "O4'" 1 
ATOM   94   C  "C3'" . U   A 1 6  ? 10.227  0.603   10.996  1.00 36.80 ? 6   U   A "C3'" 1 
ATOM   95   O  "O3'" . U   A 1 6  ? 10.411  0.528   9.595   1.00 41.84 ? 6   U   A "O3'" 1 
ATOM   96   C  "C2'" . U   A 1 6  ? 10.557  -0.688  11.735  1.00 34.11 ? 6   U   A "C2'" 1 
ATOM   97   O  "O2'" . U   A 1 6  ? 11.823  -1.193  11.342  1.00 35.24 ? 6   U   A "O2'" 1 
ATOM   98   C  "C1'" . U   A 1 6  ? 10.676  -0.173  13.162  1.00 33.84 ? 6   U   A "C1'" 1 
ATOM   99   N  N1    . U   A 1 6  ? 9.364   -0.232  13.845  1.00 31.94 ? 6   U   A N1    1 
ATOM   100  C  C2    . U   A 1 6  ? 8.926   -1.459  14.293  1.00 30.33 ? 6   U   A C2    1 
ATOM   101  O  O2    . U   A 1 6  ? 9.567   -2.498  14.168  1.00 31.56 ? 6   U   A O2    1 
ATOM   102  N  N3    . U   A 1 6  ? 7.698   -1.421  14.907  1.00 30.35 ? 6   U   A N3    1 
ATOM   103  C  C4    . U   A 1 6  ? 6.865   -0.332  15.107  1.00 34.16 ? 6   U   A C4    1 
ATOM   104  O  O4    . U   A 1 6  ? 5.773   -0.472  15.678  1.00 29.30 ? 6   U   A O4    1 
ATOM   105  C  C5    . U   A 1 6  ? 7.393   0.896   14.602  1.00 36.74 ? 6   U   A C5    1 
ATOM   106  C  C6    . U   A 1 6  ? 8.590   0.897   14.006  1.00 34.05 ? 6   U   A C6    1 
ATOM   107  P  P     . C   A 1 7  ? 9.132   0.268   8.653   1.00 50.66 ? 7   C   A P     1 
ATOM   108  O  OP1   . C   A 1 7  ? 9.547   0.450   7.242   1.00 51.97 ? 7   C   A OP1   1 
ATOM   109  O  OP2   . C   A 1 7  ? 8.014   1.079   9.211   1.00 39.11 ? 7   C   A OP2   1 
ATOM   110  O  "O5'" . C   A 1 7  ? 8.753   -1.269  8.887   1.00 33.80 ? 7   C   A "O5'" 1 
ATOM   111  C  "C5'" . C   A 1 7  ? 9.667   -2.316  8.609   1.00 24.47 ? 7   C   A "C5'" 1 
ATOM   112  C  "C4'" . C   A 1 7  ? 9.213   -3.619  9.219   1.00 34.37 ? 7   C   A "C4'" 1 
ATOM   113  O  "O4'" . C   A 1 7  ? 8.983   -3.450  10.647  1.00 40.10 ? 7   C   A "O4'" 1 
ATOM   114  C  "C3'" . C   A 1 7  ? 7.895   -4.198  8.724   1.00 34.50 ? 7   C   A "C3'" 1 
ATOM   115  O  "O3'" . C   A 1 7  ? 7.966   -4.830  7.457   1.00 40.37 ? 7   C   A "O3'" 1 
ATOM   116  C  "C2'" . C   A 1 7  ? 7.525   -5.151  9.854   1.00 32.33 ? 7   C   A "C2'" 1 
ATOM   117  O  "O2'" . C   A 1 7  ? 8.302   -6.338  9.798   1.00 29.18 ? 7   C   A "O2'" 1 
ATOM   118  C  "C1'" . C   A 1 7  ? 7.969   -4.345  11.075  1.00 34.59 ? 7   C   A "C1'" 1 
ATOM   119  N  N1    . C   A 1 7  ? 6.836   -3.587  11.653  1.00 26.98 ? 7   C   A N1    1 
ATOM   120  C  C2    . C   A 1 7  ? 5.818   -4.305  12.285  1.00 28.10 ? 7   C   A C2    1 
ATOM   121  O  O2    . C   A 1 7  ? 5.895   -5.541  12.368  1.00 31.20 ? 7   C   A O2    1 
ATOM   122  N  N3    . C   A 1 7  ? 4.762   -3.643  12.808  1.00 29.50 ? 7   C   A N3    1 
ATOM   123  C  C4    . C   A 1 7  ? 4.695   -2.314  12.717  1.00 30.27 ? 7   C   A C4    1 
ATOM   124  N  N4    . C   A 1 7  ? 3.634   -1.699  13.254  1.00 29.49 ? 7   C   A N4    1 
ATOM   125  C  C5    . C   A 1 7  ? 5.719   -1.560  12.075  1.00 28.38 ? 7   C   A C5    1 
ATOM   126  C  C6    . C   A 1 7  ? 6.756   -2.233  11.561  1.00 29.70 ? 7   C   A C6    1 
ATOM   127  P  P     . G   A 1 8  ? 6.667   -4.868  6.498   1.00 43.82 ? 8   G   A P     1 
ATOM   128  O  OP1   . G   A 1 8  ? 7.053   -5.618  5.268   1.00 41.47 ? 8   G   A OP1   1 
ATOM   129  O  OP2   . G   A 1 8  ? 6.073   -3.505  6.440   1.00 29.16 ? 8   G   A OP2   1 
ATOM   130  O  "O5'" . G   A 1 8  ? 5.588   -5.730  7.293   1.00 35.39 ? 8   G   A "O5'" 1 
ATOM   131  C  "C5'" . G   A 1 8  ? 5.784   -7.109  7.557   1.00 27.70 ? 8   G   A "C5'" 1 
ATOM   132  C  "C4'" . G   A 1 8  ? 4.593   -7.690  8.268   1.00 28.49 ? 8   G   A "C4'" 1 
ATOM   133  O  "O4'" . G   A 1 8  ? 4.411   -7.047  9.554   1.00 32.87 ? 8   G   A "O4'" 1 
ATOM   134  C  "C3'" . G   A 1 8  ? 3.261   -7.494  7.573   1.00 32.11 ? 8   G   A "C3'" 1 
ATOM   135  O  "O3'" . G   A 1 8  ? 3.067   -8.420  6.521   1.00 32.47 ? 8   G   A "O3'" 1 
ATOM   136  C  "C2'" . G   A 1 8  ? 2.256   -7.623  8.716   1.00 33.10 ? 8   G   A "C2'" 1 
ATOM   137  O  "O2'" . G   A 1 8  ? 2.000   -8.984  9.028   1.00 40.76 ? 8   G   A "O2'" 1 
ATOM   138  C  "C1'" . G   A 1 8  ? 3.033   -7.005  9.881   1.00 31.42 ? 8   G   A "C1'" 1 
ATOM   139  N  N9    . G   A 1 8  ? 2.634   -5.609  10.151  1.00 28.33 ? 8   G   A N9    1 
ATOM   140  C  C8    . G   A 1 8  ? 3.319   -4.473  9.793   1.00 27.97 ? 8   G   A C8    1 
ATOM   141  N  N7    . G   A 1 8  ? 2.718   -3.381  10.177  1.00 29.69 ? 8   G   A N7    1 
ATOM   142  C  C5    . G   A 1 8  ? 1.572   -3.817  10.834  1.00 23.75 ? 8   G   A C5    1 
ATOM   143  C  C6    . G   A 1 8  ? 0.535   -3.073  11.465  1.00 24.80 ? 8   G   A C6    1 
ATOM   144  O  O6    . G   A 1 8  ? 0.416   -1.838  11.577  1.00 27.38 ? 8   G   A O6    1 
ATOM   145  N  N1    . G   A 1 8  ? -0.436  -3.913  12.003  1.00 22.95 ? 8   G   A N1    1 
ATOM   146  C  C2    . G   A 1 8  ? -0.409  -5.283  11.939  1.00 22.26 ? 8   G   A C2    1 
ATOM   147  N  N2    . G   A 1 8  ? -1.442  -5.899  12.519  1.00 17.97 ? 8   G   A N2    1 
ATOM   148  N  N3    . G   A 1 8  ? 0.550   -5.990  11.356  1.00 24.92 ? 8   G   A N3    1 
ATOM   149  C  C4    . G   A 1 8  ? 1.505   -5.193  10.826  1.00 24.65 ? 8   G   A C4    1 
ATOM   150  P  P     . C   A 1 9  ? 2.442   -7.939  5.126   1.00 35.30 ? 9   C   A P     1 
ATOM   151  O  OP1   . C   A 1 9  ? 2.753   -8.984  4.121   1.00 42.43 ? 9   C   A OP1   1 
ATOM   152  O  OP2   . C   A 1 9  ? 2.862   -6.541  4.838   1.00 33.90 ? 9   C   A OP2   1 
ATOM   153  O  "O5'" . C   A 1 9  ? 0.878   -7.969  5.416   1.00 33.36 ? 9   C   A "O5'" 1 
ATOM   154  C  "C5'" . C   A 1 9  ? 0.265   -9.141  5.927   1.00 28.51 ? 9   C   A "C5'" 1 
ATOM   155  C  "C4'" . C   A 1 9  ? -1.171  -8.883  6.299   1.00 28.62 ? 9   C   A "C4'" 1 
ATOM   156  O  "O4'" . C   A 1 9  ? -1.227  -8.199  7.576   1.00 28.93 ? 9   C   A "O4'" 1 
ATOM   157  C  "C3'" . C   A 1 9  ? -1.934  -7.963  5.363   1.00 35.17 ? 9   C   A "C3'" 1 
ATOM   158  O  "O3'" . C   A 1 9  ? -2.403  -8.607  4.197   1.00 37.93 ? 9   C   A "O3'" 1 
ATOM   159  C  "C2'" . C   A 1 9  ? -3.041  -7.428  6.258   1.00 33.30 ? 9   C   A "C2'" 1 
ATOM   160  O  "O2'" . C   A 1 9  ? -4.063  -8.398  6.424   1.00 36.25 ? 9   C   A "O2'" 1 
ATOM   161  C  "C1'" . C   A 1 9  ? -2.297  -7.279  7.583   1.00 30.85 ? 9   C   A "C1'" 1 
ATOM   162  N  N1    . C   A 1 9  ? -1.742  -5.917  7.743   1.00 26.50 ? 9   C   A N1    1 
ATOM   163  C  C2    . C   A 1 9  ? -2.601  -4.890  8.139   1.00 26.79 ? 9   C   A C2    1 
ATOM   164  O  O2    . C   A 1 9  ? -3.797  -5.161  8.345   1.00 27.51 ? 9   C   A O2    1 
ATOM   165  N  N3    . C   A 1 9  ? -2.113  -3.638  8.291   1.00 24.45 ? 9   C   A N3    1 
ATOM   166  C  C4    . C   A 1 9  ? -0.822  -3.408  8.058   1.00 22.33 ? 9   C   A C4    1 
ATOM   167  N  N4    . C   A 1 9  ? -0.369  -2.168  8.215   1.00 25.37 ? 9   C   A N4    1 
ATOM   168  C  C5    . C   A 1 9  ? 0.072   -4.436  7.657   1.00 24.79 ? 9   C   A C5    1 
ATOM   169  C  C6    . C   A 1 9  ? -0.423  -5.666  7.511   1.00 26.14 ? 9   C   A C6    1 
ATOM   170  P  P     . G   A 1 10 ? -2.659  -7.741  2.871   1.00 51.73 ? 10  G   A P     1 
ATOM   171  O  OP1   . G   A 1 10 ? -3.034  -8.686  1.779   1.00 50.09 ? 10  G   A OP1   1 
ATOM   172  O  OP2   . G   A 1 10 ? -1.484  -6.844  2.707   1.00 42.95 ? 10  G   A OP2   1 
ATOM   173  O  "O5'" . G   A 1 10 ? -3.916  -6.821  3.235   1.00 35.09 ? 10  G   A "O5'" 1 
ATOM   174  C  "C5'" . G   A 1 10 ? -5.217  -7.372  3.351   1.00 30.08 ? 10  G   A "C5'" 1 
ATOM   175  C  "C4'" . G   A 1 10 ? -6.227  -6.326  3.746   1.00 31.13 ? 10  G   A "C4'" 1 
ATOM   176  O  "O4'" . G   A 1 10 ? -5.832  -5.724  5.005   1.00 35.15 ? 10  G   A "O4'" 1 
ATOM   177  C  "C3'" . G   A 1 10 ? -6.373  -5.138  2.810   1.00 35.29 ? 10  G   A "C3'" 1 
ATOM   178  O  "O3'" . G   A 1 10 ? -7.173  -5.412  1.675   1.00 40.49 ? 10  G   A "O3'" 1 
ATOM   179  C  "C2'" . G   A 1 10 ? -6.960  -4.072  3.726   1.00 31.21 ? 10  G   A "C2'" 1 
ATOM   180  O  "O2'" . G   A 1 10 ? -8.342  -4.308  3.937   1.00 33.08 ? 10  G   A "O2'" 1 
ATOM   181  C  "C1'" . G   A 1 10 ? -6.225  -4.364  5.030   1.00 30.47 ? 10  G   A "C1'" 1 
ATOM   182  N  N9    . G   A 1 10 ? -5.023  -3.526  5.196   1.00 27.03 ? 10  G   A N9    1 
ATOM   183  C  C8    . G   A 1 10 ? -3.711  -3.921  5.056   1.00 26.46 ? 10  G   A C8    1 
ATOM   184  N  N7    . G   A 1 10 ? -2.857  -2.951  5.272   1.00 25.66 ? 10  G   A N7    1 
ATOM   185  C  C5    . G   A 1 10 ? -3.656  -1.856  5.576   1.00 22.55 ? 10  G   A C5    1 
ATOM   186  C  C6    . G   A 1 10 ? -3.301  -0.527  5.902   1.00 23.41 ? 10  G   A C6    1 
ATOM   187  O  O6    . G   A 1 10 ? -2.186  -0.017  6.003   1.00 29.27 ? 10  G   A O6    1 
ATOM   188  N  N1    . G   A 1 10 ? -4.408  0.258   6.138   1.00 23.15 ? 10  G   A N1    1 
ATOM   189  C  C2    . G   A 1 10 ? -5.699  -0.172  6.070   1.00 25.43 ? 10  G   A C2    1 
ATOM   190  N  N2    . G   A 1 10 ? -6.615  0.773   6.337   1.00 26.40 ? 10  G   A N2    1 
ATOM   191  N  N3    . G   A 1 10 ? -6.057  -1.416  5.772   1.00 24.18 ? 10  G   A N3    1 
ATOM   192  C  C4    . G   A 1 10 ? -4.990  -2.195  5.539   1.00 23.11 ? 10  G   A C4    1 
ATOM   193  P  P     . U   A 1 11 ? -6.937  -4.620  0.292   1.00 41.98 ? 11  U   A P     1 
ATOM   194  O  OP1   . U   A 1 11 ? -7.843  -5.244  -0.710  1.00 41.31 ? 11  U   A OP1   1 
ATOM   195  O  OP2   . U   A 1 11 ? -5.477  -4.565  0.027   1.00 33.95 ? 11  U   A OP2   1 
ATOM   196  O  "O5'" . U   A 1 11 ? -7.452  -3.138  0.589   1.00 31.91 ? 11  U   A "O5'" 1 
ATOM   197  C  "C5'" . U   A 1 11 ? -8.811  -2.908  0.910   1.00 29.11 ? 11  U   A "C5'" 1 
ATOM   198  C  "C4'" . U   A 1 11 ? -9.040  -1.492  1.363   1.00 37.95 ? 11  U   A "C4'" 1 
ATOM   199  O  "O4'" . U   A 1 11 ? -8.252  -1.211  2.549   1.00 42.04 ? 11  U   A "O4'" 1 
ATOM   200  C  "C3'" . U   A 1 11 ? -8.637  -0.399  0.388   1.00 40.25 ? 11  U   A "C3'" 1 
ATOM   201  O  "O3'" . U   A 1 11 ? -9.598  -0.195  -0.634  1.00 45.23 ? 11  U   A "O3'" 1 
ATOM   202  C  "C2'" . U   A 1 11 ? -8.451  0.808   1.306   1.00 33.46 ? 11  U   A "C2'" 1 
ATOM   203  O  "O2'" . U   A 1 11 ? -9.706  1.377   1.652   1.00 25.27 ? 11  U   A "O2'" 1 
ATOM   204  C  "C1'" . U   A 1 11 ? -7.856  0.148   2.554   1.00 34.34 ? 11  U   A "C1'" 1 
ATOM   205  N  N1    . U   A 1 11 ? -6.373  0.201   2.581   1.00 31.75 ? 11  U   A N1    1 
ATOM   206  C  C2    . U   A 1 11 ? -5.759  1.371   3.017   1.00 29.32 ? 11  U   A C2    1 
ATOM   207  O  O2    . U   A 1 11 ? -6.375  2.364   3.363   1.00 30.34 ? 11  U   A O2    1 
ATOM   208  N  N3    . U   A 1 11 ? -4.388  1.351   3.031   1.00 23.76 ? 11  U   A N3    1 
ATOM   209  C  C4    . U   A 1 11 ? -3.585  0.291   2.663   1.00 32.04 ? 11  U   A C4    1 
ATOM   210  O  O4    . U   A 1 11 ? -2.356  0.420   2.727   1.00 37.63 ? 11  U   A O4    1 
ATOM   211  C  C5    . U   A 1 11 ? -4.289  -0.886  2.225   1.00 28.12 ? 11  U   A C5    1 
ATOM   212  C  C6    . U   A 1 11 ? -5.626  -0.895  2.201   1.00 26.02 ? 11  U   A C6    1 
ATOM   213  P  P     . C   A 1 12 ? -9.135  0.164   -2.131  1.00 52.90 ? 12  C   A P     1 
ATOM   214  O  OP1   . C   A 1 12 ? -10.372 0.095   -2.956  1.00 44.24 ? 12  C   A OP1   1 
ATOM   215  O  OP2   . C   A 1 12 ? -7.936  -0.663  -2.458  1.00 42.68 ? 12  C   A OP2   1 
ATOM   216  O  "O5'" . C   A 1 12 ? -8.703  1.703   -2.060  1.00 37.50 ? 12  C   A "O5'" 1 
ATOM   217  C  "C5'" . C   A 1 12 ? -9.672  2.704   -1.778  1.00 37.72 ? 12  C   A "C5'" 1 
ATOM   218  C  "C4'" . C   A 1 12 ? -9.051  4.006   -1.333  1.00 36.13 ? 12  C   A "C4'" 1 
ATOM   219  O  "O4'" . C   A 1 12 ? -8.281  3.802   -0.119  1.00 31.55 ? 12  C   A "O4'" 1 
ATOM   220  C  "C3'" . C   A 1 12 ? -8.056  4.659   -2.277  1.00 35.99 ? 12  C   A "C3'" 1 
ATOM   221  O  "O3'" . C   A 1 12 ? -8.645  5.327   -3.381  1.00 32.14 ? 12  C   A "O3'" 1 
ATOM   222  C  "C2'" . C   A 1 12 ? -7.284  5.576   -1.338  1.00 36.47 ? 12  C   A "C2'" 1 
ATOM   223  O  "O2'" . C   A 1 12 ? -8.051  6.727   -1.005  1.00 40.03 ? 12  C   A "O2'" 1 
ATOM   224  C  "C1'" . C   A 1 12 ? -7.184  4.694   -0.094  1.00 29.29 ? 12  C   A "C1'" 1 
ATOM   225  N  N1    . C   A 1 12 ? -5.935  3.901   -0.090  1.00 30.59 ? 12  C   A N1    1 
ATOM   226  C  C2    . C   A 1 12 ? -4.721  4.521   0.212   1.00 27.93 ? 12  C   A C2    1 
ATOM   227  O  O2    . C   A 1 12 ? -4.713  5.726   0.472   1.00 30.83 ? 12  C   A O2    1 
ATOM   228  N  N3    . C   A 1 12 ? -3.580  3.796   0.207   1.00 29.02 ? 12  C   A N3    1 
ATOM   229  C  C4    . C   A 1 12 ? -3.614  2.492   -0.085  1.00 31.31 ? 12  C   A C4    1 
ATOM   230  N  N4    . C   A 1 12 ? -2.466  1.805   -0.078  1.00 31.39 ? 12  C   A N4    1 
ATOM   231  C  C5    . C   A 1 12 ? -4.836  1.830   -0.401  1.00 31.84 ? 12  C   A C5    1 
ATOM   232  C  C6    . C   A 1 12 ? -5.957  2.567   -0.390  1.00 34.55 ? 12  C   A C6    1 
ATOM   233  P  P     . G   A 1 13 ? -7.871  5.333   -4.793  1.00 50.47 ? 13  G   A P     1 
ATOM   234  O  OP1   . G   A 1 13 ? -8.761  5.918   -5.837  1.00 43.49 ? 13  G   A OP1   1 
ATOM   235  O  OP2   . G   A 1 13 ? -7.322  3.957   -4.982  1.00 37.66 ? 13  G   A OP2   1 
ATOM   236  O  "O5'" . G   A 1 13 ? -6.632  6.327   -4.572  1.00 35.94 ? 13  G   A "O5'" 1 
ATOM   237  C  "C5'" . G   A 1 13 ? -6.841  7.704   -4.311  1.00 31.47 ? 13  G   A "C5'" 1 
ATOM   238  C  "C4'" . G   A 1 13 ? -5.576  8.408   -3.877  1.00 41.99 ? 13  G   A "C4'" 1 
ATOM   239  O  "O4'" . G   A 1 13 ? -5.014  7.791   -2.684  1.00 42.52 ? 13  G   A "O4'" 1 
ATOM   240  C  "C3'" . G   A 1 13 ? -4.418  8.401   -4.853  1.00 42.65 ? 13  G   A "C3'" 1 
ATOM   241  O  "O3'" . G   A 1 13 ? -4.578  9.296   -5.940  1.00 36.48 ? 13  G   A "O3'" 1 
ATOM   242  C  "C2'" . G   A 1 13 ? -3.230  8.722   -3.944  1.00 42.36 ? 13  G   A "C2'" 1 
ATOM   243  O  "O2'" . G   A 1 13 ? -3.207  10.100  -3.608  1.00 36.51 ? 13  G   A "O2'" 1 
ATOM   244  C  "C1'" . G   A 1 13 ? -3.603  7.942   -2.687  1.00 34.95 ? 13  G   A "C1'" 1 
ATOM   245  N  N9    . G   A 1 13 ? -2.971  6.606   -2.638  1.00 32.65 ? 13  G   A N9    1 
ATOM   246  C  C8    . G   A 1 13 ? -3.602  5.403   -2.850  1.00 32.94 ? 13  G   A C8    1 
ATOM   247  N  N7    . G   A 1 13 ? -2.812  4.370   -2.726  1.00 29.85 ? 13  G   A N7    1 
ATOM   248  C  C5    . G   A 1 13 ? -1.582  4.921   -2.405  1.00 26.38 ? 13  G   A C5    1 
ATOM   249  C  C6    . G   A 1 13 ? -0.348  4.273   -2.155  1.00 27.09 ? 13  G   A C6    1 
ATOM   250  O  O6    . G   A 1 13 ? -0.116  3.055   -2.170  1.00 29.45 ? 13  G   A O6    1 
ATOM   251  N  N1    . G   A 1 13 ? 0.666   5.182   -1.872  1.00 26.53 ? 13  G   A N1    1 
ATOM   252  C  C2    . G   A 1 13 ? 0.503   6.547   -1.833  1.00 31.08 ? 13  G   A C2    1 
ATOM   253  N  N2    . G   A 1 13 ? 1.605   7.260   -1.541  1.00 27.02 ? 13  G   A N2    1 
ATOM   254  N  N3    . G   A 1 13 ? -0.653  7.167   -2.069  1.00 32.79 ? 13  G   A N3    1 
ATOM   255  C  C4    . G   A 1 13 ? -1.654  6.298   -2.347  1.00 30.56 ? 13  G   A C4    1 
ATOM   256  P  P     . A   A 1 14 ? -3.873  8.948   -7.345  1.00 49.89 ? 14  A   A P     1 
ATOM   257  O  OP1   . A   A 1 14 ? -4.392  9.868   -8.386  1.00 52.82 ? 14  A   A OP1   1 
ATOM   258  O  OP2   . A   A 1 14 ? -3.965  7.478   -7.555  1.00 46.42 ? 14  A   A OP2   1 
ATOM   259  O  "O5'" . A   A 1 14 ? -2.328  9.255   -7.093  1.00 37.32 ? 14  A   A "O5'" 1 
ATOM   260  C  "C5'" . A   A 1 14 ? -1.888  10.530  -6.652  1.00 37.81 ? 14  A   A "C5'" 1 
ATOM   261  C  "C4'" . A   A 1 14 ? -0.414  10.505  -6.344  1.00 37.31 ? 14  A   A "C4'" 1 
ATOM   262  O  "O4'" . A   A 1 14 ? -0.182  9.699   -5.159  1.00 37.02 ? 14  A   A "O4'" 1 
ATOM   263  C  "C3'" . A   A 1 14 ? 0.455   9.852   -7.410  1.00 38.98 ? 14  A   A "C3'" 1 
ATOM   264  O  "O3'" . A   A 1 14 ? 0.773   10.708  -8.489  1.00 37.68 ? 14  A   A "O3'" 1 
ATOM   265  C  "C2'" . A   A 1 14 ? 1.666   9.395   -6.620  1.00 35.54 ? 14  A   A "C2'" 1 
ATOM   266  O  "O2'" . A   A 1 14 ? 2.525   10.493  -6.369  1.00 36.39 ? 14  A   A "O2'" 1 
ATOM   267  C  "C1'" . A   A 1 14 ? 1.015   8.958   -5.306  1.00 36.05 ? 14  A   A "C1'" 1 
ATOM   268  N  N9    . A   A 1 14 ? 0.679   7.518   -5.329  1.00 30.46 ? 14  A   A N9    1 
ATOM   269  C  C8    . A   A 1 14 ? -0.521  6.943   -5.672  1.00 30.78 ? 14  A   A C8    1 
ATOM   270  N  N7    . A   A 1 14 ? -0.509  5.629   -5.615  1.00 29.76 ? 14  A   A N7    1 
ATOM   271  C  C5    . A   A 1 14 ? 0.781   5.312   -5.215  1.00 24.90 ? 14  A   A C5    1 
ATOM   272  C  C6    . A   A 1 14 ? 1.428   4.085   -4.967  1.00 25.04 ? 14  A   A C6    1 
ATOM   273  N  N6    . A   A 1 14 ? 0.851   2.889   -5.090  1.00 25.51 ? 14  A   A N6    1 
ATOM   274  N  N1    . A   A 1 14 ? 2.718   4.117   -4.580  1.00 27.06 ? 14  A   A N1    1 
ATOM   275  C  C2    . A   A 1 14 ? 3.303   5.317   -4.453  1.00 29.27 ? 14  A   A C2    1 
ATOM   276  N  N3    . A   A 1 14 ? 2.802   6.537   -4.660  1.00 28.09 ? 14  A   A N3    1 
ATOM   277  C  C4    . A   A 1 14 ? 1.521   6.467   -5.044  1.00 26.43 ? 14  A   A C4    1 
ATOM   278  P  P     . C   A 1 15 ? 0.989   10.086  -9.955  1.00 47.39 ? 15  C   A P     1 
ATOM   279  O  OP1   . C   A 1 15 ? 1.047   11.200  -10.940 1.00 47.42 ? 15  C   A OP1   1 
ATOM   280  O  OP2   . C   A 1 15 ? -0.012  9.003   -10.135 1.00 46.64 ? 15  C   A OP2   1 
ATOM   281  O  "O5'" . C   A 1 15 ? 2.419   9.389   -9.879  1.00 33.43 ? 15  C   A "O5'" 1 
ATOM   282  C  "C5'" . C   A 1 15 ? 3.596   10.141  -9.643  1.00 28.54 ? 15  C   A "C5'" 1 
ATOM   283  C  "C4'" . C   A 1 15 ? 4.727   9.245   -9.219  1.00 30.06 ? 15  C   A "C4'" 1 
ATOM   284  O  "O4'" . C   A 1 15 ? 4.326   8.484   -8.046  1.00 26.76 ? 15  C   A "O4'" 1 
ATOM   285  C  "C3'" . C   A 1 15 ? 5.133   8.175   -10.217 1.00 31.33 ? 15  C   A "C3'" 1 
ATOM   286  O  "O3'" . C   A 1 15 ? 5.939   8.653   -11.280 1.00 30.61 ? 15  C   A "O3'" 1 
ATOM   287  C  "C2'" . C   A 1 15 ? 5.805   7.132   -9.326  1.00 32.62 ? 15  C   A "C2'" 1 
ATOM   288  O  "O2'" . C   A 1 15 ? 7.124   7.524   -8.971  1.00 26.70 ? 15  C   A "O2'" 1 
ATOM   289  C  "C1'" . C   A 1 15 ? 4.922   7.200   -8.077  1.00 29.50 ? 15  C   A "C1'" 1 
ATOM   290  N  N1    . C   A 1 15 ? 3.854   6.171   -8.111  1.00 26.76 ? 15  C   A N1    1 
ATOM   291  C  C2    . C   A 1 15 ? 4.135   4.863   -7.680  1.00 26.31 ? 15  C   A C2    1 
ATOM   292  O  O2    . C   A 1 15 ? 5.266   4.568   -7.252  1.00 23.60 ? 15  C   A O2    1 
ATOM   293  N  N3    . C   A 1 15 ? 3.148   3.936   -7.727  1.00 26.17 ? 15  C   A N3    1 
ATOM   294  C  C4    . C   A 1 15 ? 1.940   4.265   -8.187  1.00 25.71 ? 15  C   A C4    1 
ATOM   295  N  N4    . C   A 1 15 ? 1.009   3.316   -8.219  1.00 27.38 ? 15  C   A N4    1 
ATOM   296  C  C5    . C   A 1 15 ? 1.625   5.581   -8.633  1.00 26.52 ? 15  C   A C5    1 
ATOM   297  C  C6    . C   A 1 15 ? 2.605   6.488   -8.576  1.00 27.99 ? 15  C   A C6    1 
ATOM   298  P  P     . G   A 1 16 ? 5.865   7.940   -12.724 1.00 42.84 ? 16  G   A P     1 
ATOM   299  O  OP1   . G   A 1 16 ? 6.637   8.758   -13.693 1.00 44.12 ? 16  G   A OP1   1 
ATOM   300  O  OP2   . G   A 1 16 ? 4.441   7.630   -13.034 1.00 31.92 ? 16  G   A OP2   1 
ATOM   301  O  "O5'" . G   A 1 16 ? 6.649   6.566   -12.517 1.00 31.06 ? 16  G   A "O5'" 1 
ATOM   302  C  "C5'" . G   A 1 16 ? 8.015   6.550   -12.130 1.00 26.38 ? 16  G   A "C5'" 1 
ATOM   303  C  "C4'" . G   A 1 16 ? 8.507   5.142   -11.881 1.00 29.94 ? 16  G   A "C4'" 1 
ATOM   304  O  "O4'" . G   A 1 16 ? 7.896   4.590   -10.681 1.00 33.47 ? 16  G   A "O4'" 1 
ATOM   305  C  "C3'" . G   A 1 16 ? 8.175   4.123   -12.955 1.00 28.95 ? 16  G   A "C3'" 1 
ATOM   306  O  "O3'" . G   A 1 16 ? 9.023   4.211   -14.085 1.00 37.74 ? 16  G   A "O3'" 1 
ATOM   307  C  "C2'" . G   A 1 16 ? 8.286   2.806   -12.201 1.00 30.36 ? 16  G   A "C2'" 1 
ATOM   308  O  "O2'" . G   A 1 16 ? 9.642   2.428   -12.035 1.00 33.24 ? 16  G   A "O2'" 1 
ATOM   309  C  "C1'" . G   A 1 16 ? 7.715   3.195   -10.836 1.00 32.57 ? 16  G   A "C1'" 1 
ATOM   310  N  N9    . G   A 1 16 ? 6.273   2.879   -10.759 1.00 30.94 ? 16  G   A N9    1 
ATOM   311  C  C8    . G   A 1 16 ? 5.210   3.733   -10.929 1.00 30.02 ? 16  G   A C8    1 
ATOM   312  N  N7    . G   A 1 16 ? 4.050   3.132   -10.839 1.00 28.36 ? 16  G   A N7    1 
ATOM   313  C  C5    . G   A 1 16 ? 4.367   1.806   -10.602 1.00 24.16 ? 16  G   A C5    1 
ATOM   314  C  C6    . G   A 1 16 ? 3.524   0.692   -10.403 1.00 25.95 ? 16  G   A C6    1 
ATOM   315  O  O6    . G   A 1 16 ? 2.293   0.665   -10.398 1.00 30.48 ? 16  G   A O6    1 
ATOM   316  N  N1    . G   A 1 16 ? 4.244   -0.479  -10.195 1.00 25.45 ? 16  G   A N1    1 
ATOM   317  C  C2    . G   A 1 16 ? 5.613   -0.558  -10.171 1.00 27.45 ? 16  G   A C2    1 
ATOM   318  N  N2    . G   A 1 16 ? 6.124   -1.776  -9.947  1.00 26.85 ? 16  G   A N2    1 
ATOM   319  N  N3    . G   A 1 16 ? 6.419   0.478   -10.353 1.00 28.30 ? 16  G   A N3    1 
ATOM   320  C  C4    . G   A 1 16 ? 5.731   1.626   -10.559 1.00 28.43 ? 16  G   A C4    1 
ATOM   321  P  P     . A   A 1 17 ? 8.387   4.353   -15.554 1.00 34.71 ? 17  A   A P     1 
ATOM   322  O  OP1   . A   A 1 17 ? 9.321   5.156   -16.371 1.00 44.87 ? 17  A   A OP1   1 
ATOM   323  O  OP2   . A   A 1 17 ? 6.966   4.760   -15.434 1.00 40.71 ? 17  A   A OP2   1 
ATOM   324  O  "O5'" . A   A 1 17 ? 8.377   2.866   -16.120 1.00 34.80 ? 17  A   A "O5'" 1 
ATOM   325  C  "C5'" . A   A 1 17 ? 9.451   2.376   -16.898 1.00 31.65 ? 17  A   A "C5'" 1 
ATOM   326  C  "C4'" . A   A 1 17 ? 9.013   2.055   -18.307 1.00 35.02 ? 17  A   A "C4'" 1 
ATOM   327  O  "O4'" . A   A 1 17 ? 10.179  2.059   -19.171 1.00 31.46 ? 17  A   A "O4'" 1 
ATOM   328  C  "C3'" . A   A 1 17 ? 8.363   0.686   -18.534 1.00 33.37 ? 17  A   A "C3'" 1 
ATOM   329  O  "O3'" . A   A 1 17 ? 6.959   0.699   -18.270 1.00 31.69 ? 17  A   A "O3'" 1 
ATOM   330  C  "C2'" . A   A 1 17 ? 8.703   0.397   -19.991 1.00 33.42 ? 17  A   A "C2'" 1 
ATOM   331  O  "O2'" . A   A 1 17 ? 7.828   1.119   -20.847 1.00 30.74 ? 17  A   A "O2'" 1 
ATOM   332  C  "C1'" . A   A 1 17 ? 10.095  1.016   -20.113 1.00 34.05 ? 17  A   A "C1'" 1 
ATOM   333  N  N9    . A   A 1 17 ? 11.195  0.064   -19.847 1.00 30.16 ? 17  A   A N9    1 
ATOM   334  C  C8    . A   A 1 17 ? 11.849  -0.142  -18.657 1.00 27.63 ? 17  A   A C8    1 
ATOM   335  N  N7    . A   A 1 17 ? 12.806  -1.036  -18.723 1.00 29.20 ? 17  A   A N7    1 
ATOM   336  C  C5    . A   A 1 17 ? 12.800  -1.439  -20.054 1.00 30.93 ? 17  A   A C5    1 
ATOM   337  C  C6    . A   A 1 17 ? 13.584  -2.371  -20.769 1.00 32.28 ? 17  A   A C6    1 
ATOM   338  N  N6    . A   A 1 17 ? 14.565  -3.088  -20.213 1.00 32.02 ? 17  A   A N6    1 
ATOM   339  N  N1    . A   A 1 17 ? 13.322  -2.558  -22.084 1.00 29.41 ? 17  A   A N1    1 
ATOM   340  C  C2    . A   A 1 17 ? 12.332  -1.832  -22.622 1.00 33.83 ? 17  A   A C2    1 
ATOM   341  N  N3    . A   A 1 17 ? 11.535  -0.915  -22.061 1.00 31.60 ? 17  A   A N3    1 
ATOM   342  C  C4    . A   A 1 17 ? 11.816  -0.766  -20.756 1.00 30.06 ? 17  A   A C4    1 
ATOM   343  P  P     . A   A 1 18 ? 6.073   -0.653  -18.145 1.00 31.88 ? 18  A   A P     1 
ATOM   344  O  OP1   . A   A 1 18 ? 4.651   -0.224  -18.269 1.00 27.35 ? 18  A   A OP1   1 
ATOM   345  O  OP2   . A   A 1 18 ? 6.480   -1.429  -16.946 1.00 27.61 ? 18  A   A OP2   1 
ATOM   346  O  "O5'" . A   A 1 18 ? 6.491   -1.551  -19.399 1.00 28.14 ? 18  A   A "O5'" 1 
ATOM   347  C  "C5'" . A   A 1 18 ? 5.773   -1.533  -20.626 1.00 24.36 ? 18  A   A "C5'" 1 
ATOM   348  C  "C4'" . A   A 1 18 ? 6.290   -2.606  -21.554 1.00 30.42 ? 18  A   A "C4'" 1 
ATOM   349  O  "O4'" . A   A 1 18 ? 7.718   -2.421  -21.732 1.00 34.53 ? 18  A   A "O4'" 1 
ATOM   350  C  "C3'" . A   A 1 18 ? 6.167   -4.046  -21.063 1.00 30.17 ? 18  A   A "C3'" 1 
ATOM   351  O  "O3'" . A   A 1 18 ? 4.893   -4.618  -21.302 1.00 25.43 ? 18  A   A "O3'" 1 
ATOM   352  C  "C2'" . A   A 1 18 ? 7.283   -4.756  -21.812 1.00 30.41 ? 18  A   A "C2'" 1 
ATOM   353  O  "O2'" . A   A 1 18 ? 6.882   -5.072  -23.134 1.00 37.90 ? 18  A   A "O2'" 1 
ATOM   354  C  "C1'" . A   A 1 18 ? 8.356   -3.670  -21.870 1.00 30.72 ? 18  A   A "C1'" 1 
ATOM   355  N  N9    . A   A 1 18 ? 9.335   -3.845  -20.784 1.00 32.71 ? 18  A   A N9    1 
ATOM   356  C  C8    . A   A 1 18 ? 9.267   -3.469  -19.465 1.00 33.03 ? 18  A   A C8    1 
ATOM   357  N  N7    . A   A 1 18 ? 10.323  -3.825  -18.767 1.00 32.34 ? 18  A   A N7    1 
ATOM   358  C  C5    . A   A 1 18 ? 11.129  -4.494  -19.687 1.00 32.65 ? 18  A   A C5    1 
ATOM   359  C  C6    . A   A 1 18 ? 12.388  -5.128  -19.593 1.00 28.13 ? 18  A   A C6    1 
ATOM   360  N  N6    . A   A 1 18 ? 13.132  -5.209  -18.493 1.00 22.75 ? 18  A   A N6    1 
ATOM   361  N  N1    . A   A 1 18 ? 12.885  -5.680  -20.712 1.00 35.52 ? 18  A   A N1    1 
ATOM   362  C  C2    . A   A 1 18 ? 12.169  -5.614  -21.846 1.00 35.82 ? 18  A   A C2    1 
ATOM   363  N  N3    . A   A 1 18 ? 10.984  -5.060  -22.066 1.00 30.06 ? 18  A   A N3    1 
ATOM   364  C  C4    . A   A 1 18 ? 10.520  -4.514  -20.931 1.00 31.41 ? 18  A   A C4    1 
ATOM   365  P  P     . G   A 1 19 ? 3.708   -4.416  -20.237 1.00 36.83 ? 19  G   A P     1 
ATOM   366  O  OP1   . G   A 1 19 ? 2.518   -3.982  -21.007 1.00 33.15 ? 19  G   A OP1   1 
ATOM   367  O  OP2   . G   A 1 19 ? 4.163   -3.599  -19.082 1.00 37.37 ? 19  G   A OP2   1 
ATOM   368  O  "O5'" . G   A 1 19 ? 3.530   -5.836  -19.539 1.00 34.83 ? 19  G   A "O5'" 1 
ATOM   369  C  "C5'" . G   A 1 19 ? 3.366   -7.036  -20.273 1.00 28.71 ? 19  G   A "C5'" 1 
ATOM   370  C  "C4'" . G   A 1 19 ? 2.587   -8.039  -19.464 1.00 28.03 ? 19  G   A "C4'" 1 
ATOM   371  O  "O4'" . G   A 1 19 ? 2.708   -7.733  -18.045 1.00 24.75 ? 19  G   A "O4'" 1 
ATOM   372  C  "C3'" . G   A 1 19 ? 1.091   -8.041  -19.721 1.00 29.31 ? 19  G   A "C3'" 1 
ATOM   373  O  "O3'" . G   A 1 19 ? 0.749   -8.830  -20.840 1.00 31.25 ? 19  G   A "O3'" 1 
ATOM   374  C  "C2'" . G   A 1 19 ? 0.530   -8.575  -18.416 1.00 27.32 ? 19  G   A "C2'" 1 
ATOM   375  O  "O2'" . G   A 1 19 ? 0.720   -9.978  -18.364 1.00 30.51 ? 19  G   A "O2'" 1 
ATOM   376  C  "C1'" . G   A 1 19 ? 1.463   -7.916  -17.402 1.00 27.84 ? 19  G   A "C1'" 1 
ATOM   377  N  N9    . G   A 1 19 ? 0.976   -6.577  -16.995 1.00 26.50 ? 19  G   A N9    1 
ATOM   378  C  C8    . G   A 1 19 ? 1.688   -5.421  -17.212 1.00 23.62 ? 19  G   A C8    1 
ATOM   379  N  N7    . G   A 1 19 ? 1.088   -4.347  -16.792 1.00 22.97 ? 19  G   A N7    1 
ATOM   380  C  C5    . G   A 1 19 ? -0.105  -4.803  -16.264 1.00 20.71 ? 19  G   A C5    1 
ATOM   381  C  C6    . G   A 1 19 ? -1.160  -4.056  -15.673 1.00 22.20 ? 19  G   A C6    1 
ATOM   382  O  O6    . G   A 1 19 ? -1.239  -2.831  -15.493 1.00 23.51 ? 19  G   A O6    1 
ATOM   383  N  N1    . G   A 1 19 ? -2.203  -4.873  -15.264 1.00 19.85 ? 19  G   A N1    1 
ATOM   384  C  C2    . G   A 1 19 ? -2.210  -6.230  -15.404 1.00 20.49 ? 19  G   A C2    1 
ATOM   385  N  N2    . G   A 1 19 ? -3.316  -6.795  -14.922 1.00 18.96 ? 19  G   A N2    1 
ATOM   386  N  N3    . G   A 1 19 ? -1.232  -6.957  -15.962 1.00 21.76 ? 19  G   A N3    1 
ATOM   387  C  C4    . G   A 1 19 ? -0.201  -6.182  -16.371 1.00 21.33 ? 19  G   A C4    1 
ATOM   388  P  P     . U   A 1 20 ? -0.319  -8.295  -21.902 1.00 29.75 ? 20  U   A P     1 
ATOM   389  O  OP1   . U   A 1 20 ? -0.249  -9.148  -23.124 1.00 29.23 ? 20  U   A OP1   1 
ATOM   390  O  OP2   . U   A 1 20 ? -0.166  -6.820  -22.001 1.00 27.25 ? 20  U   A OP2   1 
ATOM   391  O  "O5'" . U   A 1 20 ? -1.701  -8.599  -21.185 1.00 34.13 ? 20  U   A "O5'" 1 
ATOM   392  C  "C5'" . U   A 1 20 ? -1.945  -9.866  -20.597 1.00 24.14 ? 20  U   A "C5'" 1 
ATOM   393  C  "C4'" . U   A 1 20 ? -3.120  -9.806  -19.663 1.00 22.65 ? 20  U   A "C4'" 1 
ATOM   394  O  "O4'" . U   A 1 20 ? -2.810  -8.943  -18.540 1.00 26.18 ? 20  U   A "O4'" 1 
ATOM   395  C  "C3'" . U   A 1 20 ? -4.388  -9.200  -20.232 1.00 24.23 ? 20  U   A "C3'" 1 
ATOM   396  O  "O3'" . U   A 1 20 ? -5.123  -10.091 -21.040 1.00 30.26 ? 20  U   A "O3'" 1 
ATOM   397  C  "C2'" . U   A 1 20 ? -5.129  -8.780  -18.981 1.00 23.96 ? 20  U   A "C2'" 1 
ATOM   398  O  "O2'" . U   A 1 20 ? -5.691  -9.917  -18.346 1.00 24.96 ? 20  U   A "O2'" 1 
ATOM   399  C  "C1'" . U   A 1 20 ? -3.978  -8.283  -18.115 1.00 19.75 ? 20  U   A "C1'" 1 
ATOM   400  N  N1    . U   A 1 20 ? -3.762  -6.826  -18.233 1.00 22.94 ? 20  U   A N1    1 
ATOM   401  C  C2    . U   A 1 20 ? -4.713  -6.010  -17.665 1.00 18.98 ? 20  U   A C2    1 
ATOM   402  O  O2    . U   A 1 20 ? -5.699  -6.444  -17.110 1.00 20.62 ? 20  U   A O2    1 
ATOM   403  N  N3    . U   A 1 20 ? -4.466  -4.673  -17.770 1.00 17.99 ? 20  U   A N3    1 
ATOM   404  C  C4    . U   A 1 20 ? -3.376  -4.065  -18.362 1.00 21.90 ? 20  U   A C4    1 
ATOM   405  O  O4    . U   A 1 20 ? -3.308  -2.831  -18.354 1.00 21.85 ? 20  U   A O4    1 
ATOM   406  C  C5    . U   A 1 20 ? -2.422  -4.974  -18.931 1.00 19.59 ? 20  U   A C5    1 
ATOM   407  C  C6    . U   A 1 20 ? -2.638  -6.296  -18.844 1.00 22.74 ? 20  U   A C6    1 
ATOM   408  P  P     . C   A 1 21 ? -5.789  -9.551  -22.389 1.00 28.50 ? 21  C   A P     1 
ATOM   409  O  OP1   . C   A 1 21 ? -5.919  -10.691 -23.331 1.00 31.42 ? 21  C   A OP1   1 
ATOM   410  O  OP2   . C   A 1 21 ? -5.030  -8.331  -22.760 1.00 31.11 ? 21  C   A OP2   1 
ATOM   411  O  "O5'" . C   A 1 21 ? -7.244  -9.058  -21.955 1.00 25.22 ? 21  C   A "O5'" 1 
ATOM   412  C  "C5'" . C   A 1 21 ? -8.082  -9.851  -21.132 1.00 18.82 ? 21  C   A "C5'" 1 
ATOM   413  C  "C4'" . C   A 1 21 ? -9.006  -8.996  -20.296 1.00 26.81 ? 21  C   A "C4'" 1 
ATOM   414  O  "O4'" . C   A 1 21 ? -8.238  -8.164  -19.387 1.00 25.00 ? 21  C   A "O4'" 1 
ATOM   415  C  "C3'" . C   A 1 21 ? -9.881  -7.999  -21.040 1.00 25.18 ? 21  C   A "C3'" 1 
ATOM   416  O  "O3'" . C   A 1 21 ? -11.029 -8.591  -21.617 1.00 23.59 ? 21  C   A "O3'" 1 
ATOM   417  C  "C2'" . C   A 1 21 ? -10.223 -6.994  -19.950 1.00 21.69 ? 21  C   A "C2'" 1 
ATOM   418  O  "O2'" . C   A 1 21 ? -11.229 -7.524  -19.095 1.00 17.41 ? 21  C   A "O2'" 1 
ATOM   419  C  "C1'" . C   A 1 21 ? -8.914  -6.943  -19.165 1.00 17.21 ? 21  C   A "C1'" 1 
ATOM   420  N  N1    . C   A 1 21 ? -8.039  -5.837  -19.602 1.00 18.28 ? 21  C   A N1    1 
ATOM   421  C  C2    . C   A 1 21 ? -8.351  -4.501  -19.267 1.00 22.83 ? 21  C   A C2    1 
ATOM   422  O  O2    . C   A 1 21 ? -9.373  -4.235  -18.605 1.00 17.43 ? 21  C   A O2    1 
ATOM   423  N  N3    . C   A 1 21 ? -7.520  -3.513  -19.688 1.00 19.41 ? 21  C   A N3    1 
ATOM   424  C  C4    . C   A 1 21 ? -6.428  -3.819  -20.383 1.00 15.89 ? 21  C   A C4    1 
ATOM   425  N  N4    . C   A 1 21 ? -5.639  -2.822  -20.770 1.00 18.34 ? 21  C   A N4    1 
ATOM   426  C  C5    . C   A 1 21 ? -6.093  -5.157  -20.720 1.00 20.93 ? 21  C   A C5    1 
ATOM   427  C  C6    . C   A 1 21 ? -6.916  -6.127  -20.317 1.00 18.51 ? 21  C   A C6    1 
ATOM   428  P  P     . G   A 1 22 ? -11.761 -7.863  -22.845 1.00 20.28 ? 22  G   A P     1 
ATOM   429  O  OP1   . G   A 1 22 ? -12.721 -8.832  -23.414 1.00 22.39 ? 22  G   A OP1   1 
ATOM   430  O  OP2   . G   A 1 22 ? -10.691 -7.263  -23.676 1.00 19.09 ? 22  G   A OP2   1 
ATOM   431  O  "O5'" . G   A 1 22 ? -12.571 -6.654  -22.186 1.00 26.06 ? 22  G   A "O5'" 1 
ATOM   432  C  "C5'" . G   A 1 22 ? -13.625 -6.880  -21.260 1.00 21.69 ? 22  G   A "C5'" 1 
ATOM   433  C  "C4'" . G   A 1 22 ? -14.252 -5.580  -20.817 1.00 24.20 ? 22  G   A "C4'" 1 
ATOM   434  O  "O4'" . G   A 1 22 ? -13.284 -4.796  -20.072 1.00 27.85 ? 22  G   A "O4'" 1 
ATOM   435  C  "C3'" . G   A 1 22 ? -14.694 -4.637  -21.925 1.00 25.82 ? 22  G   A "C3'" 1 
ATOM   436  O  "O3'" . G   A 1 22 ? -15.940 -4.982  -22.501 1.00 26.69 ? 22  G   A "O3'" 1 
ATOM   437  C  "C2'" . G   A 1 22 ? -14.704 -3.288  -21.220 1.00 24.86 ? 22  G   A "C2'" 1 
ATOM   438  O  "O2'" . G   A 1 22 ? -15.843 -3.168  -20.382 1.00 23.64 ? 22  G   A "O2'" 1 
ATOM   439  C  "C1'" . G   A 1 22 ? -13.483 -3.418  -20.325 1.00 25.21 ? 22  G   A "C1'" 1 
ATOM   440  N  N9    . G   A 1 22 ? -12.266 -2.849  -20.942 1.00 23.54 ? 22  G   A N9    1 
ATOM   441  C  C8    . G   A 1 22 ? -11.210 -3.528  -21.508 1.00 20.92 ? 22  G   A C8    1 
ATOM   442  N  N7    . G   A 1 22 ? -10.275 -2.726  -21.952 1.00 21.69 ? 22  G   A N7    1 
ATOM   443  C  C5    . G   A 1 22 ? -10.734 -1.444  -21.664 1.00 22.91 ? 22  G   A C5    1 
ATOM   444  C  C6    . G   A 1 22 ? -10.145 -0.164  -21.901 1.00 22.61 ? 22  G   A C6    1 
ATOM   445  O  O6    . G   A 1 22 ? -9.065  0.112   -22.441 1.00 20.24 ? 22  G   A O6    1 
ATOM   446  N  N1    . G   A 1 22 ? -10.958 0.872   -21.443 1.00 24.04 ? 22  G   A N1    1 
ATOM   447  C  C2    . G   A 1 22 ? -12.177 0.710   -20.831 1.00 26.63 ? 22  G   A C2    1 
ATOM   448  N  N2    . G   A 1 22 ? -12.792 1.843   -20.469 1.00 25.28 ? 22  G   A N2    1 
ATOM   449  N  N3    . G   A 1 22 ? -12.737 -0.473  -20.594 1.00 25.69 ? 22  G   A N3    1 
ATOM   450  C  C4    . G   A 1 22 ? -11.966 -1.504  -21.034 1.00 24.44 ? 22  G   A C4    1 
ATOM   451  P  P     . C   A 1 23 ? -16.222 -4.641  -24.044 1.00 28.59 ? 23  C   A P     1 
ATOM   452  O  OP1   . C   A 1 23 ? -17.568 -5.168  -24.379 1.00 28.19 ? 23  C   A OP1   1 
ATOM   453  O  OP2   . C   A 1 23 ? -15.036 -5.091  -24.823 1.00 29.10 ? 23  C   A OP2   1 
ATOM   454  O  "O5'" . C   A 1 23 ? -16.263 -3.041  -24.101 1.00 28.62 ? 23  C   A "O5'" 1 
ATOM   455  C  "C5'" . C   A 1 23 ? -17.248 -2.297  -23.392 1.00 22.24 ? 23  C   A "C5'" 1 
ATOM   456  C  "C4'" . C   A 1 23 ? -17.064 -0.808  -23.571 1.00 28.71 ? 23  C   A "C4'" 1 
ATOM   457  O  "O4'" . C   A 1 23 ? -15.833 -0.371  -22.941 1.00 31.35 ? 23  C   A "O4'" 1 
ATOM   458  C  "C3'" . C   A 1 23 ? -16.947 -0.313  -25.005 1.00 35.71 ? 23  C   A "C3'" 1 
ATOM   459  O  "O3'" . C   A 1 23 ? -18.208 -0.171  -25.637 1.00 44.11 ? 23  C   A "O3'" 1 
ATOM   460  C  "C2'" . C   A 1 23 ? -16.196 1.009   -24.854 1.00 34.61 ? 23  C   A "C2'" 1 
ATOM   461  O  "O2'" . C   A 1 23 ? -17.088 2.069   -24.531 1.00 38.08 ? 23  C   A "O2'" 1 
ATOM   462  C  "C1'" . C   A 1 23 ? -15.286 0.725   -23.650 1.00 31.43 ? 23  C   A "C1'" 1 
ATOM   463  N  N1    . C   A 1 23 ? -13.900 0.402   -24.070 1.00 28.32 ? 23  C   A N1    1 
ATOM   464  C  C2    . C   A 1 23 ? -13.008 1.465   -24.210 1.00 26.88 ? 23  C   A C2    1 
ATOM   465  O  O2    . C   A 1 23 ? -13.422 2.603   -23.951 1.00 27.30 ? 23  C   A O2    1 
ATOM   466  N  N3    . C   A 1 23 ? -11.731 1.224   -24.608 1.00 26.48 ? 23  C   A N3    1 
ATOM   467  C  C4    . C   A 1 23 ? -11.339 -0.026  -24.863 1.00 22.72 ? 23  C   A C4    1 
ATOM   468  N  N4    . C   A 1 23 ? -10.083 -0.211  -25.254 1.00 21.94 ? 23  C   A N4    1 
ATOM   469  C  C5    . C   A 1 23 ? -12.223 -1.135  -24.735 1.00 21.85 ? 23  C   A C5    1 
ATOM   470  C  C6    . C   A 1 23 ? -13.482 -0.878  -24.349 1.00 26.80 ? 23  C   A C6    1 
ATOM   471  P  P     . G   B 1 3  ? -3.419  8.324   -27.445 1.00 73.83 ? 26  G   B P     1 
ATOM   472  O  OP1   . G   B 1 3  ? -2.690  9.531   -27.939 1.00 58.47 ? 26  G   B OP1   1 
ATOM   473  O  OP2   . G   B 1 3  ? -2.680  7.178   -26.847 1.00 50.34 ? 26  G   B OP2   1 
ATOM   474  O  "O5'" . G   B 1 3  ? -4.489  8.817   -26.372 1.00 57.46 ? 26  G   B "O5'" 1 
ATOM   475  C  "C5'" . G   B 1 3  ? -5.246  9.997   -26.595 1.00 49.04 ? 26  G   B "C5'" 1 
ATOM   476  C  "C4'" . G   B 1 3  ? -6.677  9.844   -26.138 1.00 43.11 ? 26  G   B "C4'" 1 
ATOM   477  O  "O4'" . G   B 1 3  ? -7.393  8.925   -27.004 1.00 37.00 ? 26  G   B "O4'" 1 
ATOM   478  C  "C3'" . G   B 1 3  ? -6.891  9.268   -24.749 1.00 37.09 ? 26  G   B "C3'" 1 
ATOM   479  O  "O3'" . G   B 1 3  ? -6.678  10.217  -23.720 1.00 35.93 ? 26  G   B "O3'" 1 
ATOM   480  C  "C2'" . G   B 1 3  ? -8.327  8.766   -24.829 1.00 39.61 ? 26  G   B "C2'" 1 
ATOM   481  O  "O2'" . G   B 1 3  ? -9.240  9.854   -24.743 1.00 33.91 ? 26  G   B "O2'" 1 
ATOM   482  C  "C1'" . G   B 1 3  ? -8.375  8.234   -26.259 1.00 34.91 ? 26  G   B "C1'" 1 
ATOM   483  N  N9    . G   B 1 3  ? -8.130  6.776   -26.353 1.00 35.10 ? 26  G   B N9    1 
ATOM   484  C  C8    . G   B 1 3  ? -7.035  6.148   -26.903 1.00 38.36 ? 26  G   B C8    1 
ATOM   485  N  N7    . G   B 1 3  ? -7.111  4.843   -26.870 1.00 31.93 ? 26  G   B N7    1 
ATOM   486  C  C5    . G   B 1 3  ? -8.341  4.582   -26.276 1.00 29.22 ? 26  G   B C5    1 
ATOM   487  C  C6    . G   B 1 3  ? -8.978  3.343   -25.974 1.00 30.48 ? 26  G   B C6    1 
ATOM   488  O  O6    . G   B 1 3  ? -8.576  2.188   -26.179 1.00 31.62 ? 26  G   B O6    1 
ATOM   489  N  N1    . G   B 1 3  ? -10.210 3.538   -25.363 1.00 26.11 ? 26  G   B N1    1 
ATOM   490  C  C2    . G   B 1 3  ? -10.759 4.767   -25.089 1.00 26.25 ? 26  G   B C2    1 
ATOM   491  N  N2    . G   B 1 3  ? -11.965 4.760   -24.501 1.00 24.26 ? 26  G   B N2    1 
ATOM   492  N  N3    . G   B 1 3  ? -10.175 5.920   -25.369 1.00 25.70 ? 26  G   B N3    1 
ATOM   493  C  C4    . G   B 1 3  ? -8.978  5.761   -25.955 1.00 25.46 ? 26  G   B C4    1 
ATOM   494  P  P     . C   B 1 4  ? -6.373  9.729   -22.218 1.00 35.23 ? 27  C   B P     1 
ATOM   495  O  OP1   . C   B 1 4  ? -6.098  10.938  -21.404 1.00 43.91 ? 27  C   B OP1   1 
ATOM   496  O  OP2   . C   B 1 4  ? -5.376  8.625   -22.264 1.00 33.27 ? 27  C   B OP2   1 
ATOM   497  O  "O5'" . C   B 1 4  ? -7.761  9.142   -21.704 1.00 29.76 ? 27  C   B "O5'" 1 
ATOM   498  C  "C5'" . C   B 1 4  ? -8.829  10.002  -21.345 1.00 29.15 ? 27  C   B "C5'" 1 
ATOM   499  C  "C4'" . C   B 1 4  ? -10.044 9.221   -20.913 1.00 30.54 ? 27  C   B "C4'" 1 
ATOM   500  O  "O4'" . C   B 1 4  ? -10.410 8.246   -21.927 1.00 30.25 ? 27  C   B "O4'" 1 
ATOM   501  C  "C3'" . C   B 1 4  ? -9.894  8.386   -19.657 1.00 29.69 ? 27  C   B "C3'" 1 
ATOM   502  O  "O3'" . C   B 1 4  ? -9.977  9.152   -18.468 1.00 36.35 ? 27  C   B "O3'" 1 
ATOM   503  C  "C2'" . C   B 1 4  ? -11.017 7.370   -19.807 1.00 26.09 ? 27  C   B "C2'" 1 
ATOM   504  O  "O2'" . C   B 1 4  ? -12.264 7.968   -19.483 1.00 30.28 ? 27  C   B "O2'" 1 
ATOM   505  C  "C1'" . C   B 1 4  ? -10.994 7.116   -21.313 1.00 27.30 ? 27  C   B "C1'" 1 
ATOM   506  N  N1    . C   B 1 4  ? -10.214 5.913   -21.691 1.00 30.72 ? 27  C   B N1    1 
ATOM   507  C  C2    . C   B 1 4  ? -10.666 4.621   -21.389 1.00 28.07 ? 27  C   B C2    1 
ATOM   508  O  O2    . C   B 1 4  ? -11.726 4.444   -20.759 1.00 31.17 ? 27  C   B O2    1 
ATOM   509  N  N3    . C   B 1 4  ? -9.920  3.570   -21.788 1.00 27.98 ? 27  C   B N3    1 
ATOM   510  C  C4    . C   B 1 4  ? -8.787  3.743   -22.459 1.00 24.98 ? 27  C   B C4    1 
ATOM   511  N  N4    . C   B 1 4  ? -8.099  2.659   -22.827 1.00 23.60 ? 27  C   B N4    1 
ATOM   512  C  C5    . C   B 1 4  ? -8.311  5.033   -22.788 1.00 27.20 ? 27  C   B C5    1 
ATOM   513  C  C6    . C   B 1 4  ? -9.054  6.071   -22.395 1.00 31.23 ? 27  C   B C6    1 
ATOM   514  P  P     . G   B 1 5  ? -9.206  8.647   -17.150 1.00 40.69 ? 28  G   B P     1 
ATOM   515  O  OP1   . G   B 1 5  ? -9.807  9.310   -15.965 1.00 35.34 ? 28  G   B OP1   1 
ATOM   516  O  OP2   . G   B 1 5  ? -7.745  8.760   -17.410 1.00 38.34 ? 28  G   B OP2   1 
ATOM   517  O  "O5'" . G   B 1 5  ? -9.523  7.084   -17.131 1.00 37.25 ? 28  G   B "O5'" 1 
ATOM   518  C  "C5'" . G   B 1 5  ? -9.914  6.402   -15.953 1.00 30.45 ? 28  G   B "C5'" 1 
ATOM   519  C  "C4'" . G   B 1 5  ? -10.848 5.259   -16.267 1.00 26.95 ? 28  G   B "C4'" 1 
ATOM   520  O  "O4'" . G   B 1 5  ? -10.699 4.854   -17.650 1.00 30.15 ? 28  G   B "O4'" 1 
ATOM   521  C  "C3'" . G   B 1 5  ? -10.596 3.985   -15.491 1.00 34.16 ? 28  G   B "C3'" 1 
ATOM   522  O  "O3'" . G   B 1 5  ? -11.131 4.030   -14.184 1.00 37.98 ? 28  G   B "O3'" 1 
ATOM   523  C  "C2'" . G   B 1 5  ? -11.226 2.925   -16.378 1.00 28.24 ? 28  G   B "C2'" 1 
ATOM   524  O  "O2'" . G   B 1 5  ? -12.635 2.947   -16.223 1.00 31.47 ? 28  G   B "O2'" 1 
ATOM   525  C  "C1'" . G   B 1 5  ? -10.891 3.461   -17.768 1.00 26.08 ? 28  G   B "C1'" 1 
ATOM   526  N  N9    . G   B 1 5  ? -9.669  2.860   -18.338 1.00 22.55 ? 28  G   B N9    1 
ATOM   527  C  C8    . G   B 1 5  ? -8.577  3.532   -18.833 1.00 23.36 ? 28  G   B C8    1 
ATOM   528  N  N7    . G   B 1 5  ? -7.640  2.748   -19.302 1.00 22.01 ? 28  G   B N7    1 
ATOM   529  C  C5    . G   B 1 5  ? -8.148  1.470   -19.115 1.00 23.71 ? 28  G   B C5    1 
ATOM   530  C  C6    . G   B 1 5  ? -7.578  0.201   -19.420 1.00 22.59 ? 28  G   B C6    1 
ATOM   531  O  O6    . G   B 1 5  ? -6.477  -0.051  -19.936 1.00 21.86 ? 28  G   B O6    1 
ATOM   532  N  N1    . G   B 1 5  ? -8.436  -0.841  -19.066 1.00 20.40 ? 28  G   B N1    1 
ATOM   533  C  C2    . G   B 1 5  ? -9.673  -0.681  -18.496 1.00 21.28 ? 28  G   B C2    1 
ATOM   534  N  N2    . G   B 1 5  ? -10.337 -1.811  -18.231 1.00 22.99 ? 28  G   B N2    1 
ATOM   535  N  N3    . G   B 1 5  ? -10.218 0.489   -18.204 1.00 22.96 ? 28  G   B N3    1 
ATOM   536  C  C4    . G   B 1 5  ? -9.407  1.521   -18.533 1.00 24.73 ? 28  G   B C4    1 
ATOM   537  P  P     . U   B 1 6  ? -10.227 3.551   -12.954 1.00 31.58 ? 29  U   B P     1 
ATOM   538  O  OP1   . U   B 1 6  ? -10.817 4.139   -11.719 1.00 33.25 ? 29  U   B OP1   1 
ATOM   539  O  OP2   . U   B 1 6  ? -8.809  3.874   -13.294 1.00 32.75 ? 29  U   B OP2   1 
ATOM   540  O  "O5'" . U   B 1 6  ? -10.408 1.962   -12.968 1.00 35.60 ? 29  U   B "O5'" 1 
ATOM   541  C  "C5'" . U   B 1 6  ? -11.680 1.367   -12.721 1.00 30.98 ? 29  U   B "C5'" 1 
ATOM   542  C  "C4'" . U   B 1 6  ? -11.671 -0.127  -12.955 1.00 30.25 ? 29  U   B "C4'" 1 
ATOM   543  O  "O4'" . U   B 1 6  ? -11.416 -0.407  -14.360 1.00 33.47 ? 29  U   B "O4'" 1 
ATOM   544  C  "C3'" . U   B 1 6  ? -10.596 -0.922  -12.240 1.00 27.95 ? 29  U   B "C3'" 1 
ATOM   545  O  "O3'" . U   B 1 6  ? -10.860 -1.156  -10.871 1.00 34.17 ? 29  U   B "O3'" 1 
ATOM   546  C  "C2'" . U   B 1 6  ? -10.504 -2.181  -13.091 1.00 27.15 ? 29  U   B "C2'" 1 
ATOM   547  O  "O2'" . U   B 1 6  ? -11.617 -3.034  -12.863 1.00 33.06 ? 29  U   B "O2'" 1 
ATOM   548  C  "C1'" . U   B 1 6  ? -10.650 -1.588  -14.484 1.00 24.22 ? 29  U   B "C1'" 1 
ATOM   549  N  N1    . U   B 1 6  ? -9.340  -1.222  -15.050 1.00 21.95 ? 29  U   B N1    1 
ATOM   550  C  C2    . U   B 1 6  ? -8.576  -2.236  -15.579 1.00 23.26 ? 29  U   B C2    1 
ATOM   551  O  O2    . U   B 1 6  ? -8.927  -3.406  -15.599 1.00 25.34 ? 29  U   B O2    1 
ATOM   552  N  N3    . U   B 1 6  ? -7.376  -1.827  -16.086 1.00 19.58 ? 29  U   B N3    1 
ATOM   553  C  C4    . U   B 1 6  ? -6.854  -0.554  -16.118 1.00 24.27 ? 29  U   B C4    1 
ATOM   554  O  O4    . U   B 1 6  ? -5.743  -0.367  -16.625 1.00 19.65 ? 29  U   B O4    1 
ATOM   555  C  C5    . U   B 1 6  ? -7.716  0.439   -15.543 1.00 27.68 ? 29  U   B C5    1 
ATOM   556  C  C6    . U   B 1 6  ? -8.902  0.082   -15.042 1.00 23.14 ? 29  U   B C6    1 
ATOM   557  P  P     . C   B 1 7  ? -9.647  -1.044  -9.823  1.00 46.05 ? 30  C   B P     1 
ATOM   558  O  OP1   . C   B 1 7  ? -10.225 -0.974  -8.455  1.00 35.16 ? 30  C   B OP1   1 
ATOM   559  O  OP2   . C   B 1 7  ? -8.744  0.033   -10.325 1.00 34.86 ? 30  C   B OP2   1 
ATOM   560  O  "O5'" . C   B 1 7  ? -8.859  -2.424  -9.989  1.00 37.69 ? 30  C   B "O5'" 1 
ATOM   561  C  "C5'" . C   B 1 7  ? -9.534  -3.671  -9.907  1.00 22.67 ? 30  C   B "C5'" 1 
ATOM   562  C  "C4'" . C   B 1 7  ? -8.754  -4.776  -10.577 1.00 24.20 ? 30  C   B "C4'" 1 
ATOM   563  O  "O4'" . C   B 1 7  ? -8.517  -4.461  -11.975 1.00 29.81 ? 30  C   B "O4'" 1 
ATOM   564  C  "C3'" . C   B 1 7  ? -7.358  -5.053  -10.047 1.00 26.37 ? 30  C   B "C3'" 1 
ATOM   565  O  "O3'" . C   B 1 7  ? -7.340  -5.759  -8.822  1.00 27.29 ? 30  C   B "O3'" 1 
ATOM   566  C  "C2'" . C   B 1 7  ? -6.730  -5.824  -11.201 1.00 26.32 ? 30  C   B "C2'" 1 
ATOM   567  O  "O2'" . C   B 1 7  ? -7.199  -7.166  -11.240 1.00 22.60 ? 30  C   B "O2'" 1 
ATOM   568  C  "C1'" . C   B 1 7  ? -7.311  -5.079  -12.404 1.00 28.87 ? 30  C   B "C1'" 1 
ATOM   569  N  N1    . C   B 1 7  ? -6.358  -4.060  -12.905 1.00 22.67 ? 30  C   B N1    1 
ATOM   570  C  C2    . C   B 1 7  ? -5.222  -4.539  -13.566 1.00 21.62 ? 30  C   B C2    1 
ATOM   571  O  O2    . C   B 1 7  ? -5.084  -5.755  -13.719 1.00 22.51 ? 30  C   B O2    1 
ATOM   572  N  N3    . C   B 1 7  ? -4.287  -3.683  -14.034 1.00 20.43 ? 30  C   B N3    1 
ATOM   573  C  C4    . C   B 1 7  ? -4.465  -2.380  -13.862 1.00 19.13 ? 30  C   B C4    1 
ATOM   574  N  N4    . C   B 1 7  ? -3.517  -1.582  -14.353 1.00 22.75 ? 30  C   B N4    1 
ATOM   575  C  C5    . C   B 1 7  ? -5.615  -1.851  -13.193 1.00 19.68 ? 30  C   B C5    1 
ATOM   576  C  C6    . C   B 1 7  ? -6.527  -2.714  -12.718 1.00 21.14 ? 30  C   B C6    1 
ATOM   577  P  P     . G   B 1 8  ? -6.194  -5.449  -7.739  1.00 33.20 ? 31  G   B P     1 
ATOM   578  O  OP1   . G   B 1 8  ? -6.639  -6.164  -6.513  1.00 31.97 ? 31  G   B OP1   1 
ATOM   579  O  OP2   . G   B 1 8  ? -5.928  -3.987  -7.745  1.00 28.53 ? 31  G   B OP2   1 
ATOM   580  O  "O5'" . G   B 1 8  ? -4.859  -6.114  -8.320  1.00 28.60 ? 31  G   B "O5'" 1 
ATOM   581  C  "C5'" . G   B 1 8  ? -4.837  -7.483  -8.707  1.00 24.69 ? 31  G   B "C5'" 1 
ATOM   582  C  "C4'" . G   B 1 8  ? -3.635  -7.830  -9.554  1.00 21.86 ? 31  G   B "C4'" 1 
ATOM   583  O  "O4'" . G   B 1 8  ? -3.654  -7.096  -10.809 1.00 30.55 ? 31  G   B "O4'" 1 
ATOM   584  C  "C3'" . G   B 1 8  ? -2.272  -7.507  -8.978  1.00 23.08 ? 31  G   B "C3'" 1 
ATOM   585  O  "O3'" . G   B 1 8  ? -1.868  -8.406  -7.959  1.00 26.26 ? 31  G   B "O3'" 1 
ATOM   586  C  "C2'" . G   B 1 8  ? -1.384  -7.516  -10.226 1.00 26.22 ? 31  G   B "C2'" 1 
ATOM   587  O  "O2'" . G   B 1 8  ? -1.064  -8.836  -10.638 1.00 19.89 ? 31  G   B "O2'" 1 
ATOM   588  C  "C1'" . G   B 1 8  ? -2.326  -6.907  -11.270 1.00 27.10 ? 31  G   B "C1'" 1 
ATOM   589  N  N9    . G   B 1 8  ? -2.063  -5.467  -11.458 1.00 22.16 ? 31  G   B N9    1 
ATOM   590  C  C8    . G   B 1 8  ? -2.798  -4.407  -11.010 1.00 21.83 ? 31  G   B C8    1 
ATOM   591  N  N7    . G   B 1 8  ? -2.286  -3.253  -11.329 1.00 20.94 ? 31  G   B N7    1 
ATOM   592  C  C5    . G   B 1 8  ? -1.136  -3.571  -12.019 1.00 19.54 ? 31  G   B C5    1 
ATOM   593  C  C6    . G   B 1 8  ? -0.167  -2.726  -12.606 1.00 18.61 ? 31  G   B C6    1 
ATOM   594  O  O6    . G   B 1 8  ? -0.135  -1.494  -12.631 1.00 17.56 ? 31  G   B O6    1 
ATOM   595  N  N1    . G   B 1 8  ? 0.839   -3.469  -13.209 1.00 21.57 ? 31  G   B N1    1 
ATOM   596  C  C2    . G   B 1 8  ? 0.910   -4.839  -13.238 1.00 20.59 ? 31  G   B C2    1 
ATOM   597  N  N2    . G   B 1 8  ? 1.968   -5.361  -13.870 1.00 23.52 ? 31  G   B N2    1 
ATOM   598  N  N3    . G   B 1 8  ? 0.009   -5.638  -12.698 1.00 19.84 ? 31  G   B N3    1 
ATOM   599  C  C4    . G   B 1 8  ? -0.980  -4.935  -12.107 1.00 20.60 ? 31  G   B C4    1 
ATOM   600  P  P     . C   B 1 9  ? -1.209  -7.843  -6.600  1.00 33.43 ? 32  C   B P     1 
ATOM   601  O  OP1   . C   B 1 9  ? -1.280  -8.946  -5.608  1.00 35.43 ? 32  C   B OP1   1 
ATOM   602  O  OP2   . C   B 1 9  ? -1.835  -6.539  -6.239  1.00 27.08 ? 32  C   B OP2   1 
ATOM   603  O  "O5'" . C   B 1 9  ? 0.324   -7.597  -6.990  1.00 23.27 ? 32  C   B "O5'" 1 
ATOM   604  C  "C5'" . C   B 1 9  ? 1.097   -8.637  -7.575  1.00 22.17 ? 32  C   B "C5'" 1 
ATOM   605  C  "C4'" . C   B 1 9  ? 2.470   -8.165  -7.989  1.00 28.01 ? 32  C   B "C4'" 1 
ATOM   606  O  "O4'" . C   B 1 9  ? 2.395   -7.424  -9.237  1.00 28.82 ? 32  C   B "O4'" 1 
ATOM   607  C  "C3'" . C   B 1 9  ? 3.163   -7.207  -7.031  1.00 31.02 ? 32  C   B "C3'" 1 
ATOM   608  O  "O3'" . C   B 1 9  ? 3.778   -7.855  -5.934  1.00 29.76 ? 32  C   B "O3'" 1 
ATOM   609  C  "C2'" . C   B 1 9  ? 4.146   -6.488  -7.939  1.00 28.24 ? 32  C   B "C2'" 1 
ATOM   610  O  "O2'" . C   B 1 9  ? 5.277   -7.303  -8.192  1.00 36.82 ? 32  C   B "O2'" 1 
ATOM   611  C  "C1'" . C   B 1 9  ? 3.327   -6.362  -9.224  1.00 25.06 ? 32  C   B "C1'" 1 
ATOM   612  N  N1    . C   B 1 9  ? 2.586   -5.082  -9.248  1.00 25.44 ? 32  C   B N1    1 
ATOM   613  C  C2    . C   B 1 9  ? 3.276   -3.940  -9.637  1.00 26.41 ? 32  C   B C2    1 
ATOM   614  O  O2    . C   B 1 9  ? 4.460   -4.053  -9.972  1.00 29.98 ? 32  C   B O2    1 
ATOM   615  N  N3    . C   B 1 9  ? 2.636   -2.747  -9.646  1.00 24.54 ? 32  C   B N3    1 
ATOM   616  C  C4    . C   B 1 9  ? 1.360   -2.671  -9.278  1.00 20.51 ? 32  C   B C4    1 
ATOM   617  N  N4    . C   B 1 9  ? 0.791   -1.473  -9.311  1.00 24.38 ? 32  C   B N4    1 
ATOM   618  C  C5    . C   B 1 9  ? 0.623   -3.809  -8.862  1.00 20.90 ? 32  C   B C5    1 
ATOM   619  C  C6    . C   B 1 9  ? 1.273   -4.978  -8.857  1.00 27.02 ? 32  C   B C6    1 
ATOM   620  P  P     . G   B 1 10 ? 3.879   -7.106  -4.515  1.00 40.67 ? 33  G   B P     1 
ATOM   621  O  OP1   . G   B 1 10 ? 4.467   -8.147  -3.634  1.00 34.36 ? 33  G   B OP1   1 
ATOM   622  O  OP2   . G   B 1 10 ? 2.605   -6.408  -4.150  1.00 25.28 ? 33  G   B OP2   1 
ATOM   623  O  "O5'" . G   B 1 10 ? 4.939   -5.936  -4.756  1.00 38.18 ? 33  G   B "O5'" 1 
ATOM   624  C  "C5'" . G   B 1 10 ? 6.324   -6.222  -4.885  1.00 30.74 ? 33  G   B "C5'" 1 
ATOM   625  C  "C4'" . G   B 1 10 ? 7.117   -5.022  -5.343  1.00 32.31 ? 33  G   B "C4'" 1 
ATOM   626  O  "O4'" . G   B 1 10 ? 6.520   -4.441  -6.533  1.00 33.51 ? 33  G   B "O4'" 1 
ATOM   627  C  "C3'" . G   B 1 10 ? 7.210   -3.852  -4.381  1.00 30.84 ? 33  G   B "C3'" 1 
ATOM   628  O  "O3'" . G   B 1 10 ? 8.156   -4.069  -3.350  1.00 36.45 ? 33  G   B "O3'" 1 
ATOM   629  C  "C2'" . G   B 1 10 ? 7.579   -2.703  -5.310  1.00 31.22 ? 33  G   B "C2'" 1 
ATOM   630  O  "O2'" . G   B 1 10 ? 8.954   -2.765  -5.656  1.00 33.70 ? 33  G   B "O2'" 1 
ATOM   631  C  "C1'" . G   B 1 10 ? 6.771   -3.052  -6.560  1.00 28.55 ? 33  G   B "C1'" 1 
ATOM   632  N  N9    . G   B 1 10 ? 5.486   -2.338  -6.599  1.00 27.90 ? 33  G   B N9    1 
ATOM   633  C  C8    . G   B 1 10 ? 4.238   -2.880  -6.432  1.00 27.00 ? 33  G   B C8    1 
ATOM   634  N  N7    . G   B 1 10 ? 3.294   -1.981  -6.506  1.00 27.95 ? 33  G   B N7    1 
ATOM   635  C  C5    . G   B 1 10 ? 3.965   -0.789  -6.736  1.00 24.33 ? 33  G   B C5    1 
ATOM   636  C  C6    . G   B 1 10 ? 3.465   0.514   -6.918  1.00 25.20 ? 33  G   B C6    1 
ATOM   637  O  O6    . G   B 1 10 ? 2.289   0.880   -6.908  1.00 33.56 ? 33  G   B O6    1 
ATOM   638  N  N1    . G   B 1 10 ? 4.474   1.437   -7.126  1.00 23.86 ? 33  G   B N1    1 
ATOM   639  C  C2    . G   B 1 10 ? 5.810   1.152   -7.162  1.00 27.28 ? 33  G   B C2    1 
ATOM   640  N  N2    . G   B 1 10 ? 6.622   2.205   -7.372  1.00 28.62 ? 33  G   B N2    1 
ATOM   641  N  N3    . G   B 1 10 ? 6.299   -0.069  -6.998  1.00 28.29 ? 33  G   B N3    1 
ATOM   642  C  C4    . G   B 1 10 ? 5.322   -0.985  -6.797  1.00 28.14 ? 33  G   B C4    1 
ATOM   643  P  P     . U   B 1 11 ? 7.880   -3.555  -1.844  1.00 48.95 ? 34  U   B P     1 
ATOM   644  O  OP1   . U   B 1 11 ? 8.883   -4.276  -1.015  1.00 41.79 ? 34  U   B OP1   1 
ATOM   645  O  OP2   . U   B 1 11 ? 6.427   -3.618  -1.504  1.00 35.84 ? 34  U   B OP2   1 
ATOM   646  O  "O5'" . U   B 1 11 ? 8.245   -2.000  -1.869  1.00 36.78 ? 34  U   B "O5'" 1 
ATOM   647  C  "C5'" . U   B 1 11 ? 9.523   -1.542  -2.280  1.00 34.26 ? 34  U   B "C5'" 1 
ATOM   648  C  "C4'" . U   B 1 11 ? 9.517   -0.055  -2.533  1.00 36.80 ? 34  U   B "C4'" 1 
ATOM   649  O  "O4'" . U   B 1 11 ? 8.711   0.248   -3.702  1.00 35.65 ? 34  U   B "O4'" 1 
ATOM   650  C  "C3'" . U   B 1 11 ? 8.906   0.810   -1.437  1.00 43.08 ? 34  U   B "C3'" 1 
ATOM   651  O  "O3'" . U   B 1 11 ? 9.778   1.038   -0.340  1.00 43.59 ? 34  U   B "O3'" 1 
ATOM   652  C  "C2'" . U   B 1 11 ? 8.523   2.079   -2.193  1.00 37.73 ? 34  U   B "C2'" 1 
ATOM   653  O  "O2'" . U   B 1 11 ? 9.662   2.901   -2.411  1.00 37.45 ? 34  U   B "O2'" 1 
ATOM   654  C  "C1'" . U   B 1 11 ? 8.076   1.505   -3.538  1.00 35.59 ? 34  U   B "C1'" 1 
ATOM   655  N  N1    . U   B 1 11 ? 6.602   1.332   -3.615  1.00 31.41 ? 34  U   B N1    1 
ATOM   656  C  C2    . U   B 1 11 ? 5.820   2.468   -3.836  1.00 30.51 ? 34  U   B C2    1 
ATOM   657  O  O2    . U   B 1 11 ? 6.281   3.588   -3.966  1.00 32.64 ? 34  U   B O2    1 
ATOM   658  N  N3    . U   B 1 11 ? 4.461   2.261   -3.905  1.00 26.91 ? 34  U   B N3    1 
ATOM   659  C  C4    . U   B 1 11 ? 3.818   1.047   -3.779  1.00 29.26 ? 34  U   B C4    1 
ATOM   660  O  O4    . U   B 1 11 ? 2.590   1.011   -3.870  1.00 30.52 ? 34  U   B O4    1 
ATOM   661  C  C5    . U   B 1 11 ? 4.687   -0.077  -3.557  1.00 28.33 ? 34  U   B C5    1 
ATOM   662  C  C6    . U   B 1 11 ? 6.015   0.092   -3.487  1.00 28.15 ? 34  U   B C6    1 
ATOM   663  P  P     . C   B 1 12 ? 9.188   1.320   1.135   1.00 53.76 ? 35  C   B P     1 
ATOM   664  O  OP1   . C   B 1 12 ? 10.379  1.345   2.023   1.00 53.65 ? 35  C   B OP1   1 
ATOM   665  O  OP2   . C   B 1 12 ? 8.061   0.397   1.454   1.00 32.39 ? 35  C   B OP2   1 
ATOM   666  O  "O5'" . C   B 1 12 ? 8.554   2.786   1.040   1.00 41.10 ? 35  C   B "O5'" 1 
ATOM   667  C  "C5'" . C   B 1 12 ? 9.356   3.914   0.725   1.00 35.74 ? 35  C   B "C5'" 1 
ATOM   668  C  "C4'" . C   B 1 12 ? 8.518   5.129   0.406   1.00 39.05 ? 35  C   B "C4'" 1 
ATOM   669  O  "O4'" . C   B 1 12 ? 7.729   4.898   -0.791  1.00 41.04 ? 35  C   B "O4'" 1 
ATOM   670  C  "C3'" . C   B 1 12 ? 7.488   5.529   1.447   1.00 38.53 ? 35  C   B "C3'" 1 
ATOM   671  O  "O3'" . C   B 1 12 ? 8.045   6.240   2.536   1.00 40.89 ? 35  C   B "O3'" 1 
ATOM   672  C  "C2'" . C   B 1 12 ? 6.493   6.344   0.628   1.00 37.96 ? 35  C   B "C2'" 1 
ATOM   673  O  "O2'" . C   B 1 12 ? 6.986   7.653   0.384   1.00 37.95 ? 35  C   B "O2'" 1 
ATOM   674  C  "C1'" . C   B 1 12 ? 6.495   5.582   -0.694  1.00 33.27 ? 35  C   B "C1'" 1 
ATOM   675  N  N1    . C   B 1 12 ? 5.401   4.592   -0.755  1.00 33.18 ? 35  C   B N1    1 
ATOM   676  C  C2    . C   B 1 12 ? 4.095   5.029   -1.027  1.00 31.36 ? 35  C   B C2    1 
ATOM   677  O  O2    . C   B 1 12 ? 3.884   6.238   -1.209  1.00 31.07 ? 35  C   B O2    1 
ATOM   678  N  N3    . C   B 1 12 ? 3.093   4.117   -1.082  1.00 28.41 ? 35  C   B N3    1 
ATOM   679  C  C4    . C   B 1 12 ? 3.364   2.820   -0.882  1.00 28.48 ? 35  C   B C4    1 
ATOM   680  N  N4    . C   B 1 12 ? 2.357   1.946   -0.943  1.00 26.64 ? 35  C   B N4    1 
ATOM   681  C  C5    . C   B 1 12 ? 4.685   2.349   -0.610  1.00 31.59 ? 35  C   B C5    1 
ATOM   682  C  C6    . C   B 1 12 ? 5.664   3.262   -0.555  1.00 33.69 ? 35  C   B C6    1 
ATOM   683  P  P     . G   B 1 13 ? 7.387   6.110   3.998   1.00 53.85 ? 36  G   B P     1 
ATOM   684  O  OP1   . G   B 1 13 ? 8.258   6.861   4.940   1.00 52.27 ? 36  G   B OP1   1 
ATOM   685  O  OP2   . G   B 1 13 ? 7.077   4.676   4.249   1.00 47.38 ? 36  G   B OP2   1 
ATOM   686  O  "O5'" . G   B 1 13 ? 6.013   6.910   3.889   1.00 35.52 ? 36  G   B "O5'" 1 
ATOM   687  C  "C5'" . G   B 1 13 ? 6.007   8.329   3.831   1.00 35.68 ? 36  G   B "C5'" 1 
ATOM   688  C  "C4'" . G   B 1 13 ? 4.657   8.865   3.430   1.00 39.97 ? 36  G   B "C4'" 1 
ATOM   689  O  "O4'" . G   B 1 13 ? 4.217   8.215   2.210   1.00 38.00 ? 36  G   B "O4'" 1 
ATOM   690  C  "C3'" . G   B 1 13 ? 3.511   8.616   4.398   1.00 42.97 ? 36  G   B "C3'" 1 
ATOM   691  O  "O3'" . G   B 1 13 ? 3.499   9.495   5.507   1.00 43.64 ? 36  G   B "O3'" 1 
ATOM   692  C  "C2'" . G   B 1 13 ? 2.291   8.751   3.496   1.00 41.76 ? 36  G   B "C2'" 1 
ATOM   693  O  "O2'" . G   B 1 13 ? 2.018   10.117  3.224   1.00 38.71 ? 36  G   B "O2'" 1 
ATOM   694  C  "C1'" . G   B 1 13 ? 2.807   8.119   2.206   1.00 36.17 ? 36  G   B "C1'" 1 
ATOM   695  N  N9    . G   B 1 13 ? 2.398   6.708   2.048   1.00 34.31 ? 36  G   B N9    1 
ATOM   696  C  C8    . G   B 1 13 ? 3.128   5.541   2.143   1.00 32.27 ? 36  G   B C8    1 
ATOM   697  N  N7    . G   B 1 13 ? 2.407   4.468   1.895   1.00 29.68 ? 36  G   B N7    1 
ATOM   698  C  C5    . G   B 1 13 ? 1.133   4.960   1.609   1.00 30.18 ? 36  G   B C5    1 
ATOM   699  C  C6    . G   B 1 13 ? -0.081  4.308   1.265   1.00 27.90 ? 36  G   B C6    1 
ATOM   700  O  O6    . G   B 1 13 ? -0.311  3.099   1.131   1.00 27.38 ? 36  G   B O6    1 
ATOM   701  N  N1    . G   B 1 13 ? -1.115  5.220   1.076   1.00 28.12 ? 36  G   B N1    1 
ATOM   702  C  C2    . G   B 1 13 ? -1.012  6.583   1.192   1.00 30.89 ? 36  G   B C2    1 
ATOM   703  N  N2    . G   B 1 13 ? -2.120  7.311   0.967   1.00 31.50 ? 36  G   B N2    1 
ATOM   704  N  N3    . G   B 1 13 ? 0.107   7.201   1.504   1.00 32.24 ? 36  G   B N3    1 
ATOM   705  C  C4    . G   B 1 13 ? 1.122   6.337   1.699   1.00 33.47 ? 36  G   B C4    1 
ATOM   706  P  P     . A   B 1 14 ? 3.086   8.939   6.958   1.00 48.85 ? 37  A   B P     1 
ATOM   707  O  OP1   . A   B 1 14 ? 3.640   9.855   7.996   1.00 46.52 ? 37  A   B OP1   1 
ATOM   708  O  OP2   . A   B 1 14 ? 3.406   7.487   6.982   1.00 33.84 ? 37  A   B OP2   1 
ATOM   709  O  "O5'" . A   B 1 14 ? 1.501   9.078   6.976   1.00 44.52 ? 37  A   B "O5'" 1 
ATOM   710  C  "C5'" . A   B 1 14 ? 0.872   10.329  6.751   1.00 33.85 ? 37  A   B "C5'" 1 
ATOM   711  C  "C4'" . A   B 1 14 ? -0.554  10.143  6.300   1.00 36.10 ? 37  A   B "C4'" 1 
ATOM   712  O  "O4'" . A   B 1 14 ? -0.575  9.403   5.049   1.00 41.32 ? 37  A   B "O4'" 1 
ATOM   713  C  "C3'" . A   B 1 14 ? -1.446  9.316   7.212   1.00 38.48 ? 37  A   B "C3'" 1 
ATOM   714  O  "O3'" . A   B 1 14 ? -1.916  10.014  8.353   1.00 36.61 ? 37  A   B "O3'" 1 
ATOM   715  C  "C2'" . A   B 1 14 ? -2.540  8.853   6.257   1.00 33.43 ? 37  A   B "C2'" 1 
ATOM   716  O  "O2'" . A   B 1 14 ? -3.427  9.921   5.956   1.00 33.87 ? 37  A   B "O2'" 1 
ATOM   717  C  "C1'" . A   B 1 14 ? -1.720  8.569   5.003   1.00 35.31 ? 37  A   B "C1'" 1 
ATOM   718  N  N9    . A   B 1 14 ? -1.290  7.155   4.936   1.00 38.10 ? 37  A   B N9    1 
ATOM   719  C  C8    . A   B 1 14 ? -0.079  6.598   5.280   1.00 34.22 ? 37  A   B C8    1 
ATOM   720  N  N7    . A   B 1 14 ? -0.026  5.294   5.098   1.00 32.96 ? 37  A   B N7    1 
ATOM   721  C  C5    . A   B 1 14 ? -1.284  4.969   4.600   1.00 30.10 ? 37  A   B C5    1 
ATOM   722  C  C6    . A   B 1 14 ? -1.876  3.754   4.207   1.00 29.75 ? 37  A   B C6    1 
ATOM   723  N  N6    . A   B 1 14 ? -1.254  2.571   4.245   1.00 28.17 ? 37  A   B N6    1 
ATOM   724  N  N1    . A   B 1 14 ? -3.153  3.785   3.762   1.00 30.66 ? 37  A   B N1    1 
ATOM   725  C  C2    . A   B 1 14 ? -3.792  4.955   3.713   1.00 28.83 ? 37  A   B C2    1 
ATOM   726  N  N3    . A   B 1 14 ? -3.351  6.161   4.053   1.00 34.09 ? 37  A   B N3    1 
ATOM   727  C  C4    . A   B 1 14 ? -2.075  6.102   4.497   1.00 37.27 ? 37  A   B C4    1 
ATOM   728  P  P     . C   B 1 15 ? -2.156  9.211   9.728   1.00 44.32 ? 38  C   B P     1 
ATOM   729  O  OP1   . C   B 1 15 ? -2.406  10.209  10.805  1.00 34.54 ? 38  C   B OP1   1 
ATOM   730  O  OP2   . C   B 1 15 ? -1.054  8.219   9.874   1.00 29.28 ? 38  C   B OP2   1 
ATOM   731  O  "O5'" . C   B 1 15 ? -3.493  8.377   9.465   1.00 34.21 ? 38  C   B "O5'" 1 
ATOM   732  C  "C5'" . C   B 1 15 ? -4.747  9.017   9.263   1.00 28.86 ? 38  C   B "C5'" 1 
ATOM   733  C  "C4'" . C   B 1 15 ? -5.787  8.047   8.746   1.00 33.46 ? 38  C   B "C4'" 1 
ATOM   734  O  "O4'" . C   B 1 15 ? -5.335  7.457   7.494   1.00 36.94 ? 38  C   B "O4'" 1 
ATOM   735  C  "C3'" . C   B 1 15 ? -6.077  6.844   9.633   1.00 30.17 ? 38  C   B "C3'" 1 
ATOM   736  O  "O3'" . C   B 1 15 ? -6.986  7.131   10.668  1.00 29.14 ? 38  C   B "O3'" 1 
ATOM   737  C  "C2'" . C   B 1 15 ? -6.608  5.822   8.642   1.00 33.31 ? 38  C   B "C2'" 1 
ATOM   738  O  "O2'" . C   B 1 15 ? -7.944  6.136   8.283   1.00 33.39 ? 38  C   B "O2'" 1 
ATOM   739  C  "C1'" . C   B 1 15 ? -5.713  6.092   7.438   1.00 32.15 ? 38  C   B "C1'" 1 
ATOM   740  N  N1    . C   B 1 15 ? -4.489  5.248   7.479   1.00 33.02 ? 38  C   B N1    1 
ATOM   741  C  C2    . C   B 1 15 ? -4.558  3.940   6.991   1.00 29.74 ? 38  C   B C2    1 
ATOM   742  O  O2    . C   B 1 15 ? -5.643  3.551   6.536   1.00 29.87 ? 38  C   B O2    1 
ATOM   743  N  N3    . C   B 1 15 ? -3.450  3.144   7.027   1.00 30.25 ? 38  C   B N3    1 
ATOM   744  C  C4    . C   B 1 15 ? -2.295  3.608   7.526   1.00 29.03 ? 38  C   B C4    1 
ATOM   745  N  N4    . C   B 1 15 ? -1.219  2.812   7.554   1.00 19.54 ? 38  C   B N4    1 
ATOM   746  C  C5    . C   B 1 15 ? -2.200  4.937   8.030   1.00 34.10 ? 38  C   B C5    1 
ATOM   747  C  C6    . C   B 1 15 ? -3.302  5.707   7.992   1.00 33.73 ? 38  C   B C6    1 
ATOM   748  P  P     . G   B 1 16 ? -6.895  6.336   12.055  1.00 37.37 ? 39  G   B P     1 
ATOM   749  O  OP1   . G   B 1 16 ? -7.846  6.981   12.998  1.00 36.40 ? 39  G   B OP1   1 
ATOM   750  O  OP2   . G   B 1 16 ? -5.461  6.175   12.414  1.00 34.54 ? 39  G   B OP2   1 
ATOM   751  O  "O5'" . G   B 1 16 ? -7.462  4.897   11.715  1.00 29.87 ? 39  G   B "O5'" 1 
ATOM   752  C  "C5'" . G   B 1 16 ? -8.803  4.715   11.299  1.00 28.04 ? 39  G   B "C5'" 1 
ATOM   753  C  "C4'" . G   B 1 16 ? -9.049  3.266   10.993  1.00 26.42 ? 39  G   B "C4'" 1 
ATOM   754  O  "O4'" . G   B 1 16 ? -8.263  2.869   9.838   1.00 30.80 ? 39  G   B "O4'" 1 
ATOM   755  C  "C3'" . G   B 1 16 ? -8.605  2.301   12.070  1.00 29.28 ? 39  G   B "C3'" 1 
ATOM   756  O  "O3'" . G   B 1 16 ? -9.534  2.219   13.132  1.00 33.50 ? 39  G   B "O3'" 1 
ATOM   757  C  "C2'" . G   B 1 16 ? -8.445  1.006   11.292  1.00 30.67 ? 39  G   B "C2'" 1 
ATOM   758  O  "O2'" . G   B 1 16 ? -9.722  0.453   11.015  1.00 29.71 ? 39  G   B "O2'" 1 
ATOM   759  C  "C1'" . G   B 1 16 ? -7.862  1.522   9.976   1.00 27.81 ? 39  G   B "C1'" 1 
ATOM   760  N  N9    . G   B 1 16 ? -6.385  1.444   9.926   1.00 26.08 ? 39  G   B N9    1 
ATOM   761  C  C8    . G   B 1 16 ? -5.481  2.458   10.168  1.00 26.83 ? 39  G   B C8    1 
ATOM   762  N  N7    . G   B 1 16 ? -4.232  2.083   10.040  1.00 25.14 ? 39  G   B N7    1 
ATOM   763  C  C5    . G   B 1 16 ? -4.302  0.733   9.686   1.00 26.42 ? 39  G   B C5    1 
ATOM   764  C  C6    . G   B 1 16 ? -3.273  -0.229  9.410   1.00 26.44 ? 39  G   B C6    1 
ATOM   765  O  O6    . G   B 1 16 ? -2.042  -0.099  9.415   1.00 29.46 ? 39  G   B O6    1 
ATOM   766  N  N1    . G   B 1 16 ? -3.783  -1.479  9.097   1.00 21.45 ? 39  G   B N1    1 
ATOM   767  C  C2    . G   B 1 16 ? -5.117  -1.766  9.043   1.00 22.80 ? 39  G   B C2    1 
ATOM   768  N  N2    . G   B 1 16 ? -5.391  -3.030  8.709   1.00 22.43 ? 39  G   B N2    1 
ATOM   769  N  N3    . G   B 1 16 ? -6.094  -0.899  9.297   1.00 22.05 ? 39  G   B N3    1 
ATOM   770  C  C4    . G   B 1 16 ? -5.625  0.329   9.610   1.00 25.27 ? 39  G   B C4    1 
ATOM   771  P  P     . A   B 1 17 ? -9.043  2.211   14.666  1.00 37.53 ? 40  A   B P     1 
ATOM   772  O  OP1   . A   B 1 17 ? -9.679  3.367   15.351  1.00 41.15 ? 40  A   B OP1   1 
ATOM   773  O  OP2   . A   B 1 17 ? -7.572  2.089   14.779  1.00 29.66 ? 40  A   B OP2   1 
ATOM   774  O  "O5'" . A   B 1 17 ? -9.745  0.902   15.229  1.00 37.91 ? 40  A   B "O5'" 1 
ATOM   775  C  "C5'" . A   B 1 17 ? -9.007  -0.263  15.541  1.00 33.75 ? 40  A   B "C5'" 1 
ATOM   776  C  "C4'" . A   B 1 17 ? -9.238  -0.641  16.979  1.00 34.38 ? 40  A   B "C4'" 1 
ATOM   777  O  "O4'" . A   B 1 17 ? -10.625 -0.979  17.197  1.00 34.10 ? 40  A   B "O4'" 1 
ATOM   778  C  "C3'" . A   B 1 17 ? -8.485  -1.846  17.493  1.00 30.96 ? 40  A   B "C3'" 1 
ATOM   779  O  "O3'" . A   B 1 17 ? -7.157  -1.500  17.819  1.00 30.70 ? 40  A   B "O3'" 1 
ATOM   780  C  "C2'" . A   B 1 17 ? -9.312  -2.267  18.707  1.00 30.46 ? 40  A   B "C2'" 1 
ATOM   781  O  "O2'" . A   B 1 17 ? -8.961  -1.487  19.840  1.00 25.84 ? 40  A   B "O2'" 1 
ATOM   782  C  "C1'" . A   B 1 17 ? -10.728 -1.871  18.281  1.00 30.38 ? 40  A   B "C1'" 1 
ATOM   783  N  N9    . A   B 1 17 ? -11.580 -3.005  17.888  1.00 28.15 ? 40  A   B N9    1 
ATOM   784  C  C8    . A   B 1 17 ? -11.839 -3.468  16.625  1.00 32.45 ? 40  A   B C8    1 
ATOM   785  N  N7    . A   B 1 17 ? -12.672 -4.482  16.589  1.00 31.42 ? 40  A   B N7    1 
ATOM   786  C  C5    . A   B 1 17 ? -12.990 -4.683  17.929  1.00 33.12 ? 40  A   B C5    1 
ATOM   787  C  C6    . A   B 1 17 ? -13.830 -5.613  18.572  1.00 29.00 ? 40  A   B C6    1 
ATOM   788  N  N6    . A   B 1 17 ? -14.519 -6.537  17.908  1.00 23.98 ? 40  A   B N6    1 
ATOM   789  N  N1    . A   B 1 17 ? -13.925 -5.559  19.921  1.00 26.40 ? 40  A   B N1    1 
ATOM   790  C  C2    . A   B 1 17 ? -13.223 -4.618  20.563  1.00 29.56 ? 40  A   B C2    1 
ATOM   791  N  N3    . A   B 1 17 ? -12.401 -3.686  20.074  1.00 27.84 ? 40  A   B N3    1 
ATOM   792  C  C4    . A   B 1 17 ? -12.327 -3.777  18.738  1.00 28.76 ? 40  A   B C4    1 
ATOM   793  P  P     . A   B 1 18 ? -5.928  -2.274  17.150  1.00 33.35 ? 41  A   B P     1 
ATOM   794  O  OP1   . A   B 1 18 ? -4.795  -1.302  17.101  1.00 30.98 ? 41  A   B OP1   1 
ATOM   795  O  OP2   . A   B 1 18 ? -6.386  -2.960  15.914  1.00 24.45 ? 41  A   B OP2   1 
ATOM   796  O  "O5'" . A   B 1 18 ? -5.578  -3.380  18.238  1.00 29.87 ? 41  A   B "O5'" 1 
ATOM   797  C  "C5'" . A   B 1 18 ? -5.445  -3.027  19.609  1.00 25.76 ? 41  A   B "C5'" 1 
ATOM   798  C  "C4'" . A   B 1 18 ? -5.743  -4.212  20.482  1.00 24.06 ? 41  A   B "C4'" 1 
ATOM   799  O  "O4'" . A   B 1 18 ? -7.155  -4.514  20.391  1.00 25.37 ? 41  A   B "O4'" 1 
ATOM   800  C  "C3'" . A   B 1 18 ? -5.031  -5.488  20.064  1.00 21.08 ? 41  A   B "C3'" 1 
ATOM   801  O  "O3'" . A   B 1 18 ? -3.793  -5.629  20.740  1.00 21.55 ? 41  A   B "O3'" 1 
ATOM   802  C  "C2'" . A   B 1 18 ? -6.014  -6.590  20.441  1.00 24.33 ? 41  A   B "C2'" 1 
ATOM   803  O  "O2'" . A   B 1 18 ? -5.852  -6.960  21.799  1.00 27.77 ? 41  A   B "O2'" 1 
ATOM   804  C  "C1'" . A   B 1 18 ? -7.363  -5.895  20.303  1.00 21.99 ? 41  A   B "C1'" 1 
ATOM   805  N  N9    . A   B 1 18 ? -8.035  -6.171  19.025  1.00 25.16 ? 41  A   B N9    1 
ATOM   806  C  C8    . A   B 1 18 ? -7.616  -5.840  17.766  1.00 27.47 ? 41  A   B C8    1 
ATOM   807  N  N7    . A   B 1 18 ? -8.456  -6.206  16.826  1.00 27.31 ? 41  A   B N7    1 
ATOM   808  C  C5    . A   B 1 18 ? -9.502  -6.790  17.514  1.00 24.16 ? 41  A   B C5    1 
ATOM   809  C  C6    . A   B 1 18 ? -10.703 -7.371  17.082  1.00 28.42 ? 41  A   B C6    1 
ATOM   810  N  N6    . A   B 1 18 ? -11.063 -7.460  15.798  1.00 30.39 ? 41  A   B N6    1 
ATOM   811  N  N1    . A   B 1 18 ? -11.530 -7.870  18.031  1.00 30.30 ? 41  A   B N1    1 
ATOM   812  C  C2    . A   B 1 18 ? -11.162 -7.780  19.322  1.00 27.84 ? 41  A   B C2    1 
ATOM   813  N  N3    . A   B 1 18 ? -10.055 -7.258  19.845  1.00 25.64 ? 41  A   B N3    1 
ATOM   814  C  C4    . A   B 1 18 ? -9.262  -6.769  18.874  1.00 25.69 ? 41  A   B C4    1 
ATOM   815  P  P     . G   B 1 19 ? -2.380  -5.214  20.088  1.00 23.91 ? 42  G   B P     1 
ATOM   816  O  OP1   . G   B 1 19 ? -1.413  -5.341  21.210  1.00 29.52 ? 42  G   B OP1   1 
ATOM   817  O  OP2   . G   B 1 19 ? -2.436  -3.916  19.378  1.00 25.42 ? 42  G   B OP2   1 
ATOM   818  O  "O5'" . G   B 1 19 ? -2.065  -6.377  19.051  1.00 20.50 ? 42  G   B "O5'" 1 
ATOM   819  C  "C5'" . G   B 1 19 ? -2.264  -7.736  19.405  1.00 21.89 ? 42  G   B "C5'" 1 
ATOM   820  C  "C4'" . G   B 1 19 ? -1.491  -8.648  18.495  1.00 24.02 ? 42  G   B "C4'" 1 
ATOM   821  O  "O4'" . G   B 1 19 ? -1.762  -8.300  17.107  1.00 25.54 ? 42  G   B "O4'" 1 
ATOM   822  C  "C3'" . G   B 1 19 ? 0.020   -8.556  18.628  1.00 22.91 ? 42  G   B "C3'" 1 
ATOM   823  O  "O3'" . G   B 1 19 ? 0.504   -9.365  19.694  1.00 22.30 ? 42  G   B "O3'" 1 
ATOM   824  C  "C2'" . G   B 1 19 ? 0.504   -8.979  17.242  1.00 24.30 ? 42  G   B "C2'" 1 
ATOM   825  O  "O2'" . G   B 1 19 ? 0.457   -10.393 17.103  1.00 25.01 ? 42  G   B "O2'" 1 
ATOM   826  C  "C1'" . G   B 1 19 ? -0.576  -8.371  16.345  1.00 23.32 ? 42  G   B "C1'" 1 
ATOM   827  N  N9    . G   B 1 19 ? -0.248  -6.994  15.938  1.00 21.35 ? 42  G   B N9    1 
ATOM   828  C  C8    . G   B 1 19 ? -1.056  -5.914  16.205  1.00 22.82 ? 42  G   B C8    1 
ATOM   829  N  N7    . G   B 1 19 ? -0.573  -4.784  15.773  1.00 22.71 ? 42  G   B N7    1 
ATOM   830  C  C5    . G   B 1 19 ? 0.627   -5.134  15.182  1.00 22.10 ? 42  G   B C5    1 
ATOM   831  C  C6    . G   B 1 19 ? 1.585   -4.306  14.544  1.00 25.07 ? 42  G   B C6    1 
ATOM   832  O  O6    . G   B 1 19 ? 1.543   -3.081  14.377  1.00 25.03 ? 42  G   B O6    1 
ATOM   833  N  N1    . G   B 1 19 ? 2.667   -5.046  14.072  1.00 24.99 ? 42  G   B N1    1 
ATOM   834  C  C2    . G   B 1 19 ? 2.797   -6.406  14.211  1.00 23.89 ? 42  G   B C2    1 
ATOM   835  N  N2    . G   B 1 19 ? 3.912   -6.924  13.694  1.00 24.45 ? 42  G   B N2    1 
ATOM   836  N  N3    . G   B 1 19 ? 1.909   -7.194  14.810  1.00 23.20 ? 42  G   B N3    1 
ATOM   837  C  C4    . G   B 1 19 ? 0.848   -6.498  15.269  1.00 20.60 ? 42  G   B C4    1 
ATOM   838  P  P     . U   B 1 20 ? 1.803   -8.941  20.547  1.00 29.85 ? 43  U   B P     1 
ATOM   839  O  OP1   . U   B 1 20 ? 2.054   -10.031 21.522  1.00 17.72 ? 43  U   B OP1   1 
ATOM   840  O  OP2   . U   B 1 20 ? 1.687   -7.540  21.053  1.00 24.93 ? 43  U   B OP2   1 
ATOM   841  O  "O5'" . U   B 1 20 ? 2.973   -8.973  19.461  1.00 31.12 ? 43  U   B "O5'" 1 
ATOM   842  C  "C5'" . U   B 1 20 ? 3.374   -10.195 18.856  1.00 22.66 ? 43  U   B "C5'" 1 
ATOM   843  C  "C4'" . U   B 1 20 ? 4.562   -9.989  17.955  1.00 26.30 ? 43  U   B "C4'" 1 
ATOM   844  O  "O4'" . U   B 1 20 ? 4.181   -9.145  16.843  1.00 26.85 ? 43  U   B "O4'" 1 
ATOM   845  C  "C3'" . U   B 1 20 ? 5.752   -9.272  18.572  1.00 24.14 ? 43  U   B "C3'" 1 
ATOM   846  O  "O3'" . U   B 1 20 ? 6.583   -10.140 19.313  1.00 23.53 ? 43  U   B "O3'" 1 
ATOM   847  C  "C2'" . U   B 1 20 ? 6.448   -8.674  17.363  1.00 23.86 ? 43  U   B "C2'" 1 
ATOM   848  O  "O2'" . U   B 1 20 ? 7.218   -9.660  16.702  1.00 29.10 ? 43  U   B "O2'" 1 
ATOM   849  C  "C1'" . U   B 1 20 ? 5.257   -8.317  16.475  1.00 22.76 ? 43  U   B "C1'" 1 
ATOM   850  N  N1    . U   B 1 20 ? 4.822   -6.927  16.668  1.00 26.11 ? 43  U   B N1    1 
ATOM   851  C  C2    . U   B 1 20 ? 5.595   -5.946  16.104  1.00 27.33 ? 43  U   B C2    1 
ATOM   852  O  O2    . U   B 1 20 ? 6.615   -6.180  15.459  1.00 25.65 ? 43  U   B O2    1 
ATOM   853  N  N3    . U   B 1 20 ? 5.096   -4.685  16.341  1.00 30.63 ? 43  U   B N3    1 
ATOM   854  C  C4    . U   B 1 20 ? 3.966   -4.304  17.051  1.00 25.32 ? 43  U   B C4    1 
ATOM   855  O  O4    . U   B 1 20 ? 3.677   -3.104  17.152  1.00 25.35 ? 43  U   B O4    1 
ATOM   856  C  C5    . U   B 1 20 ? 3.231   -5.397  17.600  1.00 22.18 ? 43  U   B C5    1 
ATOM   857  C  C6    . U   B 1 20 ? 3.682   -6.637  17.391  1.00 26.13 ? 43  U   B C6    1 
ATOM   858  P  P     . C   B 1 21 ? 7.343   -9.599  20.617  1.00 31.38 ? 44  C   B P     1 
ATOM   859  O  OP1   . C   B 1 21 ? 7.912   -10.774 21.330  1.00 34.05 ? 44  C   B OP1   1 
ATOM   860  O  OP2   . C   B 1 21 ? 6.434   -8.657  21.327  1.00 28.35 ? 44  C   B OP2   1 
ATOM   861  O  "O5'" . C   B 1 21 ? 8.563   -8.759  20.029  1.00 33.12 ? 44  C   B "O5'" 1 
ATOM   862  C  "C5'" . C   B 1 21 ? 9.670   -9.395  19.410  1.00 25.40 ? 44  C   B "C5'" 1 
ATOM   863  C  "C4'" . C   B 1 21 ? 10.457  -8.408  18.591  1.00 27.45 ? 44  C   B "C4'" 1 
ATOM   864  O  "O4'" . C   B 1 21 ? 9.550   -7.694  17.705  1.00 25.88 ? 44  C   B "O4'" 1 
ATOM   865  C  "C3'" . C   B 1 21 ? 11.149  -7.293  19.364  1.00 28.09 ? 44  C   B "C3'" 1 
ATOM   866  O  "O3'" . C   B 1 21 ? 12.371  -7.676  19.971  1.00 29.14 ? 44  C   B "O3'" 1 
ATOM   867  C  "C2'" . C   B 1 21 ? 11.312  -6.227  18.299  1.00 29.37 ? 44  C   B "C2'" 1 
ATOM   868  O  "O2'" . C   B 1 21 ? 12.360  -6.581  17.409  1.00 32.88 ? 44  C   B "O2'" 1 
ATOM   869  C  "C1'" . C   B 1 21 ? 9.982   -6.357  17.556  1.00 26.70 ? 44  C   B "C1'" 1 
ATOM   870  N  N1    . C   B 1 21 ? 8.950   -5.455  18.125  1.00 28.55 ? 44  C   B N1    1 
ATOM   871  C  C2    . C   B 1 21 ? 9.054   -4.080  17.884  1.00 26.51 ? 44  C   B C2    1 
ATOM   872  O  O2    . C   B 1 21 ? 9.995   -3.650  17.201  1.00 25.84 ? 44  C   B O2    1 
ATOM   873  N  N3    . C   B 1 21 ? 8.122   -3.247  18.405  1.00 28.19 ? 44  C   B N3    1 
ATOM   874  C  C4    . C   B 1 21 ? 7.108   -3.721  19.136  1.00 25.54 ? 44  C   B C4    1 
ATOM   875  N  N4    . C   B 1 21 ? 6.220   -2.841  19.617  1.00 20.36 ? 44  C   B N4    1 
ATOM   876  C  C5    . C   B 1 21 ? 6.973   -5.117  19.392  1.00 21.73 ? 44  C   B C5    1 
ATOM   877  C  C6    . C   B 1 21 ? 7.909   -5.930  18.878  1.00 24.30 ? 44  C   B C6    1 
ATOM   878  P  P     . G   B 1 22 ? 12.831  -6.994  21.356  1.00 38.60 ? 45  G   B P     1 
ATOM   879  O  OP1   . G   B 1 22 ? 13.862  -7.839  22.013  1.00 41.69 ? 45  G   B OP1   1 
ATOM   880  O  OP2   . G   B 1 22 ? 11.607  -6.616  22.110  1.00 28.11 ? 45  G   B OP2   1 
ATOM   881  O  "O5'" . G   B 1 22 ? 13.565  -5.651  20.913  1.00 34.10 ? 45  G   B "O5'" 1 
ATOM   882  C  "C5'" . G   B 1 22 ? 14.606  -5.667  19.952  1.00 31.74 ? 45  G   B "C5'" 1 
ATOM   883  C  "C4'" . G   B 1 22 ? 15.024  -4.268  19.577  1.00 31.62 ? 45  G   B "C4'" 1 
ATOM   884  O  "O4'" . G   B 1 22 ? 13.971  -3.627  18.809  1.00 24.90 ? 45  G   B "O4'" 1 
ATOM   885  C  "C3'" . G   B 1 22 ? 15.262  -3.322  20.740  1.00 35.74 ? 45  G   B "C3'" 1 
ATOM   886  O  "O3'" . G   B 1 22 ? 16.544  -3.470  21.316  1.00 34.04 ? 45  G   B "O3'" 1 
ATOM   887  C  "C2'" . G   B 1 22 ? 15.034  -1.957  20.111  1.00 38.28 ? 45  G   B "C2'" 1 
ATOM   888  O  "O2'" . G   B 1 22 ? 16.174  -1.560  19.364  1.00 38.75 ? 45  G   B "O2'" 1 
ATOM   889  C  "C1'" . G   B 1 22 ? 13.892  -2.258  19.146  1.00 32.36 ? 45  G   B "C1'" 1 
ATOM   890  N  N9    . G   B 1 22 ? 12.568  -2.005  19.754  1.00 28.48 ? 45  G   B N9    1 
ATOM   891  C  C8    . G   B 1 22 ? 11.715  -2.970  20.222  1.00 29.46 ? 45  G   B C8    1 
ATOM   892  N  N7    . G   B 1 22 ? 10.601  -2.490  20.697  1.00 31.19 ? 45  G   B N7    1 
ATOM   893  C  C5    . G   B 1 22 ? 10.725  -1.117  20.536  1.00 28.91 ? 45  G   B C5    1 
ATOM   894  C  C6    . G   B 1 22 ? 9.817   -0.083  20.867  1.00 26.17 ? 45  G   B C6    1 
ATOM   895  O  O6    . G   B 1 22 ? 8.701   -0.191  21.379  1.00 25.03 ? 45  G   B O6    1 
ATOM   896  N  N1    . G   B 1 22 ? 10.311  1.171   20.539  1.00 25.87 ? 45  G   B N1    1 
ATOM   897  C  C2    . G   B 1 22 ? 11.533  1.401   19.957  1.00 30.74 ? 45  G   B C2    1 
ATOM   898  N  N2    . G   B 1 22 ? 11.839  2.687   19.713  1.00 26.54 ? 45  G   B N2    1 
ATOM   899  N  N3    . G   B 1 22 ? 12.390  0.435   19.637  1.00 34.97 ? 45  G   B N3    1 
ATOM   900  C  C4    . G   B 1 22 ? 11.930  -0.797  19.954  1.00 27.62 ? 45  G   B C4    1 
ATOM   901  P  P     . C   B 1 23 ? 16.800  -3.039  22.844  1.00 51.37 ? 46  C   B P     1 
ATOM   902  O  OP1   . C   B 1 23 ? 18.279  -3.085  23.050  1.00 43.63 ? 46  C   B OP1   1 
ATOM   903  O  OP2   . C   B 1 23 ? 15.913  -3.859  23.715  1.00 41.91 ? 46  C   B OP2   1 
ATOM   904  O  "O5'" . C   B 1 23 ? 16.349  -1.505  22.904  1.00 38.86 ? 46  C   B "O5'" 1 
ATOM   905  C  "C5'" . C   B 1 23 ? 17.171  -0.493  22.328  1.00 38.42 ? 46  C   B "C5'" 1 
ATOM   906  C  "C4'" . C   B 1 23 ? 16.589  0.893   22.481  1.00 36.05 ? 46  C   B "C4'" 1 
ATOM   907  O  "O4'" . C   B 1 23 ? 15.251  0.950   21.922  1.00 33.86 ? 46  C   B "O4'" 1 
ATOM   908  C  "C3'" . C   B 1 23 ? 16.417  1.400   23.906  1.00 38.59 ? 46  C   B "C3'" 1 
ATOM   909  O  "O3'" . C   B 1 23 ? 17.625  1.892   24.454  1.00 37.84 ? 46  C   B "O3'" 1 
ATOM   910  C  "C2'" . C   B 1 23 ? 15.351  2.478   23.755  1.00 39.02 ? 46  C   B "C2'" 1 
ATOM   911  O  "O2'" . C   B 1 23 ? 15.939  3.692   23.313  1.00 45.80 ? 46  C   B "O2'" 1 
ATOM   912  C  "C1'" . C   B 1 23 ? 14.485  1.917   22.618  1.00 39.22 ? 46  C   B "C1'" 1 
ATOM   913  N  N1    . C   B 1 23 ? 13.215  1.316   23.110  1.00 32.40 ? 46  C   B N1    1 
ATOM   914  C  C2    . C   B 1 23 ? 12.158  2.173   23.439  1.00 28.30 ? 46  C   B C2    1 
ATOM   915  O  O2    . C   B 1 23 ? 12.312  3.386   23.309  1.00 31.09 ? 46  C   B O2    1 
ATOM   916  N  N3    . C   B 1 23 ? 10.987  1.678   23.887  1.00 26.68 ? 46  C   B N3    1 
ATOM   917  C  C4    . C   B 1 23 ? 10.841  0.363   24.018  1.00 27.24 ? 46  C   B C4    1 
ATOM   918  N  N4    . C   B 1 23 ? 9.672   -0.091  24.465  1.00 23.29 ? 46  C   B N4    1 
ATOM   919  C  C5    . C   B 1 23 ? 11.891  -0.543  23.695  1.00 31.20 ? 46  C   B C5    1 
ATOM   920  C  C6    . C   B 1 23 ? 13.049  -0.033  23.246  1.00 34.64 ? 46  C   B C6    1 
HETATM 921  HG HG    . HG  C 2 .  ? -6.010  -3.320  -16.880 1.00 49.60 ? 201 HG  A HG    1 
HETATM 922  HG HG    . HG  D 2 .  ? 6.344   -3.075  15.645  0.74 52.82 ? 202 HG  A HG    1 
HETATM 923  C  C11   . GET E 3 .  ? 2.239   0.275   -14.536 1.00 27.55 ? 101 GET B C11   1 
HETATM 924  O  O11   . GET E 3 .  ? 2.090   0.234   -15.923 1.00 29.03 ? 101 GET B O11   1 
HETATM 925  C  C21   . GET E 3 .  ? 3.086   1.535   -14.223 1.00 24.24 ? 101 GET B C21   1 
HETATM 926  N  N21   . GET E 3 .  ? 2.502   2.695   -14.944 1.00 26.70 ? 101 GET B N21   1 
HETATM 927  C  C31   . GET E 3 .  ? 4.580   1.344   -14.632 1.00 24.69 ? 101 GET B C31   1 
HETATM 928  O  O31   . GET E 3 .  ? 5.341   2.330   -14.109 1.00 32.65 ? 101 GET B O31   1 
HETATM 929  C  C41   . GET E 3 .  ? 5.093   -0.022  -14.128 1.00 28.10 ? 101 GET B C41   1 
HETATM 930  O  O41   . GET E 3 .  ? 6.437   -0.226  -14.542 1.00 31.79 ? 101 GET B O41   1 
HETATM 931  C  C51   . GET E 3 .  ? 4.180   -1.155  -14.685 1.00 27.17 ? 101 GET B C51   1 
HETATM 932  O  O51   . GET E 3 .  ? 2.862   -0.972  -14.099 1.00 27.27 ? 101 GET B O51   1 
HETATM 933  C  C61   . GET E 3 .  ? 4.635   -2.580  -14.350 1.00 24.11 ? 101 GET B C61   1 
HETATM 934  O  O61   . GET E 3 .  ? 4.084   -3.466  -15.264 1.00 32.00 ? 101 GET B O61   1 
HETATM 935  C  C71   . GET E 3 .  ? 4.192   -3.060  -12.951 1.00 21.72 ? 101 GET B C71   1 
HETATM 936  C  C12   . GET E 3 .  ? -0.873  -0.239  -18.868 1.00 18.84 ? 101 GET B C12   1 
HETATM 937  N  N12   . GET E 3 .  ? -2.124  -0.730  -19.455 1.00 21.75 ? 101 GET B N12   1 
HETATM 938  C  C22   . GET E 3 .  ? 0.118   -1.410  -18.635 1.00 20.69 ? 101 GET B C22   1 
HETATM 939  C  C32   . GET E 3 .  ? 1.363   -0.891  -17.879 1.00 24.05 ? 101 GET B C32   1 
HETATM 940  N  N32   . GET E 3 .  ? 2.333   -1.992  -17.677 1.00 21.79 ? 101 GET B N32   1 
HETATM 941  C  C42   . GET E 3 .  ? 0.911   -0.279  -16.522 1.00 20.73 ? 101 GET B C42   1 
HETATM 942  C  C52   . GET E 3 .  ? -0.048  0.906   -16.765 1.00 16.54 ? 101 GET B C52   1 
HETATM 943  O  O52   . GET E 3 .  ? -0.467  1.373   -15.511 1.00 20.85 ? 101 GET B O52   1 
HETATM 944  C  C62   . GET E 3 .  ? -1.278  0.418   -17.543 1.00 18.21 ? 101 GET B C62   1 
HETATM 945  O  O62   . GET E 3 .  ? -2.133  1.495   -17.883 1.00 22.06 ? 101 GET B O62   1 
HETATM 946  C  C13   . GET E 3 .  ? -3.428  1.450   -17.319 1.00 20.91 ? 101 GET B C13   1 
HETATM 947  C  C23   . GET E 3 .  ? -4.451  2.092   -18.281 1.00 17.99 ? 101 GET B C23   1 
HETATM 948  O  O23   . GET E 3 .  ? -4.341  1.463   -19.542 1.00 27.39 ? 101 GET B O23   1 
HETATM 949  C  C33   . GET E 3 .  ? -4.169  3.621   -18.431 1.00 18.83 ? 101 GET B C33   1 
HETATM 950  N  N33   . GET E 3 .  ? -5.159  4.277   -19.340 1.00 24.75 ? 101 GET B N33   1 
HETATM 951  C  C93   . GET E 3 .  ? -4.691  4.352   -20.749 1.00 25.01 ? 101 GET B C93   1 
HETATM 952  C  C43   . GET E 3 .  ? -4.259  4.233   -16.998 1.00 22.42 ? 101 GET B C43   1 
HETATM 953  O  O43   . GET E 3 .  ? -5.500  3.860   -16.405 1.00 31.53 ? 101 GET B O43   1 
HETATM 954  C  C83   . GET E 3 .  ? -4.201  5.664   -16.975 1.00 19.28 ? 101 GET B C83   1 
HETATM 955  C  C53   . GET E 3 .  ? -3.171  3.594   -16.102 1.00 21.75 ? 101 GET B C53   1 
HETATM 956  O  O53   . GET E 3 .  ? -3.437  2.137   -16.015 1.00 22.14 ? 101 GET B O53   1 
HETATM 957  C  C11   . GET F 3 .  ? -2.232  -0.716  13.750  1.00 26.46 ? 102 GET B C11   1 
HETATM 958  O  O11   . GET F 3 .  ? -2.174  -0.785  15.150  1.00 27.51 ? 102 GET B O11   1 
HETATM 959  C  C21   . GET F 3 .  ? -3.195  0.431   13.375  1.00 22.73 ? 102 GET B C21   1 
HETATM 960  N  N21   . GET F 3 .  ? -2.805  1.683   14.060  1.00 22.72 ? 102 GET B N21   1 
HETATM 961  C  C31   . GET F 3 .  ? -4.663  0.060   13.708  1.00 20.54 ? 102 GET B C31   1 
HETATM 962  O  O31   . GET F 3 .  ? -5.434  1.029   13.169  1.00 24.75 ? 102 GET B O31   1 
HETATM 963  C  C41   . GET F 3 .  ? -4.993  -1.333  13.109  1.00 23.78 ? 102 GET B C41   1 
HETATM 964  O  O41   . GET F 3 .  ? -6.321  -1.766  13.417  1.00 27.41 ? 102 GET B O41   1 
HETATM 965  C  C51   . GET F 3 .  ? -3.968  -2.369  13.656  1.00 22.60 ? 102 GET B C51   1 
HETATM 966  O  O51   . GET F 3 .  ? -2.653  -1.986  13.171  1.00 21.51 ? 102 GET B O51   1 
HETATM 967  C  C61   . GET F 3 .  ? -4.213  -3.828  13.235  1.00 22.86 ? 102 GET B C61   1 
HETATM 968  O  O61   . GET F 3 .  ? -3.269  -4.657  13.825  1.00 21.42 ? 102 GET B O61   1 
HETATM 969  C  C71   . GET F 3 .  ? -4.135  -4.076  11.711  1.00 20.38 ? 102 GET B C71   1 
HETATM 970  C  C12   . GET F 3 .  ? 1.013   -0.870  17.981  1.00 20.73 ? 102 GET B C12   1 
HETATM 971  N  N12   . GET F 3 .  ? 2.301   -1.208  18.601  1.00 19.78 ? 102 GET B N12   1 
HETATM 972  C  C22   . GET F 3 .  ? 0.200   -2.166  17.708  1.00 22.29 ? 102 GET B C22   1 
HETATM 973  C  C32   . GET F 3 .  ? -1.175  -1.768  17.131  1.00 21.27 ? 102 GET B C32   1 
HETATM 974  N  N32   . GET F 3 .  ? -2.009  -2.983  16.989  1.00 21.91 ? 102 GET B N32   1 
HETATM 975  C  C42   . GET F 3 .  ? -0.916  -1.070  15.767  1.00 23.17 ? 102 GET B C42   1 
HETATM 976  C  C52   . GET F 3 .  ? -0.095  0.233   15.982  1.00 23.65 ? 102 GET B C52   1 
HETATM 977  O  O52   . GET F 3 .  ? 0.153   0.820   14.725  1.00 25.42 ? 102 GET B O52   1 
HETATM 978  C  C62   . GET F 3 .  ? 1.252   -0.102  16.659  1.00 22.40 ? 102 GET B C62   1 
HETATM 979  O  O62   . GET F 3 .  ? 1.977   1.087   16.940  1.00 23.43 ? 102 GET B O62   1 
HETATM 980  C  C13   . GET F 3 .  ? 3.249   1.186   16.343  1.00 31.70 ? 102 GET B C13   1 
HETATM 981  C  C23   . GET F 3 .  ? 4.253   1.900   17.285  1.00 30.68 ? 102 GET B C23   1 
HETATM 982  O  O23   . GET F 3 .  ? 4.534   1.102   18.425  1.00 28.62 ? 102 GET B O23   1 
HETATM 983  C  C33   . GET F 3 .  ? 3.685   3.306   17.700  1.00 29.71 ? 102 GET B C33   1 
HETATM 984  N  N33   . GET F 3 .  ? 4.676   4.087   18.502  1.00 31.10 ? 102 GET B N33   1 
HETATM 985  C  C93   . GET F 3 .  ? 4.090   4.435   19.820  1.00 30.66 ? 102 GET B C93   1 
HETATM 986  C  C43   . GET F 3 .  ? 3.338   4.120   16.411  1.00 32.85 ? 102 GET B C43   1 
HETATM 987  O  O43   . GET F 3 .  ? 4.570   4.391   15.727  1.00 31.90 ? 102 GET B O43   1 
HETATM 988  C  C83   . GET F 3 .  ? 2.694   5.373   16.699  1.00 29.54 ? 102 GET B C83   1 
HETATM 989  C  C53   . GET F 3 .  ? 2.459   3.291   15.437  1.00 31.17 ? 102 GET B C53   1 
HETATM 990  O  O53   . GET F 3 .  ? 3.119   2.001   15.132  1.00 33.08 ? 102 GET B O53   1 
HETATM 991  O  O     . HOH G 4 .  ? -0.223  -4.183  -20.830 1.00 23.40 ? 301 HOH A O     1 
HETATM 992  O  O     . HOH G 4 .  ? -17.703 -2.540  -27.621 1.00 36.23 ? 302 HOH A O     1 
HETATM 993  O  O     . HOH G 4 .  ? 13.985  -1.256  -15.768 1.00 25.32 ? 303 HOH A O     1 
HETATM 994  O  O     . HOH G 4 .  ? 2.149   0.884   11.581  1.00 28.58 ? 304 HOH A O     1 
HETATM 995  O  O     . HOH G 4 .  ? 3.169   -6.270  -23.986 1.00 33.30 ? 305 HOH A O     1 
HETATM 996  O  O     . HOH H 4 .  ? -8.629  -6.154  -15.387 1.00 12.79 ? 201 HOH B O     1 
HETATM 997  O  O     . HOH H 4 .  ? 8.928   -5.474  13.901  1.00 22.66 ? 202 HOH B O     1 
HETATM 998  O  O     . HOH H 4 .  ? -13.998 6.756   -23.607 1.00 22.12 ? 203 HOH B O     1 
HETATM 999  O  O     . HOH H 4 .  ? -0.964  0.572   -6.632  1.00 25.20 ? 204 HOH B O     1 
HETATM 1000 O  O     . HOH H 4 .  ? -2.430  0.929   -12.479 1.00 26.70 ? 205 HOH B O     1 
HETATM 1001 O  O     . HOH H 4 .  ? -8.219  3.241   -8.768  1.00 34.99 ? 206 HOH B O     1 
# 
loop_
_pdbx_poly_seq_scheme.asym_id 
_pdbx_poly_seq_scheme.entity_id 
_pdbx_poly_seq_scheme.seq_id 
_pdbx_poly_seq_scheme.mon_id 
_pdbx_poly_seq_scheme.ndb_seq_num 
_pdbx_poly_seq_scheme.pdb_seq_num 
_pdbx_poly_seq_scheme.auth_seq_num 
_pdbx_poly_seq_scheme.pdb_mon_id 
_pdbx_poly_seq_scheme.auth_mon_id 
_pdbx_poly_seq_scheme.pdb_strand_id 
_pdbx_poly_seq_scheme.pdb_ins_code 
_pdbx_poly_seq_scheme.hetero 
A 1 1  U 1  1  ?  ? ? A . n 
A 1 2  U 2  2  2  U U A . n 
A 1 3  G 3  3  3  G G A . n 
A 1 4  C 4  4  4  C C A . n 
A 1 5  G 5  5  5  G G A . n 
A 1 6  U 6  6  6  U U A . n 
A 1 7  C 7  7  7  C C A . n 
A 1 8  G 8  8  8  G G A . n 
A 1 9  C 9  9  9  C C A . n 
A 1 10 G 10 10 10 G G A . n 
A 1 11 U 11 11 11 U U A . n 
A 1 12 C 12 12 12 C C A . n 
A 1 13 G 13 13 13 G G A . n 
A 1 14 A 14 14 14 A A A . n 
A 1 15 C 15 15 15 C C A . n 
A 1 16 G 16 16 16 G G A . n 
A 1 17 A 17 17 17 A A A . n 
A 1 18 A 18 18 18 A A A . n 
A 1 19 G 19 19 19 G G A . n 
A 1 20 U 20 20 20 U U A . n 
A 1 21 C 21 21 21 C C A . n 
A 1 22 G 22 22 22 G G A . n 
A 1 23 C 23 23 23 C C A . n 
B 1 1  U 1  24 ?  ? ? B . n 
B 1 2  U 2  25 ?  ? ? B . n 
B 1 3  G 3  26 26 G G B . n 
B 1 4  C 4  27 27 C C B . n 
B 1 5  G 5  28 28 G G B . n 
B 1 6  U 6  29 29 U U B . n 
B 1 7  C 7  30 30 C C B . n 
B 1 8  G 8  31 31 G G B . n 
B 1 9  C 9  32 32 C C B . n 
B 1 10 G 10 33 33 G G B . n 
B 1 11 U 11 34 34 U U B . n 
B 1 12 C 12 35 35 C C B . n 
B 1 13 G 13 36 36 G G B . n 
B 1 14 A 14 37 37 A A B . n 
B 1 15 C 15 38 38 C C B . n 
B 1 16 G 16 39 39 G G B . n 
B 1 17 A 17 40 40 A A B . n 
B 1 18 A 18 41 41 A A B . n 
B 1 19 G 19 42 42 G G B . n 
B 1 20 U 20 43 43 U U B . n 
B 1 21 C 21 44 44 C C B . n 
B 1 22 G 22 45 45 G G B . n 
B 1 23 C 23 46 46 C C B . n 
# 
loop_
_pdbx_nonpoly_scheme.asym_id 
_pdbx_nonpoly_scheme.entity_id 
_pdbx_nonpoly_scheme.mon_id 
_pdbx_nonpoly_scheme.ndb_seq_num 
_pdbx_nonpoly_scheme.pdb_seq_num 
_pdbx_nonpoly_scheme.auth_seq_num 
_pdbx_nonpoly_scheme.pdb_mon_id 
_pdbx_nonpoly_scheme.auth_mon_id 
_pdbx_nonpoly_scheme.pdb_strand_id 
_pdbx_nonpoly_scheme.pdb_ins_code 
C 2 HG  1 201 201 HG  HG  A . 
D 2 HG  1 202 202 HG  HG  A . 
E 3 GET 1 101 51  GET GET B . 
F 3 GET 1 102 52  GET GET B . 
G 4 HOH 1 301 7   HOH HOH A . 
G 4 HOH 2 302 9   HOH HOH A . 
G 4 HOH 3 303 11  HOH HOH A . 
G 4 HOH 4 304 3   HOH HOH A . 
G 4 HOH 5 305 8   HOH HOH A . 
H 4 HOH 1 201 2   HOH HOH B . 
H 4 HOH 2 202 1   HOH HOH B . 
H 4 HOH 3 203 10  HOH HOH B . 
H 4 HOH 4 204 4   HOH HOH B . 
H 4 HOH 5 205 5   HOH HOH B . 
H 4 HOH 6 206 6   HOH HOH B . 
# 
_pdbx_struct_assembly.id                   1 
_pdbx_struct_assembly.details              author_and_software_defined_assembly 
_pdbx_struct_assembly.method_details       PISA 
_pdbx_struct_assembly.oligomeric_details   dimeric 
_pdbx_struct_assembly.oligomeric_count     2 
# 
_pdbx_struct_assembly_gen.assembly_id       1 
_pdbx_struct_assembly_gen.oper_expression   1 
_pdbx_struct_assembly_gen.asym_id_list      A,B,C,D,E,F,G,H 
# 
loop_
_pdbx_struct_assembly_prop.biol_id 
_pdbx_struct_assembly_prop.type 
_pdbx_struct_assembly_prop.value 
_pdbx_struct_assembly_prop.details 
1 'ABSA (A^2)' 4300 ? 
1 MORE         -107 ? 
1 'SSA (A^2)'  7870 ? 
# 
_pdbx_struct_oper_list.id                   1 
_pdbx_struct_oper_list.type                 'identity operation' 
_pdbx_struct_oper_list.name                 1_555 
_pdbx_struct_oper_list.symmetry_operation   x,y,z 
_pdbx_struct_oper_list.matrix[1][1]         1.0000000000 
_pdbx_struct_oper_list.matrix[1][2]         0.0000000000 
_pdbx_struct_oper_list.matrix[1][3]         0.0000000000 
_pdbx_struct_oper_list.vector[1]            0.0000000000 
_pdbx_struct_oper_list.matrix[2][1]         0.0000000000 
_pdbx_struct_oper_list.matrix[2][2]         1.0000000000 
_pdbx_struct_oper_list.matrix[2][3]         0.0000000000 
_pdbx_struct_oper_list.vector[2]            0.0000000000 
_pdbx_struct_oper_list.matrix[3][1]         0.0000000000 
_pdbx_struct_oper_list.matrix[3][2]         0.0000000000 
_pdbx_struct_oper_list.matrix[3][3]         1.0000000000 
_pdbx_struct_oper_list.vector[3]            0.0000000000 
# 
loop_
_pdbx_struct_conn_angle.id 
_pdbx_struct_conn_angle.ptnr1_label_atom_id 
_pdbx_struct_conn_angle.ptnr1_label_alt_id 
_pdbx_struct_conn_angle.ptnr1_label_asym_id 
_pdbx_struct_conn_angle.ptnr1_label_comp_id 
_pdbx_struct_conn_angle.ptnr1_label_seq_id 
_pdbx_struct_conn_angle.ptnr1_auth_atom_id 
_pdbx_struct_conn_angle.ptnr1_auth_asym_id 
_pdbx_struct_conn_angle.ptnr1_auth_comp_id 
_pdbx_struct_conn_angle.ptnr1_auth_seq_id 
_pdbx_struct_conn_angle.ptnr1_PDB_ins_code 
_pdbx_struct_conn_angle.ptnr1_symmetry 
_pdbx_struct_conn_angle.ptnr2_label_atom_id 
_pdbx_struct_conn_angle.ptnr2_label_alt_id 
_pdbx_struct_conn_angle.ptnr2_label_asym_id 
_pdbx_struct_conn_angle.ptnr2_label_comp_id 
_pdbx_struct_conn_angle.ptnr2_label_seq_id 
_pdbx_struct_conn_angle.ptnr2_auth_atom_id 
_pdbx_struct_conn_angle.ptnr2_auth_asym_id 
_pdbx_struct_conn_angle.ptnr2_auth_comp_id 
_pdbx_struct_conn_angle.ptnr2_auth_seq_id 
_pdbx_struct_conn_angle.ptnr2_PDB_ins_code 
_pdbx_struct_conn_angle.ptnr2_symmetry 
_pdbx_struct_conn_angle.ptnr3_label_atom_id 
_pdbx_struct_conn_angle.ptnr3_label_alt_id 
_pdbx_struct_conn_angle.ptnr3_label_asym_id 
_pdbx_struct_conn_angle.ptnr3_label_comp_id 
_pdbx_struct_conn_angle.ptnr3_label_seq_id 
_pdbx_struct_conn_angle.ptnr3_auth_atom_id 
_pdbx_struct_conn_angle.ptnr3_auth_asym_id 
_pdbx_struct_conn_angle.ptnr3_auth_comp_id 
_pdbx_struct_conn_angle.ptnr3_auth_seq_id 
_pdbx_struct_conn_angle.ptnr3_PDB_ins_code 
_pdbx_struct_conn_angle.ptnr3_symmetry 
_pdbx_struct_conn_angle.value 
_pdbx_struct_conn_angle.value_esd 
1  N3 ? A U 6  ? A U 6  ? 1_555 HG ? D HG . ? A HG 202 ? 1_555 O4 ? A U 6  ? A U 6  ? 1_555 54.4  ? 
2  N3 ? A U 6  ? A U 6  ? 1_555 HG ? D HG . ? A HG 202 ? 1_555 O2 ? B U 20 ? B U 43 ? 1_555 131.0 ? 
3  O4 ? A U 6  ? A U 6  ? 1_555 HG ? D HG . ? A HG 202 ? 1_555 O2 ? B U 20 ? B U 43 ? 1_555 172.1 ? 
4  N3 ? A U 6  ? A U 6  ? 1_555 HG ? D HG . ? A HG 202 ? 1_555 N3 ? B U 20 ? B U 43 ? 1_555 178.6 ? 
5  O4 ? A U 6  ? A U 6  ? 1_555 HG ? D HG . ? A HG 202 ? 1_555 N3 ? B U 20 ? B U 43 ? 1_555 127.0 ? 
6  O2 ? B U 20 ? B U 43 ? 1_555 HG ? D HG . ? A HG 202 ? 1_555 N3 ? B U 20 ? B U 43 ? 1_555 47.6  ? 
7  N3 ? A U 6  ? A U 6  ? 1_555 HG ? D HG . ? A HG 202 ? 1_555 O4 ? B U 20 ? B U 43 ? 1_555 133.5 ? 
8  O4 ? A U 6  ? A U 6  ? 1_555 HG ? D HG . ? A HG 202 ? 1_555 O4 ? B U 20 ? B U 43 ? 1_555 79.4  ? 
9  O2 ? B U 20 ? B U 43 ? 1_555 HG ? D HG . ? A HG 202 ? 1_555 O4 ? B U 20 ? B U 43 ? 1_555 95.5  ? 
10 N3 ? B U 20 ? B U 43 ? 1_555 HG ? D HG . ? A HG 202 ? 1_555 O4 ? B U 20 ? B U 43 ? 1_555 47.9  ? 
11 O2 ? A U 20 ? A U 20 ? 1_555 HG ? C HG . ? A HG 201 ? 1_555 N3 ? A U 20 ? A U 20 ? 1_555 45.8  ? 
12 O2 ? A U 20 ? A U 20 ? 1_555 HG ? C HG . ? A HG 201 ? 1_555 O4 ? A U 20 ? A U 20 ? 1_555 92.0  ? 
13 N3 ? A U 20 ? A U 20 ? 1_555 HG ? C HG . ? A HG 201 ? 1_555 O4 ? A U 20 ? A U 20 ? 1_555 46.2  ? 
14 O2 ? A U 20 ? A U 20 ? 1_555 HG ? C HG . ? A HG 201 ? 1_555 O2 ? B U 6  ? B U 29 ? 1_555 95.3  ? 
15 N3 ? A U 20 ? A U 20 ? 1_555 HG ? C HG . ? A HG 201 ? 1_555 O2 ? B U 6  ? B U 29 ? 1_555 140.8 ? 
16 O4 ? A U 20 ? A U 20 ? 1_555 HG ? C HG . ? A HG 201 ? 1_555 O2 ? B U 6  ? B U 29 ? 1_555 171.1 ? 
17 O2 ? A U 20 ? A U 20 ? 1_555 HG ? C HG . ? A HG 201 ? 1_555 N3 ? B U 6  ? B U 29 ? 1_555 140.4 ? 
18 N3 ? A U 20 ? A U 20 ? 1_555 HG ? C HG . ? A HG 201 ? 1_555 N3 ? B U 6  ? B U 29 ? 1_555 173.8 ? 
19 O4 ? A U 20 ? A U 20 ? 1_555 HG ? C HG . ? A HG 201 ? 1_555 N3 ? B U 6  ? B U 29 ? 1_555 127.6 ? 
20 O2 ? B U 6  ? B U 29 ? 1_555 HG ? C HG . ? A HG 201 ? 1_555 N3 ? B U 6  ? B U 29 ? 1_555 45.3  ? 
21 O2 ? A U 20 ? A U 20 ? 1_555 HG ? C HG . ? A HG 201 ? 1_555 O4 ? B U 6  ? B U 29 ? 1_555 169.2 ? 
22 N3 ? A U 20 ? A U 20 ? 1_555 HG ? C HG . ? A HG 201 ? 1_555 O4 ? B U 6  ? B U 29 ? 1_555 124.9 ? 
23 O4 ? A U 20 ? A U 20 ? 1_555 HG ? C HG . ? A HG 201 ? 1_555 O4 ? B U 6  ? B U 29 ? 1_555 78.9  ? 
24 O2 ? B U 6  ? B U 29 ? 1_555 HG ? C HG . ? A HG 201 ? 1_555 O4 ? B U 6  ? B U 29 ? 1_555 94.3  ? 
25 N3 ? B U 6  ? B U 29 ? 1_555 HG ? C HG . ? A HG 201 ? 1_555 O4 ? B U 6  ? B U 29 ? 1_555 49.0  ? 
# 
loop_
_pdbx_audit_revision_history.ordinal 
_pdbx_audit_revision_history.data_content_type 
_pdbx_audit_revision_history.major_revision 
_pdbx_audit_revision_history.minor_revision 
_pdbx_audit_revision_history.revision_date 
1 'Structure model' 1 0 2022-03-16 
2 'Structure model' 1 1 2023-11-29 
# 
_pdbx_audit_revision_details.ordinal             1 
_pdbx_audit_revision_details.revision_ordinal    1 
_pdbx_audit_revision_details.data_content_type   'Structure model' 
_pdbx_audit_revision_details.provider            repository 
_pdbx_audit_revision_details.type                'Initial release' 
_pdbx_audit_revision_details.description         ? 
_pdbx_audit_revision_details.details             ? 
# 
loop_
_pdbx_audit_revision_group.ordinal 
_pdbx_audit_revision_group.revision_ordinal 
_pdbx_audit_revision_group.data_content_type 
_pdbx_audit_revision_group.group 
1 2 'Structure model' 'Data collection'        
2 2 'Structure model' 'Refinement description' 
# 
loop_
_pdbx_audit_revision_category.ordinal 
_pdbx_audit_revision_category.revision_ordinal 
_pdbx_audit_revision_category.data_content_type 
_pdbx_audit_revision_category.category 
1 2 'Structure model' chem_comp_atom                
2 2 'Structure model' chem_comp_bond                
3 2 'Structure model' pdbx_initial_refinement_model 
# 
loop_
_software.citation_id 
_software.classification 
_software.compiler_name 
_software.compiler_version 
_software.contact_author 
_software.contact_author_email 
_software.date 
_software.description 
_software.dependencies 
_software.hardware 
_software.language 
_software.location 
_software.mods 
_software.name 
_software.os 
_software.os_version 
_software.type 
_software.version 
_software.pdbx_ordinal 
? 'data scaling'   ? ? ? ? ? ? ? ? ? ? ? XSCALE ? ? ? .      1 
? refinement       ? ? ? ? ? ? ? ? ? ? ? PHENIX ? ? ? 1.17.1 2 
? 'data reduction' ? ? ? ? ? ? ? ? ? ? ? XDS    ? ? ? .      3 
? phasing          ? ? ? ? ? ? ? ? ? ? ? PHASER ? ? ? .      4 
# 
_pdbx_entry_details.entry_id                 7EDM 
_pdbx_entry_details.has_ligand_of_interest   Y 
_pdbx_entry_details.compound_details         ? 
_pdbx_entry_details.source_details           ? 
_pdbx_entry_details.nonpolymer_details       ? 
_pdbx_entry_details.sequence_details         ? 
# 
loop_
_pdbx_unobs_or_zero_occ_residues.id 
_pdbx_unobs_or_zero_occ_residues.PDB_model_num 
_pdbx_unobs_or_zero_occ_residues.polymer_flag 
_pdbx_unobs_or_zero_occ_residues.occupancy_flag 
_pdbx_unobs_or_zero_occ_residues.auth_asym_id 
_pdbx_unobs_or_zero_occ_residues.auth_comp_id 
_pdbx_unobs_or_zero_occ_residues.auth_seq_id 
_pdbx_unobs_or_zero_occ_residues.PDB_ins_code 
_pdbx_unobs_or_zero_occ_residues.label_asym_id 
_pdbx_unobs_or_zero_occ_residues.label_comp_id 
_pdbx_unobs_or_zero_occ_residues.label_seq_id 
1 1 Y 1 A U 1  ? A U 1 
2 1 Y 1 B U 24 ? B U 1 
3 1 Y 1 B U 25 ? B U 2 
# 
loop_
_chem_comp_atom.comp_id 
_chem_comp_atom.atom_id 
_chem_comp_atom.type_symbol 
_chem_comp_atom.pdbx_aromatic_flag 
_chem_comp_atom.pdbx_stereo_config 
_chem_comp_atom.pdbx_ordinal 
A   OP3    O  N N 1   
A   P      P  N N 2   
A   OP1    O  N N 3   
A   OP2    O  N N 4   
A   "O5'"  O  N N 5   
A   "C5'"  C  N N 6   
A   "C4'"  C  N R 7   
A   "O4'"  O  N N 8   
A   "C3'"  C  N S 9   
A   "O3'"  O  N N 10  
A   "C2'"  C  N R 11  
A   "O2'"  O  N N 12  
A   "C1'"  C  N R 13  
A   N9     N  Y N 14  
A   C8     C  Y N 15  
A   N7     N  Y N 16  
A   C5     C  Y N 17  
A   C6     C  Y N 18  
A   N6     N  N N 19  
A   N1     N  Y N 20  
A   C2     C  Y N 21  
A   N3     N  Y N 22  
A   C4     C  Y N 23  
A   HOP3   H  N N 24  
A   HOP2   H  N N 25  
A   "H5'"  H  N N 26  
A   "H5''" H  N N 27  
A   "H4'"  H  N N 28  
A   "H3'"  H  N N 29  
A   "HO3'" H  N N 30  
A   "H2'"  H  N N 31  
A   "HO2'" H  N N 32  
A   "H1'"  H  N N 33  
A   H8     H  N N 34  
A   H61    H  N N 35  
A   H62    H  N N 36  
A   H2     H  N N 37  
C   OP3    O  N N 38  
C   P      P  N N 39  
C   OP1    O  N N 40  
C   OP2    O  N N 41  
C   "O5'"  O  N N 42  
C   "C5'"  C  N N 43  
C   "C4'"  C  N R 44  
C   "O4'"  O  N N 45  
C   "C3'"  C  N S 46  
C   "O3'"  O  N N 47  
C   "C2'"  C  N R 48  
C   "O2'"  O  N N 49  
C   "C1'"  C  N R 50  
C   N1     N  N N 51  
C   C2     C  N N 52  
C   O2     O  N N 53  
C   N3     N  N N 54  
C   C4     C  N N 55  
C   N4     N  N N 56  
C   C5     C  N N 57  
C   C6     C  N N 58  
C   HOP3   H  N N 59  
C   HOP2   H  N N 60  
C   "H5'"  H  N N 61  
C   "H5''" H  N N 62  
C   "H4'"  H  N N 63  
C   "H3'"  H  N N 64  
C   "HO3'" H  N N 65  
C   "H2'"  H  N N 66  
C   "HO2'" H  N N 67  
C   "H1'"  H  N N 68  
C   H41    H  N N 69  
C   H42    H  N N 70  
C   H5     H  N N 71  
C   H6     H  N N 72  
G   OP3    O  N N 73  
G   P      P  N N 74  
G   OP1    O  N N 75  
G   OP2    O  N N 76  
G   "O5'"  O  N N 77  
G   "C5'"  C  N N 78  
G   "C4'"  C  N R 79  
G   "O4'"  O  N N 80  
G   "C3'"  C  N S 81  
G   "O3'"  O  N N 82  
G   "C2'"  C  N R 83  
G   "O2'"  O  N N 84  
G   "C1'"  C  N R 85  
G   N9     N  Y N 86  
G   C8     C  Y N 87  
G   N7     N  Y N 88  
G   C5     C  Y N 89  
G   C6     C  N N 90  
G   O6     O  N N 91  
G   N1     N  N N 92  
G   C2     C  N N 93  
G   N2     N  N N 94  
G   N3     N  N N 95  
G   C4     C  Y N 96  
G   HOP3   H  N N 97  
G   HOP2   H  N N 98  
G   "H5'"  H  N N 99  
G   "H5''" H  N N 100 
G   "H4'"  H  N N 101 
G   "H3'"  H  N N 102 
G   "HO3'" H  N N 103 
G   "H2'"  H  N N 104 
G   "HO2'" H  N N 105 
G   "H1'"  H  N N 106 
G   H8     H  N N 107 
G   H1     H  N N 108 
G   H21    H  N N 109 
G   H22    H  N N 110 
GET C11    C  N S 111 
GET O11    O  N N 112 
GET C21    C  N R 113 
GET N21    N  N N 114 
GET C31    C  N R 115 
GET O31    O  N N 116 
GET C41    C  N S 117 
GET O41    O  N N 118 
GET C51    C  N R 119 
GET O51    O  N N 120 
GET C61    C  N R 121 
GET O61    O  N N 122 
GET C71    C  N N 123 
GET C12    C  N R 124 
GET N12    N  N N 125 
GET C22    C  N N 126 
GET C32    C  N S 127 
GET N32    N  N N 128 
GET C42    C  N R 129 
GET C52    C  N S 130 
GET O52    O  N N 131 
GET C62    C  N S 132 
GET O62    O  N N 133 
GET C13    C  N R 134 
GET C23    C  N R 135 
GET O23    O  N N 136 
GET C33    C  N R 137 
GET N33    N  N N 138 
GET C93    C  N N 139 
GET C43    C  N R 140 
GET O43    O  N N 141 
GET C83    C  N N 142 
GET C53    C  N N 143 
GET O53    O  N N 144 
GET H111   H  N N 145 
GET H21    H  N N 146 
GET H211   H  N N 147 
GET H212   H  N N 148 
GET H311   H  N N 149 
GET H31    H  N N 150 
GET H411   H  N N 151 
GET H41    H  N N 152 
GET H511   H  N N 153 
GET H611   H  N N 154 
GET H61    H  N N 155 
GET H711   H  N N 156 
GET H712   H  N N 157 
GET H713   H  N N 158 
GET H12    H  N N 159 
GET H121   H  N N 160 
GET H122   H  N N 161 
GET H221   H  N N 162 
GET H222   H  N N 163 
GET H32    H  N N 164 
GET H321   H  N N 165 
GET H322   H  N N 166 
GET H421   H  N N 167 
GET H521   H  N N 168 
GET H52    H  N N 169 
GET H621   H  N N 170 
GET H131   H  N N 171 
GET H231   H  N N 172 
GET H23    H  N N 173 
GET H331   H  N N 174 
GET H33    H  N N 175 
GET H931   H  N N 176 
GET H932   H  N N 177 
GET H933   H  N N 178 
GET H43    H  N N 179 
GET H831   H  N N 180 
GET H832   H  N N 181 
GET H833   H  N N 182 
GET H531   H  N N 183 
GET H532   H  N N 184 
HG  HG     HG N N 185 
HOH O      O  N N 186 
HOH H1     H  N N 187 
HOH H2     H  N N 188 
U   OP3    O  N N 189 
U   P      P  N N 190 
U   OP1    O  N N 191 
U   OP2    O  N N 192 
U   "O5'"  O  N N 193 
U   "C5'"  C  N N 194 
U   "C4'"  C  N R 195 
U   "O4'"  O  N N 196 
U   "C3'"  C  N S 197 
U   "O3'"  O  N N 198 
U   "C2'"  C  N R 199 
U   "O2'"  O  N N 200 
U   "C1'"  C  N R 201 
U   N1     N  N N 202 
U   C2     C  N N 203 
U   O2     O  N N 204 
U   N3     N  N N 205 
U   C4     C  N N 206 
U   O4     O  N N 207 
U   C5     C  N N 208 
U   C6     C  N N 209 
U   HOP3   H  N N 210 
U   HOP2   H  N N 211 
U   "H5'"  H  N N 212 
U   "H5''" H  N N 213 
U   "H4'"  H  N N 214 
U   "H3'"  H  N N 215 
U   "HO3'" H  N N 216 
U   "H2'"  H  N N 217 
U   "HO2'" H  N N 218 
U   "H1'"  H  N N 219 
U   H3     H  N N 220 
U   H5     H  N N 221 
U   H6     H  N N 222 
# 
loop_
_chem_comp_bond.comp_id 
_chem_comp_bond.atom_id_1 
_chem_comp_bond.atom_id_2 
_chem_comp_bond.value_order 
_chem_comp_bond.pdbx_aromatic_flag 
_chem_comp_bond.pdbx_stereo_config 
_chem_comp_bond.pdbx_ordinal 
A   OP3   P      sing N N 1   
A   OP3   HOP3   sing N N 2   
A   P     OP1    doub N N 3   
A   P     OP2    sing N N 4   
A   P     "O5'"  sing N N 5   
A   OP2   HOP2   sing N N 6   
A   "O5'" "C5'"  sing N N 7   
A   "C5'" "C4'"  sing N N 8   
A   "C5'" "H5'"  sing N N 9   
A   "C5'" "H5''" sing N N 10  
A   "C4'" "O4'"  sing N N 11  
A   "C4'" "C3'"  sing N N 12  
A   "C4'" "H4'"  sing N N 13  
A   "O4'" "C1'"  sing N N 14  
A   "C3'" "O3'"  sing N N 15  
A   "C3'" "C2'"  sing N N 16  
A   "C3'" "H3'"  sing N N 17  
A   "O3'" "HO3'" sing N N 18  
A   "C2'" "O2'"  sing N N 19  
A   "C2'" "C1'"  sing N N 20  
A   "C2'" "H2'"  sing N N 21  
A   "O2'" "HO2'" sing N N 22  
A   "C1'" N9     sing N N 23  
A   "C1'" "H1'"  sing N N 24  
A   N9    C8     sing Y N 25  
A   N9    C4     sing Y N 26  
A   C8    N7     doub Y N 27  
A   C8    H8     sing N N 28  
A   N7    C5     sing Y N 29  
A   C5    C6     sing Y N 30  
A   C5    C4     doub Y N 31  
A   C6    N6     sing N N 32  
A   C6    N1     doub Y N 33  
A   N6    H61    sing N N 34  
A   N6    H62    sing N N 35  
A   N1    C2     sing Y N 36  
A   C2    N3     doub Y N 37  
A   C2    H2     sing N N 38  
A   N3    C4     sing Y N 39  
C   OP3   P      sing N N 40  
C   OP3   HOP3   sing N N 41  
C   P     OP1    doub N N 42  
C   P     OP2    sing N N 43  
C   P     "O5'"  sing N N 44  
C   OP2   HOP2   sing N N 45  
C   "O5'" "C5'"  sing N N 46  
C   "C5'" "C4'"  sing N N 47  
C   "C5'" "H5'"  sing N N 48  
C   "C5'" "H5''" sing N N 49  
C   "C4'" "O4'"  sing N N 50  
C   "C4'" "C3'"  sing N N 51  
C   "C4'" "H4'"  sing N N 52  
C   "O4'" "C1'"  sing N N 53  
C   "C3'" "O3'"  sing N N 54  
C   "C3'" "C2'"  sing N N 55  
C   "C3'" "H3'"  sing N N 56  
C   "O3'" "HO3'" sing N N 57  
C   "C2'" "O2'"  sing N N 58  
C   "C2'" "C1'"  sing N N 59  
C   "C2'" "H2'"  sing N N 60  
C   "O2'" "HO2'" sing N N 61  
C   "C1'" N1     sing N N 62  
C   "C1'" "H1'"  sing N N 63  
C   N1    C2     sing N N 64  
C   N1    C6     sing N N 65  
C   C2    O2     doub N N 66  
C   C2    N3     sing N N 67  
C   N3    C4     doub N N 68  
C   C4    N4     sing N N 69  
C   C4    C5     sing N N 70  
C   N4    H41    sing N N 71  
C   N4    H42    sing N N 72  
C   C5    C6     doub N N 73  
C   C5    H5     sing N N 74  
C   C6    H6     sing N N 75  
G   OP3   P      sing N N 76  
G   OP3   HOP3   sing N N 77  
G   P     OP1    doub N N 78  
G   P     OP2    sing N N 79  
G   P     "O5'"  sing N N 80  
G   OP2   HOP2   sing N N 81  
G   "O5'" "C5'"  sing N N 82  
G   "C5'" "C4'"  sing N N 83  
G   "C5'" "H5'"  sing N N 84  
G   "C5'" "H5''" sing N N 85  
G   "C4'" "O4'"  sing N N 86  
G   "C4'" "C3'"  sing N N 87  
G   "C4'" "H4'"  sing N N 88  
G   "O4'" "C1'"  sing N N 89  
G   "C3'" "O3'"  sing N N 90  
G   "C3'" "C2'"  sing N N 91  
G   "C3'" "H3'"  sing N N 92  
G   "O3'" "HO3'" sing N N 93  
G   "C2'" "O2'"  sing N N 94  
G   "C2'" "C1'"  sing N N 95  
G   "C2'" "H2'"  sing N N 96  
G   "O2'" "HO2'" sing N N 97  
G   "C1'" N9     sing N N 98  
G   "C1'" "H1'"  sing N N 99  
G   N9    C8     sing Y N 100 
G   N9    C4     sing Y N 101 
G   C8    N7     doub Y N 102 
G   C8    H8     sing N N 103 
G   N7    C5     sing Y N 104 
G   C5    C6     sing N N 105 
G   C5    C4     doub Y N 106 
G   C6    O6     doub N N 107 
G   C6    N1     sing N N 108 
G   N1    C2     sing N N 109 
G   N1    H1     sing N N 110 
G   C2    N2     sing N N 111 
G   C2    N3     doub N N 112 
G   N2    H21    sing N N 113 
G   N2    H22    sing N N 114 
G   N3    C4     sing N N 115 
GET C11   O11    sing N N 116 
GET C11   C21    sing N N 117 
GET C11   O51    sing N N 118 
GET C11   H111   sing N N 119 
GET O11   C42    sing N N 120 
GET C21   N21    sing N N 121 
GET C21   C31    sing N N 122 
GET C21   H21    sing N N 123 
GET N21   H211   sing N N 124 
GET N21   H212   sing N N 125 
GET C31   O31    sing N N 126 
GET C31   C41    sing N N 127 
GET C31   H311   sing N N 128 
GET O31   H31    sing N N 129 
GET C41   O41    sing N N 130 
GET C41   C51    sing N N 131 
GET C41   H411   sing N N 132 
GET O41   H41    sing N N 133 
GET C51   O51    sing N N 134 
GET C51   C61    sing N N 135 
GET C51   H511   sing N N 136 
GET C61   O61    sing N N 137 
GET C61   C71    sing N N 138 
GET C61   H611   sing N N 139 
GET O61   H61    sing N N 140 
GET C71   H711   sing N N 141 
GET C71   H712   sing N N 142 
GET C71   H713   sing N N 143 
GET C12   N12    sing N N 144 
GET C12   C22    sing N N 145 
GET C12   C62    sing N N 146 
GET C12   H12    sing N N 147 
GET N12   H121   sing N N 148 
GET N12   H122   sing N N 149 
GET C22   C32    sing N N 150 
GET C22   H221   sing N N 151 
GET C22   H222   sing N N 152 
GET C32   N32    sing N N 153 
GET C32   C42    sing N N 154 
GET C32   H32    sing N N 155 
GET N32   H321   sing N N 156 
GET N32   H322   sing N N 157 
GET C42   C52    sing N N 158 
GET C42   H421   sing N N 159 
GET C52   O52    sing N N 160 
GET C52   C62    sing N N 161 
GET C52   H521   sing N N 162 
GET O52   H52    sing N N 163 
GET C62   O62    sing N N 164 
GET C62   H621   sing N N 165 
GET O62   C13    sing N N 166 
GET C13   C23    sing N N 167 
GET C13   O53    sing N N 168 
GET C13   H131   sing N N 169 
GET C23   O23    sing N N 170 
GET C23   C33    sing N N 171 
GET C23   H231   sing N N 172 
GET O23   H23    sing N N 173 
GET C33   N33    sing N N 174 
GET C33   C43    sing N N 175 
GET C33   H331   sing N N 176 
GET N33   C93    sing N N 177 
GET N33   H33    sing N N 178 
GET C93   H931   sing N N 179 
GET C93   H932   sing N N 180 
GET C93   H933   sing N N 181 
GET C43   O43    sing N N 182 
GET C43   C83    sing N N 183 
GET C43   C53    sing N N 184 
GET O43   H43    sing N N 185 
GET C83   H831   sing N N 186 
GET C83   H832   sing N N 187 
GET C83   H833   sing N N 188 
GET C53   O53    sing N N 189 
GET C53   H531   sing N N 190 
GET C53   H532   sing N N 191 
HOH O     H1     sing N N 192 
HOH O     H2     sing N N 193 
U   OP3   P      sing N N 194 
U   OP3   HOP3   sing N N 195 
U   P     OP1    doub N N 196 
U   P     OP2    sing N N 197 
U   P     "O5'"  sing N N 198 
U   OP2   HOP2   sing N N 199 
U   "O5'" "C5'"  sing N N 200 
U   "C5'" "C4'"  sing N N 201 
U   "C5'" "H5'"  sing N N 202 
U   "C5'" "H5''" sing N N 203 
U   "C4'" "O4'"  sing N N 204 
U   "C4'" "C3'"  sing N N 205 
U   "C4'" "H4'"  sing N N 206 
U   "O4'" "C1'"  sing N N 207 
U   "C3'" "O3'"  sing N N 208 
U   "C3'" "C2'"  sing N N 209 
U   "C3'" "H3'"  sing N N 210 
U   "O3'" "HO3'" sing N N 211 
U   "C2'" "O2'"  sing N N 212 
U   "C2'" "C1'"  sing N N 213 
U   "C2'" "H2'"  sing N N 214 
U   "O2'" "HO2'" sing N N 215 
U   "C1'" N1     sing N N 216 
U   "C1'" "H1'"  sing N N 217 
U   N1    C2     sing N N 218 
U   N1    C6     sing N N 219 
U   C2    O2     doub N N 220 
U   C2    N3     sing N N 221 
U   N3    C4     sing N N 222 
U   N3    H3     sing N N 223 
U   C4    O4     doub N N 224 
U   C4    C5     sing N N 225 
U   C5    C6     doub N N 226 
U   C5    H5     sing N N 227 
U   C6    H6     sing N N 228 
# 
loop_
_ndb_struct_conf_na.entry_id 
_ndb_struct_conf_na.feature 
7EDM 'double helix'        
7EDM 'a-form double helix' 
# 
loop_
_ndb_struct_na_base_pair.model_number 
_ndb_struct_na_base_pair.i_label_asym_id 
_ndb_struct_na_base_pair.i_label_comp_id 
_ndb_struct_na_base_pair.i_label_seq_id 
_ndb_struct_na_base_pair.i_symmetry 
_ndb_struct_na_base_pair.j_label_asym_id 
_ndb_struct_na_base_pair.j_label_comp_id 
_ndb_struct_na_base_pair.j_label_seq_id 
_ndb_struct_na_base_pair.j_symmetry 
_ndb_struct_na_base_pair.shear 
_ndb_struct_na_base_pair.stretch 
_ndb_struct_na_base_pair.stagger 
_ndb_struct_na_base_pair.buckle 
_ndb_struct_na_base_pair.propeller 
_ndb_struct_na_base_pair.opening 
_ndb_struct_na_base_pair.pair_number 
_ndb_struct_na_base_pair.pair_name 
_ndb_struct_na_base_pair.i_auth_asym_id 
_ndb_struct_na_base_pair.i_auth_seq_id 
_ndb_struct_na_base_pair.i_PDB_ins_code 
_ndb_struct_na_base_pair.j_auth_asym_id 
_ndb_struct_na_base_pair.j_auth_seq_id 
_ndb_struct_na_base_pair.j_PDB_ins_code 
_ndb_struct_na_base_pair.hbond_type_28 
_ndb_struct_na_base_pair.hbond_type_12 
1 A G 3  1_555 B C 23 1_555 -0.315 -0.298 -0.156 -6.437 -0.392  0.351  1  A_G3:C46_B  A 3  ? B 46 ? 19 1 
1 A C 4  1_555 B G 22 1_555 0.205  -0.192 -0.017 -3.387 -0.532  0.707  2  A_C4:G45_B  A 4  ? B 45 ? 19 1 
1 A G 5  1_555 B C 21 1_555 -0.393 -0.088 0.045  -3.052 -8.406  0.360  3  A_G5:C44_B  A 5  ? B 44 ? 19 1 
1 A C 7  1_555 B G 19 1_555 0.037  -0.211 -0.069 -0.303 2.906   -2.532 4  A_C7:G42_B  A 7  ? B 42 ? 19 1 
1 A C 9  1_555 B G 16 1_555 -0.043 -0.111 0.156  2.885  -10.756 1.268  5  A_C9:G39_B  A 9  ? B 39 ? 19 1 
1 A G 10 1_555 B C 15 1_555 -0.804 0.039  0.001  -4.918 -17.279 3.938  6  A_G10:C38_B A 10 ? B 38 ? 19 1 
1 A U 11 1_555 B A 14 1_555 0.046  -0.151 0.075  -1.755 -21.300 -2.840 7  A_U11:A37_B A 11 ? B 37 ? 20 1 
1 A C 12 1_555 B G 13 1_555 0.268  -0.143 0.314  -3.345 -10.015 -5.121 8  A_C12:G36_B A 12 ? B 36 ? 19 1 
1 A G 13 1_555 B C 12 1_555 -0.288 -0.256 0.393  1.686  -10.293 2.103  9  A_G13:C35_B A 13 ? B 35 ? 19 1 
1 A A 14 1_555 B U 11 1_555 0.469  -0.263 0.358  3.996  -13.156 1.267  10 A_A14:U34_B A 14 ? B 34 ? 20 1 
1 A C 15 1_555 B G 10 1_555 0.806  -0.283 0.005  7.849  -19.327 1.665  11 A_C15:G33_B A 15 ? B 33 ? 19 1 
1 A G 16 1_555 B C 9  1_555 -0.263 -0.224 -0.016 -6.223 -15.884 -1.393 12 A_G16:C32_B A 16 ? B 32 ? 19 1 
1 A G 19 1_555 B C 7  1_555 -0.292 -0.285 -0.048 -2.513 3.573   3.529  13 A_G19:C30_B A 19 ? B 30 ? 19 1 
1 A C 21 1_555 B G 5  1_555 0.286  -0.111 -0.056 4.073  -6.050  2.653  14 A_C21:G28_B A 21 ? B 28 ? 19 1 
1 A G 22 1_555 B C 4  1_555 -0.051 -0.141 0.237  4.757  2.443   -3.102 15 A_G22:C27_B A 22 ? B 27 ? 19 1 
1 A C 23 1_555 B G 3  1_555 0.184  -0.118 -0.495 11.258 2.677   2.655  16 A_C23:G26_B A 23 ? B 26 ? 19 1 
# 
loop_
_ndb_struct_na_base_pair_step.model_number 
_ndb_struct_na_base_pair_step.i_label_asym_id_1 
_ndb_struct_na_base_pair_step.i_label_comp_id_1 
_ndb_struct_na_base_pair_step.i_label_seq_id_1 
_ndb_struct_na_base_pair_step.i_symmetry_1 
_ndb_struct_na_base_pair_step.j_label_asym_id_1 
_ndb_struct_na_base_pair_step.j_label_comp_id_1 
_ndb_struct_na_base_pair_step.j_label_seq_id_1 
_ndb_struct_na_base_pair_step.j_symmetry_1 
_ndb_struct_na_base_pair_step.i_label_asym_id_2 
_ndb_struct_na_base_pair_step.i_label_comp_id_2 
_ndb_struct_na_base_pair_step.i_label_seq_id_2 
_ndb_struct_na_base_pair_step.i_symmetry_2 
_ndb_struct_na_base_pair_step.j_label_asym_id_2 
_ndb_struct_na_base_pair_step.j_label_comp_id_2 
_ndb_struct_na_base_pair_step.j_label_seq_id_2 
_ndb_struct_na_base_pair_step.j_symmetry_2 
_ndb_struct_na_base_pair_step.shift 
_ndb_struct_na_base_pair_step.slide 
_ndb_struct_na_base_pair_step.rise 
_ndb_struct_na_base_pair_step.tilt 
_ndb_struct_na_base_pair_step.roll 
_ndb_struct_na_base_pair_step.twist 
_ndb_struct_na_base_pair_step.x_displacement 
_ndb_struct_na_base_pair_step.y_displacement 
_ndb_struct_na_base_pair_step.helical_rise 
_ndb_struct_na_base_pair_step.inclination 
_ndb_struct_na_base_pair_step.tip 
_ndb_struct_na_base_pair_step.helical_twist 
_ndb_struct_na_base_pair_step.step_number 
_ndb_struct_na_base_pair_step.step_name 
_ndb_struct_na_base_pair_step.i_auth_asym_id_1 
_ndb_struct_na_base_pair_step.i_auth_seq_id_1 
_ndb_struct_na_base_pair_step.i_PDB_ins_code_1 
_ndb_struct_na_base_pair_step.j_auth_asym_id_1 
_ndb_struct_na_base_pair_step.j_auth_seq_id_1 
_ndb_struct_na_base_pair_step.j_PDB_ins_code_1 
_ndb_struct_na_base_pair_step.i_auth_asym_id_2 
_ndb_struct_na_base_pair_step.i_auth_seq_id_2 
_ndb_struct_na_base_pair_step.i_PDB_ins_code_2 
_ndb_struct_na_base_pair_step.j_auth_asym_id_2 
_ndb_struct_na_base_pair_step.j_auth_seq_id_2 
_ndb_struct_na_base_pair_step.j_PDB_ins_code_2 
1 A G 3  1_555 B C 23 1_555 A C 4  1_555 B G 22 1_555 -0.445 -2.107 3.243 -1.109 2.940  30.835 -4.490 0.627  3.047 5.511  2.079   
30.991 1  AA_G3C4:G45C46_BB   A 3  ? B 46 ? A 4  ? B 45 ? 
1 A C 4  1_555 B G 22 1_555 A G 5  1_555 B C 21 1_555 0.621  -1.935 3.217 0.926  4.324  29.009 -4.700 -1.037 2.922 8.568  -1.834  
29.337 2  AA_C4G5:C44G45_BB   A 4  ? B 45 ? A 5  ? B 44 ? 
1 A G 5  1_555 B C 21 1_555 A C 7  1_555 B G 19 1_555 0.374  -3.480 6.548 1.118  -1.583 66.409 -3.049 -0.252 6.625 -1.445 -1.020  
66.434 3  AA_G5C7:G42C44_BB   A 5  ? B 44 ? A 7  ? B 42 ? 
1 A C 9  1_555 B G 16 1_555 A G 10 1_555 B C 15 1_555 0.105  -1.740 3.195 -0.195 13.794 29.767 -5.146 -0.215 2.195 25.216 0.357   
32.742 4  AA_C9G10:C38G39_BB  A 9  ? B 39 ? A 10 ? B 38 ? 
1 A G 10 1_555 B C 15 1_555 A U 11 1_555 B A 14 1_555 -0.418 -1.240 3.138 -1.385 4.034  36.703 -2.469 0.484  3.003 6.380  2.190   
36.941 5  AA_G10U11:A37C38_BB A 10 ? B 38 ? A 11 ? B 37 ? 
1 A U 11 1_555 B A 14 1_555 A C 12 1_555 B G 13 1_555 -0.025 -1.125 3.340 -3.130 5.284  35.476 -2.570 -0.404 3.137 8.592  5.090   
35.987 6  AA_U11C12:G36A37_BB A 11 ? B 37 ? A 12 ? B 36 ? 
1 A C 12 1_555 B G 13 1_555 A G 13 1_555 B C 12 1_555 0.268  -1.840 2.802 -0.080 9.893  27.856 -5.215 -0.540 2.042 19.777 0.160   
29.528 7  AA_C12G13:C35G36_BB A 12 ? B 36 ? A 13 ? B 35 ? 
1 A G 13 1_555 B C 12 1_555 A A 14 1_555 B U 11 1_555 -0.107 -1.229 3.089 1.010  3.308  36.914 -2.344 0.294  2.968 5.209  -1.590  
37.070 8  AA_G13A14:U34C35_BB A 13 ? B 35 ? A 14 ? B 34 ? 
1 A A 14 1_555 B U 11 1_555 A C 15 1_555 B G 10 1_555 0.276  -1.306 3.045 4.432  6.276  34.201 -3.020 0.143  2.782 10.507 -7.420  
35.028 9  AA_A14C15:G33U34_BB A 14 ? B 34 ? A 15 ? B 33 ? 
1 A C 15 1_555 B G 10 1_555 A G 16 1_555 B C 9  1_555 -0.283 -1.840 3.410 0.058  14.608 28.506 -5.760 0.524  2.225 27.501 -0.109  
31.962 10 AA_C15G16:C32G33_BB A 15 ? B 33 ? A 16 ? B 32 ? 
1 A G 19 1_555 B C 7  1_555 A C 21 1_555 B G 5  1_555 -0.307 -3.399 6.450 -0.233 -0.987 63.944 -3.125 0.270  6.498 -0.932 0.220   
63.951 11 AA_G19C21:G28C30_BB A 19 ? B 30 ? A 21 ? B 28 ? 
1 A C 21 1_555 B G 5  1_555 A G 22 1_555 B C 4  1_555 -1.255 -2.367 3.279 -3.277 -0.590 24.869 -5.269 1.887  3.467 -1.363 7.565   
25.087 12 AA_C21G22:C27G28_BB A 21 ? B 28 ? A 22 ? B 27 ? 
1 A G 22 1_555 B C 4  1_555 A C 23 1_555 B G 3  1_555 0.848  -1.850 3.144 6.531  5.124  31.750 -4.109 -0.441 2.930 9.171  -11.689 
32.790 13 AA_G22C23:G26C27_BB A 22 ? B 27 ? A 23 ? B 26 ? 
# 
_pdbx_audit_support.funding_organization   'Ministry of Education, Culture, Sports, Science and Technology (Japan)' 
_pdbx_audit_support.country                Japan 
_pdbx_audit_support.grant_number           24245037 
_pdbx_audit_support.ordinal                1 
# 
loop_
_pdbx_entity_instance_feature.ordinal 
_pdbx_entity_instance_feature.comp_id 
_pdbx_entity_instance_feature.asym_id 
_pdbx_entity_instance_feature.seq_num 
_pdbx_entity_instance_feature.auth_comp_id 
_pdbx_entity_instance_feature.auth_asym_id 
_pdbx_entity_instance_feature.auth_seq_num 
_pdbx_entity_instance_feature.feature_type 
_pdbx_entity_instance_feature.details 
1 GET ? ? GET ? ? 'SUBJECT OF INVESTIGATION' ? 
2 HG  ? ? HG  ? ? 'SUBJECT OF INVESTIGATION' ? 
# 
loop_
_pdbx_entity_nonpoly.entity_id 
_pdbx_entity_nonpoly.name 
_pdbx_entity_nonpoly.comp_id 
2 'MERCURY (II) ION' HG  
3 GENETICIN          GET 
4 water              HOH 
# 
_pdbx_initial_refinement_model.id               1 
_pdbx_initial_refinement_model.entity_id_list   ? 
_pdbx_initial_refinement_model.type             'experimental model' 
_pdbx_initial_refinement_model.source_name      PDB 
_pdbx_initial_refinement_model.accession_code   4K32 
_pdbx_initial_refinement_model.details          ? 
# 
_pdbx_struct_assembly_auth_evidence.id                     1 
_pdbx_struct_assembly_auth_evidence.assembly_id            1 
_pdbx_struct_assembly_auth_evidence.experimental_support   none 
_pdbx_struct_assembly_auth_evidence.details                ? 
# 
